data_3LEI
# 
_entry.id   3LEI 
# 
_audit_conform.dict_name       mmcif_pdbx.dic 
_audit_conform.dict_version    5.378 
_audit_conform.dict_location   http://mmcif.pdb.org/dictionaries/ascii/mmcif_pdbx.dic 
# 
loop_
_database_2.database_id 
_database_2.database_code 
_database_2.pdbx_database_accession 
_database_2.pdbx_DOI 
PDB   3LEI         pdb_00003lei 10.2210/pdb3lei/pdb 
RCSB  RCSB057178   ?            ?                   
WWPDB D_1000057178 ?            ?                   
# 
loop_
_pdbx_database_related.db_name 
_pdbx_database_related.db_id 
_pdbx_database_related.details 
_pdbx_database_related.content_type 
PDB 3LEO 'The same protein complexed with glycerol'        unspecified 
PDB 3LEG 'The same protein complexed with Lewis Y antigen' unspecified 
PDB 3LEK 'The same protein complexed with Lewis B Antigen' unspecified 
# 
_pdbx_database_status.entry_id                        3LEI 
_pdbx_database_status.status_code                     REL 
_pdbx_database_status.deposit_site                    RCSB 
_pdbx_database_status.process_site                    RCSB 
_pdbx_database_status.recvd_initial_deposition_date   2010-01-14 
_pdbx_database_status.status_code_sf                  REL 
_pdbx_database_status.status_code_mr                  ? 
_pdbx_database_status.SG_entry                        ? 
_pdbx_database_status.status_code_cs                  ? 
_pdbx_database_status.pdb_format_compatible           Y 
_pdbx_database_status.status_code_nmr_data            ? 
_pdbx_database_status.methods_development_category    ? 
# 
_audit_author.name           'Feil, S.C.' 
_audit_author.pdbx_ordinal   1 
# 
_citation.id                        primary 
_citation.title                     
;Structure of the lectin regulatory domain of the cholesterol-dependent cytolysin lectinolysin reveals the basis for its lewis antigen specificity.
;
_citation.journal_abbrev            Structure 
_citation.journal_volume            20 
_citation.page_first                248 
_citation.page_last                 258 
_citation.year                      2012 
_citation.journal_id_ASTM           STRUE6 
_citation.country                   UK 
_citation.journal_id_ISSN           0969-2126 
_citation.journal_id_CSD            2005 
_citation.book_publisher            ? 
_citation.pdbx_database_id_PubMed   22325774 
_citation.pdbx_database_id_DOI      10.1016/j.str.2011.11.017 
# 
loop_
_citation_author.citation_id 
_citation_author.name 
_citation_author.ordinal 
_citation_author.identifier_ORCID 
primary 'Feil, S.C.'    1 ? 
primary 'Lawrence, S.'  2 ? 
primary 'Mulhern, T.D.' 3 ? 
primary 'Holien, J.K.'  4 ? 
primary 'Hotze, E.M.'   5 ? 
primary 'Farrand, S.'   6 ? 
primary 'Tweten, R.K.'  7 ? 
primary 'Parker, M.W.'  8 ? 
# 
_cell.entry_id           3LEI 
_cell.length_a           67.010 
_cell.length_b           67.010 
_cell.length_c           97.800 
_cell.angle_alpha        90.00 
_cell.angle_beta         90.00 
_cell.angle_gamma        90.00 
_cell.Z_PDB              8 
_cell.pdbx_unique_axis   ? 
_cell.length_a_esd       ? 
_cell.length_b_esd       ? 
_cell.length_c_esd       ? 
_cell.angle_alpha_esd    ? 
_cell.angle_beta_esd     ? 
_cell.angle_gamma_esd    ? 
# 
_symmetry.entry_id                         3LEI 
_symmetry.space_group_name_H-M             'P 43 21 2' 
_symmetry.pdbx_full_space_group_name_H-M   ? 
_symmetry.cell_setting                     ? 
_symmetry.Int_Tables_number                96 
_symmetry.space_group_name_Hall            ? 
# 
loop_
_entity.id 
_entity.type 
_entity.src_method 
_entity.pdbx_description 
_entity.formula_weight 
_entity.pdbx_number_of_molecules 
_entity.pdbx_ec 
_entity.pdbx_mutation 
_entity.pdbx_fragment 
_entity.details 
1 polymer     man 'Platelet aggregation factor Sm-hPAF' 16867.479 1   ? Q190C 
'Mutant of the lectin domain of lectinolysin, residues 43 to 185' ? 
2 non-polymer man alpha-L-fucopyranose                  164.156   1   ? ?     ? ? 
3 non-polymer syn 'CALCIUM ION'                         40.078    1   ? ?     ? ? 
4 non-polymer syn 'NICKEL (II) ION'                     58.693    1   ? ?     ? ? 
5 water       nat water                                 18.015    144 ? ?     ? ? 
# 
_entity_poly.entity_id                      1 
_entity_poly.type                           'polypeptide(L)' 
_entity_poly.nstd_linkage                   no 
_entity_poly.nstd_monomer                   no 
_entity_poly.pdbx_seq_one_letter_code       
;EQGNRPVETENIARGKQASQSSTAYGGAATRAVDGNVDSDYGHHSVTHTNFEDNAWWQVDLGKTENVGKVKLYNRGDGNV
ANRLSNFDVVLLNEAKQEVARQHFDSLNGKAELEVFFTAKDARYVKVELKTKNTPLSLAEVEVFRSATTQVGC
;
_entity_poly.pdbx_seq_one_letter_code_can   
;EQGNRPVETENIARGKQASQSSTAYGGAATRAVDGNVDSDYGHHSVTHTNFEDNAWWQVDLGKTENVGKVKLYNRGDGNV
ANRLSNFDVVLLNEAKQEVARQHFDSLNGKAELEVFFTAKDARYVKVELKTKNTPLSLAEVEVFRSATTQVGC
;
_entity_poly.pdbx_strand_id                 A 
_entity_poly.pdbx_target_identifier         ? 
# 
loop_
_entity_poly_seq.entity_id 
_entity_poly_seq.num 
_entity_poly_seq.mon_id 
_entity_poly_seq.hetero 
1 1   GLU n 
1 2   GLN n 
1 3   GLY n 
1 4   ASN n 
1 5   ARG n 
1 6   PRO n 
1 7   VAL n 
1 8   GLU n 
1 9   THR n 
1 10  GLU n 
1 11  ASN n 
1 12  ILE n 
1 13  ALA n 
1 14  ARG n 
1 15  GLY n 
1 16  LYS n 
1 17  GLN n 
1 18  ALA n 
1 19  SER n 
1 20  GLN n 
1 21  SER n 
1 22  SER n 
1 23  THR n 
1 24  ALA n 
1 25  TYR n 
1 26  GLY n 
1 27  GLY n 
1 28  ALA n 
1 29  ALA n 
1 30  THR n 
1 31  ARG n 
1 32  ALA n 
1 33  VAL n 
1 34  ASP n 
1 35  GLY n 
1 36  ASN n 
1 37  VAL n 
1 38  ASP n 
1 39  SER n 
1 40  ASP n 
1 41  TYR n 
1 42  GLY n 
1 43  HIS n 
1 44  HIS n 
1 45  SER n 
1 46  VAL n 
1 47  THR n 
1 48  HIS n 
1 49  THR n 
1 50  ASN n 
1 51  PHE n 
1 52  GLU n 
1 53  ASP n 
1 54  ASN n 
1 55  ALA n 
1 56  TRP n 
1 57  TRP n 
1 58  GLN n 
1 59  VAL n 
1 60  ASP n 
1 61  LEU n 
1 62  GLY n 
1 63  LYS n 
1 64  THR n 
1 65  GLU n 
1 66  ASN n 
1 67  VAL n 
1 68  GLY n 
1 69  LYS n 
1 70  VAL n 
1 71  LYS n 
1 72  LEU n 
1 73  TYR n 
1 74  ASN n 
1 75  ARG n 
1 76  GLY n 
1 77  ASP n 
1 78  GLY n 
1 79  ASN n 
1 80  VAL n 
1 81  ALA n 
1 82  ASN n 
1 83  ARG n 
1 84  LEU n 
1 85  SER n 
1 86  ASN n 
1 87  PHE n 
1 88  ASP n 
1 89  VAL n 
1 90  VAL n 
1 91  LEU n 
1 92  LEU n 
1 93  ASN n 
1 94  GLU n 
1 95  ALA n 
1 96  LYS n 
1 97  GLN n 
1 98  GLU n 
1 99  VAL n 
1 100 ALA n 
1 101 ARG n 
1 102 GLN n 
1 103 HIS n 
1 104 PHE n 
1 105 ASP n 
1 106 SER n 
1 107 LEU n 
1 108 ASN n 
1 109 GLY n 
1 110 LYS n 
1 111 ALA n 
1 112 GLU n 
1 113 LEU n 
1 114 GLU n 
1 115 VAL n 
1 116 PHE n 
1 117 PHE n 
1 118 THR n 
1 119 ALA n 
1 120 LYS n 
1 121 ASP n 
1 122 ALA n 
1 123 ARG n 
1 124 TYR n 
1 125 VAL n 
1 126 LYS n 
1 127 VAL n 
1 128 GLU n 
1 129 LEU n 
1 130 LYS n 
1 131 THR n 
1 132 LYS n 
1 133 ASN n 
1 134 THR n 
1 135 PRO n 
1 136 LEU n 
1 137 SER n 
1 138 LEU n 
1 139 ALA n 
1 140 GLU n 
1 141 VAL n 
1 142 GLU n 
1 143 VAL n 
1 144 PHE n 
1 145 ARG n 
1 146 SER n 
1 147 ALA n 
1 148 THR n 
1 149 THR n 
1 150 GLN n 
1 151 VAL n 
1 152 GLY n 
1 153 CYS n 
# 
_entity_src_gen.entity_id                          1 
_entity_src_gen.pdbx_src_id                        1 
_entity_src_gen.pdbx_alt_source_flag               sample 
_entity_src_gen.pdbx_seq_type                      ? 
_entity_src_gen.pdbx_beg_seq_num                   ? 
_entity_src_gen.pdbx_end_seq_num                   ? 
_entity_src_gen.gene_src_common_name               ? 
_entity_src_gen.gene_src_genus                     ? 
_entity_src_gen.pdbx_gene_src_gene                 samhpaf 
_entity_src_gen.gene_src_species                   ? 
_entity_src_gen.gene_src_strain                    Nm-65 
_entity_src_gen.gene_src_tissue                    ? 
_entity_src_gen.gene_src_tissue_fraction           ? 
_entity_src_gen.gene_src_details                   ? 
_entity_src_gen.pdbx_gene_src_fragment             ? 
_entity_src_gen.pdbx_gene_src_scientific_name      'Streptococcus mitis' 
_entity_src_gen.pdbx_gene_src_ncbi_taxonomy_id     28037 
_entity_src_gen.pdbx_gene_src_variant              ? 
_entity_src_gen.pdbx_gene_src_cell_line            ? 
_entity_src_gen.pdbx_gene_src_atcc                 ? 
_entity_src_gen.pdbx_gene_src_organ                ? 
_entity_src_gen.pdbx_gene_src_organelle            ? 
_entity_src_gen.pdbx_gene_src_cell                 ? 
_entity_src_gen.pdbx_gene_src_cellular_location    ? 
_entity_src_gen.host_org_common_name               ? 
_entity_src_gen.pdbx_host_org_scientific_name      'Escherichia coli' 
_entity_src_gen.pdbx_host_org_ncbi_taxonomy_id     562 
_entity_src_gen.host_org_genus                     ? 
_entity_src_gen.pdbx_host_org_gene                 ? 
_entity_src_gen.pdbx_host_org_organ                ? 
_entity_src_gen.host_org_species                   ? 
_entity_src_gen.pdbx_host_org_tissue               ? 
_entity_src_gen.pdbx_host_org_tissue_fraction      ? 
_entity_src_gen.pdbx_host_org_strain               'BL21(DE3)' 
_entity_src_gen.pdbx_host_org_variant              ? 
_entity_src_gen.pdbx_host_org_cell_line            ? 
_entity_src_gen.pdbx_host_org_atcc                 ? 
_entity_src_gen.pdbx_host_org_culture_collection   ? 
_entity_src_gen.pdbx_host_org_cell                 ? 
_entity_src_gen.pdbx_host_org_organelle            ? 
_entity_src_gen.pdbx_host_org_cellular_location    ? 
_entity_src_gen.pdbx_host_org_vector_type          plasmid 
_entity_src_gen.pdbx_host_org_vector               ? 
_entity_src_gen.host_org_details                   ? 
_entity_src_gen.expression_system_id               ? 
_entity_src_gen.plasmid_name                       pMCSg7 
_entity_src_gen.plasmid_details                    ? 
_entity_src_gen.pdbx_description                   ? 
# 
_struct_ref.id                         1 
_struct_ref.db_name                    UNP 
_struct_ref.db_code                    Q2PHL4_STRMT 
_struct_ref.pdbx_db_accession          Q2PHL4 
_struct_ref.entity_id                  1 
_struct_ref.pdbx_seq_one_letter_code   
;EQGNRPVETENIARGKQASQSSTAYGGAAARAVDGNVDSDYGHHSVTHTNFEDNAWWQVDLGKTENVGKVKLYNRGDGNV
ANRLSNFDVVLLNEAKQEVARQHFDSLNGKAELEVFFTAKAARYVKVELKTKNTPLSLAEVEVFRSATTQVGQ
;
_struct_ref.pdbx_align_begin           38 
_struct_ref.pdbx_db_isoform            ? 
# 
_struct_ref_seq.align_id                      1 
_struct_ref_seq.ref_id                        1 
_struct_ref_seq.pdbx_PDB_id_code              3LEI 
_struct_ref_seq.pdbx_strand_id                A 
_struct_ref_seq.seq_align_beg                 1 
_struct_ref_seq.pdbx_seq_align_beg_ins_code   ? 
_struct_ref_seq.seq_align_end                 153 
_struct_ref_seq.pdbx_seq_align_end_ins_code   ? 
_struct_ref_seq.pdbx_db_accession             Q2PHL4 
_struct_ref_seq.db_align_beg                  38 
_struct_ref_seq.pdbx_db_align_beg_ins_code    ? 
_struct_ref_seq.db_align_end                  190 
_struct_ref_seq.pdbx_db_align_end_ins_code    ? 
_struct_ref_seq.pdbx_auth_seq_align_beg       37 
_struct_ref_seq.pdbx_auth_seq_align_end       190 
# 
loop_
_struct_ref_seq_dif.align_id 
_struct_ref_seq_dif.pdbx_pdb_id_code 
_struct_ref_seq_dif.mon_id 
_struct_ref_seq_dif.pdbx_pdb_strand_id 
_struct_ref_seq_dif.seq_num 
_struct_ref_seq_dif.pdbx_pdb_ins_code 
_struct_ref_seq_dif.pdbx_seq_db_name 
_struct_ref_seq_dif.pdbx_seq_db_accession_code 
_struct_ref_seq_dif.db_mon_id 
_struct_ref_seq_dif.pdbx_seq_db_seq_num 
_struct_ref_seq_dif.details 
_struct_ref_seq_dif.pdbx_auth_seq_num 
_struct_ref_seq_dif.pdbx_ordinal 
1 3LEI THR A 30  ? UNP Q2PHL4 ALA 67  'SEE REMARK 999'      67  1 
1 3LEI ASP A 121 ? UNP Q2PHL4 ALA 158 'SEE REMARK 999'      158 2 
1 3LEI CYS A 153 ? UNP Q2PHL4 GLN 190 'engineered mutation' 190 3 
# 
loop_
_chem_comp.id 
_chem_comp.type 
_chem_comp.mon_nstd_flag 
_chem_comp.name 
_chem_comp.pdbx_synonyms 
_chem_comp.formula 
_chem_comp.formula_weight 
ALA 'L-peptide linking'           y ALANINE              ?                                                                   
'C3 H7 N O2'     89.093  
ARG 'L-peptide linking'           y ARGININE             ?                                                                   
'C6 H15 N4 O2 1' 175.209 
ASN 'L-peptide linking'           y ASPARAGINE           ?                                                                   
'C4 H8 N2 O3'    132.118 
ASP 'L-peptide linking'           y 'ASPARTIC ACID'      ?                                                                   
'C4 H7 N O4'     133.103 
CA  non-polymer                   . 'CALCIUM ION'        ?                                                                   
'Ca 2'           40.078  
CYS 'L-peptide linking'           y CYSTEINE             ?                                                                   
'C3 H7 N O2 S'   121.158 
FUC 'L-saccharide, alpha linking' . alpha-L-fucopyranose 'alpha-L-fucose; 6-deoxy-alpha-L-galactopyranose; L-fucose; fucose' 
'C6 H12 O5'      164.156 
GLN 'L-peptide linking'           y GLUTAMINE            ?                                                                   
'C5 H10 N2 O3'   146.144 
GLU 'L-peptide linking'           y 'GLUTAMIC ACID'      ?                                                                   
'C5 H9 N O4'     147.129 
GLY 'peptide linking'             y GLYCINE              ?                                                                   
'C2 H5 N O2'     75.067  
HIS 'L-peptide linking'           y HISTIDINE            ?                                                                   
'C6 H10 N3 O2 1' 156.162 
HOH non-polymer                   . WATER                ?                                                                   
'H2 O'           18.015  
ILE 'L-peptide linking'           y ISOLEUCINE           ?                                                                   
'C6 H13 N O2'    131.173 
LEU 'L-peptide linking'           y LEUCINE              ?                                                                   
'C6 H13 N O2'    131.173 
LYS 'L-peptide linking'           y LYSINE               ?                                                                   
'C6 H15 N2 O2 1' 147.195 
NI  non-polymer                   . 'NICKEL (II) ION'    ?                                                                   
'Ni 2'           58.693  
PHE 'L-peptide linking'           y PHENYLALANINE        ?                                                                   
'C9 H11 N O2'    165.189 
PRO 'L-peptide linking'           y PROLINE              ?                                                                   
'C5 H9 N O2'     115.130 
SER 'L-peptide linking'           y SERINE               ?                                                                   
'C3 H7 N O3'     105.093 
THR 'L-peptide linking'           y THREONINE            ?                                                                   
'C4 H9 N O3'     119.119 
TRP 'L-peptide linking'           y TRYPTOPHAN           ?                                                                   
'C11 H12 N2 O2'  204.225 
TYR 'L-peptide linking'           y TYROSINE             ?                                                                   
'C9 H11 N O3'    181.189 
VAL 'L-peptide linking'           y VALINE               ?                                                                   
'C5 H11 N O2'    117.146 
# 
_exptl.entry_id          3LEI 
_exptl.method            'X-RAY DIFFRACTION' 
_exptl.crystals_number   1 
# 
_exptl_crystal.id                    1 
_exptl_crystal.density_meas          ? 
_exptl_crystal.density_Matthews      3.24 
_exptl_crystal.density_percent_sol   61.99 
_exptl_crystal.description           ? 
_exptl_crystal.F_000                 ? 
_exptl_crystal.preparation           ? 
# 
_exptl_crystal_grow.crystal_id      1 
_exptl_crystal_grow.method          'VAPOR DIFFUSION, HANGING DROP' 
_exptl_crystal_grow.temp            294 
_exptl_crystal_grow.temp_details    ? 
_exptl_crystal_grow.pH              8.5 
_exptl_crystal_grow.pdbx_pH_range   ? 
_exptl_crystal_grow.pdbx_details    '2M MgSO4, 100mM Tris, pH 8.5, vapor diffusion, hanging drop, temperature 294K' 
# 
_diffrn.id                     1 
_diffrn.ambient_temp           100 
_diffrn.ambient_temp_details   ? 
_diffrn.crystal_id             1 
# 
_diffrn_detector.diffrn_id              1 
_diffrn_detector.detector               'IMAGE PLATE' 
_diffrn_detector.type                   'RIGAKU RAXIS IV' 
_diffrn_detector.pdbx_collection_date   2008-04-08 
_diffrn_detector.details                mirrors 
# 
_diffrn_radiation.diffrn_id                        1 
_diffrn_radiation.wavelength_id                    1 
_diffrn_radiation.pdbx_monochromatic_or_laue_m_l   M 
_diffrn_radiation.monochromator                    ? 
_diffrn_radiation.pdbx_diffrn_protocol             'SINGLE WAVELENGTH' 
_diffrn_radiation.pdbx_scattering_type             x-ray 
# 
_diffrn_radiation_wavelength.id           1 
_diffrn_radiation_wavelength.wavelength   1.54 
_diffrn_radiation_wavelength.wt           1.0 
# 
_diffrn_source.diffrn_id                   1 
_diffrn_source.source                      'ROTATING ANODE' 
_diffrn_source.type                        'RIGAKU MICROMAX-007 HF' 
_diffrn_source.pdbx_synchrotron_site       ? 
_diffrn_source.pdbx_synchrotron_beamline   ? 
_diffrn_source.pdbx_wavelength             ? 
_diffrn_source.pdbx_wavelength_list        1.54 
# 
_reflns.entry_id                     3LEI 
_reflns.observed_criterion_sigma_I   ? 
_reflns.observed_criterion_sigma_F   ? 
_reflns.d_resolution_low             42.64 
_reflns.d_resolution_high            1.900 
_reflns.number_obs                   18008 
_reflns.number_all                   ? 
_reflns.percent_possible_obs         98.600 
_reflns.pdbx_Rmerge_I_obs            0.124 
_reflns.pdbx_Rsym_value              ? 
_reflns.pdbx_netI_over_sigmaI        9.600 
_reflns.B_iso_Wilson_estimate        ? 
_reflns.pdbx_redundancy              8.610 
_reflns.R_free_details               ? 
_reflns.limit_h_max                  ? 
_reflns.limit_h_min                  ? 
_reflns.limit_k_max                  ? 
_reflns.limit_k_min                  ? 
_reflns.limit_l_max                  ? 
_reflns.limit_l_min                  ? 
_reflns.observed_criterion_F_max     ? 
_reflns.observed_criterion_F_min     ? 
_reflns.pdbx_chi_squared             ? 
_reflns.pdbx_scaling_rejects         ? 
_reflns.pdbx_ordinal                 1 
_reflns.pdbx_diffrn_id               1 
# 
loop_
_reflns_shell.d_res_high 
_reflns_shell.d_res_low 
_reflns_shell.percent_possible_all 
_reflns_shell.Rmerge_I_obs 
_reflns_shell.pdbx_Rsym_value 
_reflns_shell.meanI_over_sigI_obs 
_reflns_shell.pdbx_redundancy 
_reflns_shell.percent_possible_obs 
_reflns_shell.number_unique_all 
_reflns_shell.number_measured_all 
_reflns_shell.number_measured_obs 
_reflns_shell.number_unique_obs 
_reflns_shell.pdbx_chi_squared 
_reflns_shell.pdbx_ordinal 
_reflns_shell.pdbx_diffrn_id 
1.90 1.97  87.70  0.429 ? 4.0  5.78 ? ? ? ? ? ? 1  1 
1.97 2.05  99.00  0.368 ? 4.4  7.87 ? ? ? ? ? ? 2  1 
2.05 2.14  100.00 0.342 ? 5.2  9.08 ? ? ? ? ? ? 3  1 
2.14 2.25  99.90  0.348 ? 5.5  8.95 ? ? ? ? ? ? 4  1 
2.25 2.39  100.00 0.279 ? 7.0  8.92 ? ? ? ? ? ? 5  1 
2.39 2.58  100.00 0.230 ? 6.9  9.17 ? ? ? ? ? ? 6  1 
2.58 2.84  100.00 0.173 ? 8.6  9.24 ? ? ? ? ? ? 7  1 
2.84 3.25  99.90  0.112 ? 12.2 9.16 ? ? ? ? ? ? 8  1 
3.25 4.09  99.90  0.088 ? 15.9 8.95 ? ? ? ? ? ? 9  1 
4.09 55.28 99.50  0.062 ? 21.9 8.55 ? ? ? ? ? ? 10 1 
# 
_refine.pdbx_refine_id                           'X-RAY DIFFRACTION' 
_refine.entry_id                                 3LEI 
_refine.ls_number_reflns_obs                     17085 
_refine.ls_number_reflns_all                     ? 
_refine.pdbx_ls_sigma_I                          ? 
_refine.pdbx_ls_sigma_F                          . 
_refine.pdbx_data_cutoff_high_absF               ? 
_refine.pdbx_data_cutoff_low_absF                ? 
_refine.pdbx_data_cutoff_high_rms_absF           ? 
_refine.ls_d_res_low                             42.64 
_refine.ls_d_res_high                            1.90 
_refine.ls_percent_reflns_obs                    98.62 
_refine.ls_R_factor_obs                          0.20183 
_refine.ls_R_factor_all                          ? 
_refine.ls_R_factor_R_work                       0.19947 
_refine.ls_R_factor_R_free                       0.24690 
_refine.ls_R_factor_R_free_error                 ? 
_refine.ls_R_factor_R_free_error_details         ? 
_refine.ls_percent_reflns_R_free                 5.1 
_refine.ls_number_reflns_R_free                  919 
_refine.ls_number_parameters                     ? 
_refine.ls_number_restraints                     ? 
_refine.occupancy_min                            0.35 
_refine.occupancy_max                            1.00 
_refine.correlation_coeff_Fo_to_Fc               0.941 
_refine.correlation_coeff_Fo_to_Fc_free          0.916 
_refine.B_iso_mean                               23.803 
_refine.aniso_B[1][1]                            -0.11 
_refine.aniso_B[2][2]                            -0.11 
_refine.aniso_B[3][3]                            0.22 
_refine.aniso_B[1][2]                            0.00 
_refine.aniso_B[1][3]                            0.00 
_refine.aniso_B[2][3]                            0.00 
_refine.solvent_model_details                    MASK 
_refine.solvent_model_param_ksol                 ? 
_refine.solvent_model_param_bsol                 ? 
_refine.pdbx_solvent_vdw_probe_radii             1.40 
_refine.pdbx_solvent_ion_probe_radii             0.80 
_refine.pdbx_solvent_shrinkage_radii             0.80 
_refine.pdbx_ls_cross_valid_method               THROUGHOUT 
_refine.details                                  'HYDROGENS HAVE BEEN ADDED IN THE RIDING POSITIONS' 
_refine.pdbx_starting_model                      3LEO 
_refine.pdbx_method_to_determine_struct          'MOLECULAR REPLACEMENT' 
_refine.pdbx_isotropic_thermal_model             ? 
_refine.pdbx_stereochemistry_target_values       'MAXIMUM LIKELIHOOD' 
_refine.pdbx_stereochem_target_val_spec_case     ? 
_refine.pdbx_R_Free_selection_details            RANDOM 
_refine.pdbx_overall_ESU_R                       0.126 
_refine.pdbx_overall_ESU_R_Free                  0.131 
_refine.overall_SU_ML                            0.090 
_refine.pdbx_overall_phase_error                 ? 
_refine.overall_SU_B                             3.073 
_refine.overall_SU_R_Cruickshank_DPI             0.126 
_refine.pdbx_overall_SU_R_free_Cruickshank_DPI   ? 
_refine.pdbx_overall_SU_R_Blow_DPI               ? 
_refine.pdbx_overall_SU_R_free_Blow_DPI          ? 
_refine.ls_redundancy_reflns_obs                 ? 
_refine.B_iso_min                                ? 
_refine.B_iso_max                                ? 
_refine.overall_SU_R_free                        ? 
_refine.ls_wR_factor_R_free                      ? 
_refine.ls_wR_factor_R_work                      ? 
_refine.overall_FOM_free_R_set                   ? 
_refine.overall_FOM_work_R_set                   ? 
_refine.pdbx_diffrn_id                           1 
_refine.pdbx_TLS_residual_ADP_flag               ? 
# 
_refine_hist.pdbx_refine_id                   'X-RAY DIFFRACTION' 
_refine_hist.cycle_id                         LAST 
_refine_hist.pdbx_number_atoms_protein        1114 
_refine_hist.pdbx_number_atoms_nucleic_acid   0 
_refine_hist.pdbx_number_atoms_ligand         13 
_refine_hist.number_atoms_solvent             144 
_refine_hist.number_atoms_total               1271 
_refine_hist.d_res_high                       1.90 
_refine_hist.d_res_low                        42.64 
# 
loop_
_refine_ls_restr.type 
_refine_ls_restr.dev_ideal 
_refine_ls_restr.dev_ideal_target 
_refine_ls_restr.weight 
_refine_ls_restr.number 
_refine_ls_restr.pdbx_refine_id 
_refine_ls_restr.pdbx_restraint_function 
r_bond_refined_d             0.017  0.021  ? 1144 'X-RAY DIFFRACTION' ? 
r_bond_other_d               ?      ?      ? ?    'X-RAY DIFFRACTION' ? 
r_angle_refined_deg          1.448  1.928  ? 1549 'X-RAY DIFFRACTION' ? 
r_angle_other_deg            ?      ?      ? ?    'X-RAY DIFFRACTION' ? 
r_dihedral_angle_1_deg       6.892  5.000  ? 142  'X-RAY DIFFRACTION' ? 
r_dihedral_angle_2_deg       35.005 25.000 ? 60   'X-RAY DIFFRACTION' ? 
r_dihedral_angle_3_deg       15.560 15.000 ? 187  'X-RAY DIFFRACTION' ? 
r_dihedral_angle_4_deg       15.016 15.000 ? 7    'X-RAY DIFFRACTION' ? 
r_chiral_restr               0.125  0.200  ? 175  'X-RAY DIFFRACTION' ? 
r_gen_planes_refined         0.007  0.020  ? 873  'X-RAY DIFFRACTION' ? 
r_gen_planes_other           ?      ?      ? ?    'X-RAY DIFFRACTION' ? 
r_nbd_refined                ?      ?      ? ?    'X-RAY DIFFRACTION' ? 
r_nbd_other                  ?      ?      ? ?    'X-RAY DIFFRACTION' ? 
r_nbtor_refined              ?      ?      ? ?    'X-RAY DIFFRACTION' ? 
r_nbtor_other                ?      ?      ? ?    'X-RAY DIFFRACTION' ? 
r_xyhbond_nbd_refined        ?      ?      ? ?    'X-RAY DIFFRACTION' ? 
r_xyhbond_nbd_other          ?      ?      ? ?    'X-RAY DIFFRACTION' ? 
r_metal_ion_refined          ?      ?      ? ?    'X-RAY DIFFRACTION' ? 
r_metal_ion_other            ?      ?      ? ?    'X-RAY DIFFRACTION' ? 
r_symmetry_vdw_refined       ?      ?      ? ?    'X-RAY DIFFRACTION' ? 
r_symmetry_vdw_other         ?      ?      ? ?    'X-RAY DIFFRACTION' ? 
r_symmetry_hbond_refined     ?      ?      ? ?    'X-RAY DIFFRACTION' ? 
r_symmetry_hbond_other       ?      ?      ? ?    'X-RAY DIFFRACTION' ? 
r_symmetry_metal_ion_refined ?      ?      ? ?    'X-RAY DIFFRACTION' ? 
r_symmetry_metal_ion_other   ?      ?      ? ?    'X-RAY DIFFRACTION' ? 
r_mcbond_it                  0.916  1.500  ? 706  'X-RAY DIFFRACTION' ? 
r_mcbond_other               ?      ?      ? ?    'X-RAY DIFFRACTION' ? 
r_mcangle_it                 1.598  2.000  ? 1128 'X-RAY DIFFRACTION' ? 
r_scbond_it                  2.561  3.000  ? 438  'X-RAY DIFFRACTION' ? 
r_scangle_it                 3.982  4.500  ? 421  'X-RAY DIFFRACTION' ? 
r_rigid_bond_restr           ?      ?      ? ?    'X-RAY DIFFRACTION' ? 
r_sphericity_free            ?      ?      ? ?    'X-RAY DIFFRACTION' ? 
r_sphericity_bonded          ?      ?      ? ?    'X-RAY DIFFRACTION' ? 
# 
_refine_ls_shell.pdbx_refine_id                   'X-RAY DIFFRACTION' 
_refine_ls_shell.pdbx_total_number_of_bins_used   20 
_refine_ls_shell.d_res_high                       1.900 
_refine_ls_shell.d_res_low                        1.949 
_refine_ls_shell.number_reflns_R_work             1087 
_refine_ls_shell.R_factor_R_work                  0.295 
_refine_ls_shell.percent_reflns_obs               86.55 
_refine_ls_shell.R_factor_R_free                  0.311 
_refine_ls_shell.R_factor_R_free_error            ? 
_refine_ls_shell.percent_reflns_R_free            ? 
_refine_ls_shell.number_reflns_R_free             58 
_refine_ls_shell.number_reflns_all                ? 
_refine_ls_shell.R_factor_all                     ? 
_refine_ls_shell.redundancy_reflns_obs            ? 
_refine_ls_shell.number_reflns_obs                ? 
# 
_struct.entry_id                  3LEI 
_struct.title                     'Lectin Domain of Lectinolysin complexed with Fucose' 
_struct.pdbx_model_details        ? 
_struct.pdbx_CASP_flag            ? 
_struct.pdbx_model_type_details   ? 
# 
_struct_keywords.entry_id        3LEI 
_struct_keywords.text            'lectin domain of lectinolysin, fucose, BLOOD CLOTTING, nickel' 
_struct_keywords.pdbx_keywords   'BLOOD CLOTTING' 
# 
loop_
_struct_asym.id 
_struct_asym.pdbx_blank_PDB_chainid_flag 
_struct_asym.pdbx_modified 
_struct_asym.entity_id 
_struct_asym.details 
A N N 1 ? 
B N N 2 ? 
C N N 3 ? 
D N N 4 ? 
E N N 5 ? 
# 
_struct_biol.id        1 
_struct_biol.details   'biological unit is the same as asym.' 
# 
loop_
_struct_conf.conf_type_id 
_struct_conf.id 
_struct_conf.pdbx_PDB_helix_id 
_struct_conf.beg_label_comp_id 
_struct_conf.beg_label_asym_id 
_struct_conf.beg_label_seq_id 
_struct_conf.pdbx_beg_PDB_ins_code 
_struct_conf.end_label_comp_id 
_struct_conf.end_label_asym_id 
_struct_conf.end_label_seq_id 
_struct_conf.pdbx_end_PDB_ins_code 
_struct_conf.beg_auth_comp_id 
_struct_conf.beg_auth_asym_id 
_struct_conf.beg_auth_seq_id 
_struct_conf.end_auth_comp_id 
_struct_conf.end_auth_asym_id 
_struct_conf.end_auth_seq_id 
_struct_conf.pdbx_PDB_helix_class 
_struct_conf.details 
_struct_conf.pdbx_PDB_helix_length 
HELX_P HELX_P1 1 ALA A 28 ? ASP A 34 ? ALA A 65  ASP A 71  5 ? 7 
HELX_P HELX_P2 2 ASP A 40 ? HIS A 44 ? ASP A 77  HIS A 81  5 ? 5 
HELX_P HELX_P3 3 VAL A 80 ? LEU A 84 ? VAL A 117 LEU A 121 5 ? 5 
# 
_struct_conf_type.id          HELX_P 
_struct_conf_type.criteria    ? 
_struct_conf_type.reference   ? 
# 
loop_
_struct_conn.id 
_struct_conn.conn_type_id 
_struct_conn.pdbx_leaving_atom_flag 
_struct_conn.pdbx_PDB_id 
_struct_conn.ptnr1_label_asym_id 
_struct_conn.ptnr1_label_comp_id 
_struct_conn.ptnr1_label_seq_id 
_struct_conn.ptnr1_label_atom_id 
_struct_conn.pdbx_ptnr1_label_alt_id 
_struct_conn.pdbx_ptnr1_PDB_ins_code 
_struct_conn.pdbx_ptnr1_standard_comp_id 
_struct_conn.ptnr1_symmetry 
_struct_conn.ptnr2_label_asym_id 
_struct_conn.ptnr2_label_comp_id 
_struct_conn.ptnr2_label_seq_id 
_struct_conn.ptnr2_label_atom_id 
_struct_conn.pdbx_ptnr2_label_alt_id 
_struct_conn.pdbx_ptnr2_PDB_ins_code 
_struct_conn.ptnr1_auth_asym_id 
_struct_conn.ptnr1_auth_comp_id 
_struct_conn.ptnr1_auth_seq_id 
_struct_conn.ptnr2_auth_asym_id 
_struct_conn.ptnr2_auth_comp_id 
_struct_conn.ptnr2_auth_seq_id 
_struct_conn.ptnr2_symmetry 
_struct_conn.pdbx_ptnr3_label_atom_id 
_struct_conn.pdbx_ptnr3_label_seq_id 
_struct_conn.pdbx_ptnr3_label_comp_id 
_struct_conn.pdbx_ptnr3_label_asym_id 
_struct_conn.pdbx_ptnr3_label_alt_id 
_struct_conn.pdbx_ptnr3_PDB_ins_code 
_struct_conn.details 
_struct_conn.pdbx_dist_value 
_struct_conn.pdbx_value_order 
_struct_conn.pdbx_role 
metalc1  metalc ? ? C CA  .  CA  ? ? ? 1_555 A ARG 31  O   ? ? A CA  1   A ARG 68  1_555 ? ? ? ? ? ? ? 2.238 ? ? 
metalc2  metalc ? ? C CA  .  CA  ? ? ? 1_555 A ASP 34  OD1 ? ? A CA  1   A ASP 71  1_555 ? ? ? ? ? ? ? 2.489 ? ? 
metalc3  metalc ? ? C CA  .  CA  ? ? ? 1_555 A ASN 36  O   ? ? A CA  1   A ASN 73  1_555 ? ? ? ? ? ? ? 2.280 ? ? 
metalc4  metalc ? ? C CA  .  CA  ? ? ? 1_555 A SER 45  OG  ? ? A CA  1   A SER 82  1_555 ? ? ? ? ? ? ? 2.414 ? ? 
metalc5  metalc ? ? C CA  .  CA  ? ? ? 1_555 A SER 45  O   ? ? A CA  1   A SER 82  1_555 ? ? ? ? ? ? ? 2.504 ? ? 
metalc6  metalc ? ? C CA  .  CA  ? ? ? 1_555 A ALA 139 O   ? ? A CA  1   A ALA 176 1_555 ? ? ? ? ? ? ? 2.320 ? ? 
metalc7  metalc ? ? C CA  .  CA  ? ? ? 1_555 A GLU 140 OE1 ? ? A CA  1   A GLU 177 1_555 ? ? ? ? ? ? ? 2.468 ? ? 
metalc8  metalc ? ? A HIS 43 NE2 ? ? ? 1_555 D NI  .   NI  ? ? A HIS 80  A NI  191 1_555 ? ? ? ? ? ? ? 2.160 ? ? 
metalc9  metalc ? ? D NI  .  NI  ? ? ? 1_555 E HOH .   O   ? ? A NI  191 A HOH 294 1_555 ? ? ? ? ? ? ? 2.031 ? ? 
metalc10 metalc ? ? D NI  .  NI  ? ? ? 1_555 E HOH .   O   ? ? A NI  191 A HOH 295 1_555 ? ? ? ? ? ? ? 2.029 ? ? 
metalc11 metalc ? ? D NI  .  NI  ? ? ? 1_555 E HOH .   O   ? ? A NI  191 A HOH 296 1_555 ? ? ? ? ? ? ? 1.942 ? ? 
metalc12 metalc ? ? D NI  .  NI  ? ? ? 1_555 E HOH .   O   ? ? A NI  191 A HOH 297 1_555 ? ? ? ? ? ? ? 2.188 ? ? 
metalc13 metalc ? ? D NI  .  NI  ? ? ? 1_555 E HOH .   O   ? ? A NI  191 A HOH 298 1_555 ? ? ? ? ? ? ? 2.088 ? ? 
# 
_struct_conn_type.id          metalc 
_struct_conn_type.criteria    ? 
_struct_conn_type.reference   ? 
# 
loop_
_struct_sheet.id 
_struct_sheet.type 
_struct_sheet.number_strands 
_struct_sheet.details 
A ? 5 ? 
B ? 3 ? 
# 
loop_
_struct_sheet_order.sheet_id 
_struct_sheet_order.range_id_1 
_struct_sheet_order.range_id_2 
_struct_sheet_order.offset 
_struct_sheet_order.sense 
A 1 2 ? anti-parallel 
A 2 3 ? anti-parallel 
A 3 4 ? anti-parallel 
A 4 5 ? anti-parallel 
B 1 2 ? anti-parallel 
B 2 3 ? anti-parallel 
# 
loop_
_struct_sheet_range.sheet_id 
_struct_sheet_range.id 
_struct_sheet_range.beg_label_comp_id 
_struct_sheet_range.beg_label_asym_id 
_struct_sheet_range.beg_label_seq_id 
_struct_sheet_range.pdbx_beg_PDB_ins_code 
_struct_sheet_range.end_label_comp_id 
_struct_sheet_range.end_label_asym_id 
_struct_sheet_range.end_label_seq_id 
_struct_sheet_range.pdbx_end_PDB_ins_code 
_struct_sheet_range.beg_auth_comp_id 
_struct_sheet_range.beg_auth_asym_id 
_struct_sheet_range.beg_auth_seq_id 
_struct_sheet_range.end_auth_comp_id 
_struct_sheet_range.end_auth_asym_id 
_struct_sheet_range.end_auth_seq_id 
A 1 GLN A 17  ? GLN A 20  ? GLN A 54  GLN A 57  
A 2 TRP A 56  ? ASN A 74  ? TRP A 93  ASN A 111 
A 3 GLU A 112 ? LEU A 129 ? GLU A 149 LEU A 166 
A 4 PHE A 87  ? LEU A 92  ? PHE A 124 LEU A 129 
A 5 GLU A 98  ? PHE A 104 ? GLU A 135 PHE A 141 
B 1 GLN A 17  ? GLN A 20  ? GLN A 54  GLN A 57  
B 2 TRP A 56  ? ASN A 74  ? TRP A 93  ASN A 111 
B 3 LEU A 138 ? ARG A 145 ? LEU A 175 ARG A 182 
# 
loop_
_pdbx_struct_sheet_hbond.sheet_id 
_pdbx_struct_sheet_hbond.range_id_1 
_pdbx_struct_sheet_hbond.range_id_2 
_pdbx_struct_sheet_hbond.range_1_label_atom_id 
_pdbx_struct_sheet_hbond.range_1_label_comp_id 
_pdbx_struct_sheet_hbond.range_1_label_asym_id 
_pdbx_struct_sheet_hbond.range_1_label_seq_id 
_pdbx_struct_sheet_hbond.range_1_PDB_ins_code 
_pdbx_struct_sheet_hbond.range_1_auth_atom_id 
_pdbx_struct_sheet_hbond.range_1_auth_comp_id 
_pdbx_struct_sheet_hbond.range_1_auth_asym_id 
_pdbx_struct_sheet_hbond.range_1_auth_seq_id 
_pdbx_struct_sheet_hbond.range_2_label_atom_id 
_pdbx_struct_sheet_hbond.range_2_label_comp_id 
_pdbx_struct_sheet_hbond.range_2_label_asym_id 
_pdbx_struct_sheet_hbond.range_2_label_seq_id 
_pdbx_struct_sheet_hbond.range_2_PDB_ins_code 
_pdbx_struct_sheet_hbond.range_2_auth_atom_id 
_pdbx_struct_sheet_hbond.range_2_auth_comp_id 
_pdbx_struct_sheet_hbond.range_2_auth_asym_id 
_pdbx_struct_sheet_hbond.range_2_auth_seq_id 
A 1 2 N SER A 19  ? N SER A 56  O GLN A 58  ? O GLN A 95  
A 2 3 N LEU A 61  ? N LEU A 98  O ARG A 123 ? O ARG A 160 
A 3 4 O LYS A 126 ? O LYS A 163 N VAL A 90  ? N VAL A 127 
A 4 5 N LEU A 91  ? N LEU A 128 O VAL A 99  ? O VAL A 136 
B 1 2 N SER A 19  ? N SER A 56  O GLN A 58  ? O GLN A 95  
B 2 3 N LYS A 71  ? N LYS A 108 O GLU A 142 ? O GLU A 179 
# 
_atom_sites.entry_id                    3LEI 
_atom_sites.fract_transf_matrix[1][1]   -0.00813771 
_atom_sites.fract_transf_matrix[1][2]   -0.00135497 
_atom_sites.fract_transf_matrix[1][3]   0.01243534 
_atom_sites.fract_transf_matrix[2][1]   0.00885111 
_atom_sites.fract_transf_matrix[2][2]   -0.01110672 
_atom_sites.fract_transf_matrix[2][3]   0.00458197 
_atom_sites.fract_transf_matrix[3][1]   0.00605648 
_atom_sites.fract_transf_matrix[3][2]   0.00676567 
_atom_sites.fract_transf_matrix[3][3]   0.00470057 
_atom_sites.fract_transf_vector[1]      -0.154946 
_atom_sites.fract_transf_vector[2]      0.264532 
_atom_sites.fract_transf_vector[3]      -0.115716 
# 
loop_
_atom_type.symbol 
C  
CA 
N  
NI 
O  
# 
loop_
_atom_site.group_PDB 
_atom_site.id 
_atom_site.type_symbol 
_atom_site.label_atom_id 
_atom_site.label_alt_id 
_atom_site.label_comp_id 
_atom_site.label_asym_id 
_atom_site.label_entity_id 
_atom_site.label_seq_id 
_atom_site.pdbx_PDB_ins_code 
_atom_site.Cartn_x 
_atom_site.Cartn_y 
_atom_site.Cartn_z 
_atom_site.occupancy 
_atom_site.B_iso_or_equiv 
_atom_site.pdbx_formal_charge 
_atom_site.auth_seq_id 
_atom_site.auth_comp_id 
_atom_site.auth_asym_id 
_atom_site.auth_atom_id 
_atom_site.pdbx_PDB_model_num 
ATOM   1    N  N   . PRO A 1 6   ? 17.064  9.799   -3.323  1.00 47.16 ? 43   PRO A N   1 
ATOM   2    C  CA  . PRO A 1 6   ? 16.832  10.228  -4.722  1.00 46.91 ? 43   PRO A CA  1 
ATOM   3    C  C   . PRO A 1 6   ? 16.152  9.125   -5.582  1.00 45.99 ? 43   PRO A C   1 
ATOM   4    O  O   . PRO A 1 6   ? 16.778  8.083   -5.892  1.00 47.00 ? 43   PRO A O   1 
ATOM   5    C  CB  . PRO A 1 6   ? 18.249  10.571  -5.233  1.00 46.83 ? 43   PRO A CB  1 
ATOM   6    C  CG  . PRO A 1 6   ? 19.224  9.798   -4.291  1.00 48.03 ? 43   PRO A CG  1 
ATOM   7    C  CD  . PRO A 1 6   ? 18.405  9.219   -3.122  1.00 47.65 ? 43   PRO A CD  1 
ATOM   8    N  N   . VAL A 1 7   ? 14.880  9.332   -5.938  1.00 44.05 ? 44   VAL A N   1 
ATOM   9    C  CA  . VAL A 1 7   ? 14.116  8.304   -6.691  1.00 41.85 ? 44   VAL A CA  1 
ATOM   10   C  C   . VAL A 1 7   ? 13.668  8.779   -8.082  1.00 41.09 ? 44   VAL A C   1 
ATOM   11   O  O   . VAL A 1 7   ? 13.626  9.980   -8.336  1.00 40.61 ? 44   VAL A O   1 
ATOM   12   C  CB  . VAL A 1 7   ? 12.906  7.683   -5.847  1.00 42.28 ? 44   VAL A CB  1 
ATOM   13   C  CG1 . VAL A 1 7   ? 13.426  6.961   -4.595  1.00 40.26 ? 44   VAL A CG1 1 
ATOM   14   C  CG2 . VAL A 1 7   ? 11.791  8.742   -5.513  1.00 39.67 ? 44   VAL A CG2 1 
ATOM   15   N  N   . GLU A 1 8   ? 13.366  7.844   -8.987  1.00 39.52 ? 45   GLU A N   1 
ATOM   16   C  CA  . GLU A 1 8   ? 12.758  8.203   -10.270 1.00 39.14 ? 45   GLU A CA  1 
ATOM   17   C  C   . GLU A 1 8   ? 11.338  8.749   -10.085 1.00 37.85 ? 45   GLU A C   1 
ATOM   18   O  O   . GLU A 1 8   ? 10.722  8.552   -9.025  1.00 37.39 ? 45   GLU A O   1 
ATOM   19   C  CB  . GLU A 1 8   ? 12.667  6.998   -11.174 1.00 39.79 ? 45   GLU A CB  1 
ATOM   20   C  CG  . GLU A 1 8   ? 13.920  6.632   -11.915 1.00 41.92 ? 45   GLU A CG  1 
ATOM   21   C  CD  . GLU A 1 8   ? 13.636  5.425   -12.776 1.00 46.05 ? 45   GLU A CD  1 
ATOM   22   O  OE1 . GLU A 1 8   ? 12.419  5.147   -12.994 1.00 46.07 ? 45   GLU A OE1 1 
ATOM   23   O  OE2 . GLU A 1 8   ? 14.602  4.761   -13.221 1.00 46.43 ? 45   GLU A OE2 1 
ATOM   24   N  N   . THR A 1 9   ? 10.813  9.424   -11.105 1.00 35.88 ? 46   THR A N   1 
ATOM   25   C  CA  . THR A 1 9   ? 9.508   10.040  -10.952 1.00 34.74 ? 46   THR A CA  1 
ATOM   26   C  C   . THR A 1 9   ? 8.374   9.089   -11.378 1.00 32.60 ? 46   THR A C   1 
ATOM   27   O  O   . THR A 1 9   ? 7.236   9.291   -10.979 1.00 32.29 ? 46   THR A O   1 
ATOM   28   C  CB  . THR A 1 9   ? 9.373   11.416  -11.716 1.00 35.36 ? 46   THR A CB  1 
ATOM   29   O  OG1 . THR A 1 9   ? 9.527   11.198  -13.120 1.00 35.75 ? 46   THR A OG1 1 
ATOM   30   C  CG2 . THR A 1 9   ? 10.401  12.451  -11.238 1.00 36.35 ? 46   THR A CG2 1 
ATOM   31   N  N   . GLU A 1 10  ? 8.680   8.081   -12.193 1.00 30.71 ? 47   GLU A N   1 
ATOM   32   C  CA  . GLU A 1 10  ? 7.655   7.143   -12.699 1.00 29.25 ? 47   GLU A CA  1 
ATOM   33   C  C   . GLU A 1 10  ? 7.049   6.269   -11.550 1.00 27.94 ? 47   GLU A C   1 
ATOM   34   O  O   . GLU A 1 10  ? 7.786   5.534   -10.864 1.00 26.58 ? 47   GLU A O   1 
ATOM   35   C  CB  . GLU A 1 10  ? 8.232   6.232   -13.805 1.00 29.17 ? 47   GLU A CB  1 
ATOM   36   C  CG  . GLU A 1 10  ? 7.163   5.498   -14.615 1.00 31.37 ? 47   GLU A CG  1 
ATOM   37   C  CD  . GLU A 1 10  ? 7.665   4.269   -15.415 1.00 33.98 ? 47   GLU A CD  1 
ATOM   38   O  OE1 . GLU A 1 10  ? 8.882   4.121   -15.667 1.00 37.60 ? 47   GLU A OE1 1 
ATOM   39   O  OE2 . GLU A 1 10  ? 6.817   3.432   -15.797 1.00 33.58 ? 47   GLU A OE2 1 
ATOM   40   N  N   . ASN A 1 11  ? 5.723   6.354   -11.355 1.00 25.40 ? 48   ASN A N   1 
ATOM   41   C  CA  . ASN A 1 11  ? 5.027   5.471   -10.413 1.00 24.06 ? 48   ASN A CA  1 
ATOM   42   C  C   . ASN A 1 11  ? 4.865   4.090   -11.057 1.00 23.42 ? 48   ASN A C   1 
ATOM   43   O  O   . ASN A 1 11  ? 3.934   3.864   -11.858 1.00 23.18 ? 48   ASN A O   1 
ATOM   44   C  CB  . ASN A 1 11  ? 3.653   6.063   -10.010 1.00 23.29 ? 48   ASN A CB  1 
ATOM   45   C  CG  . ASN A 1 11  ? 2.766   5.051   -9.281  1.00 20.90 ? 48   ASN A CG  1 
ATOM   46   O  OD1 . ASN A 1 11  ? 3.256   4.103   -8.641  1.00 19.78 ? 48   ASN A OD1 1 
ATOM   47   N  ND2 . ASN A 1 11  ? 1.462   5.263   -9.355  1.00 19.23 ? 48   ASN A ND2 1 
ATOM   48   N  N   . ILE A 1 12  ? 5.764   3.162   -10.729 1.00 22.66 ? 49   ILE A N   1 
ATOM   49   C  CA  . ILE A 1 12  ? 5.728   1.838   -11.379 1.00 20.85 ? 49   ILE A CA  1 
ATOM   50   C  C   . ILE A 1 12  ? 4.624   0.898   -10.824 1.00 20.80 ? 49   ILE A C   1 
ATOM   51   O  O   . ILE A 1 12  ? 4.433   -0.163  -11.372 1.00 20.34 ? 49   ILE A O   1 
ATOM   52   C  CB  . ILE A 1 12  ? 7.107   1.112   -11.403 1.00 20.72 ? 49   ILE A CB  1 
ATOM   53   C  CG1 . ILE A 1 12  ? 7.653   0.854   -9.987  1.00 19.84 ? 49   ILE A CG1 1 
ATOM   54   C  CG2 . ILE A 1 12  ? 8.147   1.890   -12.297 1.00 19.88 ? 49   ILE A CG2 1 
ATOM   55   C  CD1 . ILE A 1 12  ? 8.839   -0.145  -9.950  1.00 18.10 ? 49   ILE A CD1 1 
ATOM   56   N  N   . ALA A 1 13  ? 3.910   1.274   -9.760  1.00 19.87 ? 50   ALA A N   1 
ATOM   57   C  CA  . ALA A 1 13  ? 2.753   0.466   -9.320  1.00 20.32 ? 50   ALA A CA  1 
ATOM   58   C  C   . ALA A 1 13  ? 1.489   0.684   -10.179 1.00 19.89 ? 50   ALA A C   1 
ATOM   59   O  O   . ALA A 1 13  ? 0.589   -0.133  -10.221 1.00 18.91 ? 50   ALA A O   1 
ATOM   60   C  CB  . ALA A 1 13  ? 2.439   0.729   -7.829  1.00 20.22 ? 50   ALA A CB  1 
ATOM   61   N  N   . ARG A 1 14  ? 1.449   1.788   -10.904 1.00 19.93 ? 51   ARG A N   1 
ATOM   62   C  CA  . ARG A 1 14  ? 0.243   2.178   -11.620 1.00 20.45 ? 51   ARG A CA  1 
ATOM   63   C  C   . ARG A 1 14  ? -0.214  1.112   -12.598 1.00 19.84 ? 51   ARG A C   1 
ATOM   64   O  O   . ARG A 1 14  ? 0.567   0.674   -13.435 1.00 19.23 ? 51   ARG A O   1 
ATOM   65   C  CB  . ARG A 1 14  ? 0.526   3.497   -12.336 1.00 21.57 ? 51   ARG A CB  1 
ATOM   66   C  CG  . ARG A 1 14  ? -0.579  3.959   -13.257 1.00 26.42 ? 51   ARG A CG  1 
ATOM   67   C  CD  . ARG A 1 14  ? -1.801  4.428   -12.510 1.00 28.62 ? 51   ARG A CD  1 
ATOM   68   N  NE  . ARG A 1 14  ? -2.774  4.912   -13.496 1.00 36.65 ? 51   ARG A NE  1 
ATOM   69   C  CZ  . ARG A 1 14  ? -3.747  4.166   -14.025 1.00 39.18 ? 51   ARG A CZ  1 
ATOM   70   N  NH1 . ARG A 1 14  ? -4.555  4.701   -14.940 1.00 39.36 ? 51   ARG A NH1 1 
ATOM   71   N  NH2 . ARG A 1 14  ? -3.927  2.894   -13.637 1.00 36.90 ? 51   ARG A NH2 1 
ATOM   72   N  N   . GLY A 1 15  ? -1.477  0.681   -12.501 1.00 19.30 ? 52   GLY A N   1 
ATOM   73   C  CA  . GLY A 1 15  ? -1.996  -0.320  -13.450 1.00 18.87 ? 52   GLY A CA  1 
ATOM   74   C  C   . GLY A 1 15  ? -1.479  -1.746  -13.287 1.00 19.96 ? 52   GLY A C   1 
ATOM   75   O  O   . GLY A 1 15  ? -1.803  -2.595  -14.106 1.00 20.64 ? 52   GLY A O   1 
ATOM   76   N  N   . LYS A 1 16  ? -0.708  -2.012  -12.223 1.00 18.95 ? 53   LYS A N   1 
ATOM   77   C  CA  . LYS A 1 16  ? -0.154  -3.344  -11.946 1.00 19.35 ? 53   LYS A CA  1 
ATOM   78   C  C   . LYS A 1 16  ? -1.192  -4.245  -11.255 1.00 19.79 ? 53   LYS A C   1 
ATOM   79   O  O   . LYS A 1 16  ? -2.181  -3.753  -10.702 1.00 20.21 ? 53   LYS A O   1 
ATOM   80   C  CB  . LYS A 1 16  ? 1.126   -3.220  -11.077 1.00 19.22 ? 53   LYS A CB  1 
ATOM   81   C  CG  . LYS A 1 16  ? 2.313   -2.551  -11.810 1.00 19.24 ? 53   LYS A CG  1 
ATOM   82   C  CD  . LYS A 1 16  ? 2.667   -3.322  -13.105 1.00 17.76 ? 53   LYS A CD  1 
ATOM   83   C  CE  . LYS A 1 16  ? 4.030   -2.885  -13.698 1.00 20.16 ? 53   LYS A CE  1 
ATOM   84   N  NZ  . LYS A 1 16  ? 4.076   -1.424  -14.018 1.00 21.99 ? 53   LYS A NZ  1 
ATOM   85   N  N   . GLN A 1 17  ? -0.966  -5.552  -11.267 1.00 19.47 ? 54   GLN A N   1 
ATOM   86   C  CA  . GLN A 1 17  ? -1.872  -6.487  -10.589 1.00 19.89 ? 54   GLN A CA  1 
ATOM   87   C  C   . GLN A 1 17  ? -1.884  -6.323  -9.063  1.00 18.58 ? 54   GLN A C   1 
ATOM   88   O  O   . GLN A 1 17  ? -0.867  -6.444  -8.429  1.00 20.55 ? 54   GLN A O   1 
ATOM   89   C  CB  . GLN A 1 17  ? -1.584  -7.948  -10.968 1.00 20.07 ? 54   GLN A CB  1 
ATOM   90   C  CG  . GLN A 1 17  ? -2.612  -8.967  -10.322 1.00 21.32 ? 54   GLN A CG  1 
ATOM   91   C  CD  . GLN A 1 17  ? -2.528  -10.406 -10.897 1.00 24.19 ? 54   GLN A CD  1 
ATOM   92   O  OE1 . GLN A 1 17  ? -3.463  -11.202 -10.743 1.00 28.13 ? 54   GLN A OE1 1 
ATOM   93   N  NE2 . GLN A 1 17  ? -1.428  -10.728 -11.549 1.00 20.39 ? 54   GLN A NE2 1 
ATOM   94   N  N   . ALA A 1 18  ? -3.046  -6.074  -8.487  1.00 19.03 ? 55   ALA A N   1 
ATOM   95   C  CA  . ALA A 1 18  ? -3.141  -5.885  -7.044  1.00 19.32 ? 55   ALA A CA  1 
ATOM   96   C  C   . ALA A 1 18  ? -4.083  -6.919  -6.463  1.00 19.72 ? 55   ALA A C   1 
ATOM   97   O  O   . ALA A 1 18  ? -5.013  -7.371  -7.140  1.00 20.04 ? 55   ALA A O   1 
ATOM   98   C  CB  . ALA A 1 18  ? -3.632  -4.499  -6.728  1.00 20.11 ? 55   ALA A CB  1 
ATOM   99   N  N   . SER A 1 19  ? -3.869  -7.282  -5.205  1.00 19.49 ? 56   SER A N   1 
ATOM   100  C  CA  . SER A 1 19  ? -4.746  -8.229  -4.534  1.00 19.97 ? 56   SER A CA  1 
ATOM   101  C  C   . SER A 1 19  ? -4.794  -7.839  -3.063  1.00 19.36 ? 56   SER A C   1 
ATOM   102  O  O   . SER A 1 19  ? -3.960  -7.062  -2.604  1.00 18.91 ? 56   SER A O   1 
ATOM   103  C  CB  . SER A 1 19  ? -4.194  -9.654  -4.694  1.00 20.34 ? 56   SER A CB  1 
ATOM   104  O  OG  . SER A 1 19  ? -2.899  -9.704  -4.131  1.00 18.76 ? 56   SER A OG  1 
ATOM   105  N  N   . GLN A 1 20  ? -5.764  -8.374  -2.322  1.00 18.54 ? 57   GLN A N   1 
ATOM   106  C  CA  . GLN A 1 20  ? -5.823  -8.120  -0.867  1.00 17.12 ? 57   GLN A CA  1 
ATOM   107  C  C   . GLN A 1 20  ? -6.468  -9.302  -0.143  1.00 17.52 ? 57   GLN A C   1 
ATOM   108  O  O   . GLN A 1 20  ? -6.969  -10.219 -0.802  1.00 17.71 ? 57   GLN A O   1 
ATOM   109  C  CB  . GLN A 1 20  ? -6.559  -6.800  -0.570  1.00 17.43 ? 57   GLN A CB  1 
ATOM   110  C  CG  . GLN A 1 20  ? -7.998  -6.739  -1.151  1.00 11.90 ? 57   GLN A CG  1 
ATOM   111  C  CD  . GLN A 1 20  ? -8.543  -5.301  -1.211  1.00 16.14 ? 57   GLN A CD  1 
ATOM   112  O  OE1 . GLN A 1 20  ? -7.827  -4.336  -0.932  1.00 13.84 ? 57   GLN A OE1 1 
ATOM   113  N  NE2 . GLN A 1 20  ? -9.798  -5.164  -1.566  1.00 15.02 ? 57   GLN A NE2 1 
ATOM   114  N  N   . SER A 1 21  ? -6.419  -9.293  1.187   1.00 17.00 ? 58   SER A N   1 
ATOM   115  C  CA  . SER A 1 21  ? -6.834  -10.451 1.984   1.00 18.36 ? 58   SER A CA  1 
ATOM   116  C  C   . SER A 1 21  ? -8.311  -10.757 1.745   1.00 18.39 ? 58   SER A C   1 
ATOM   117  O  O   . SER A 1 21  ? -8.713  -11.899 1.701   1.00 17.94 ? 58   SER A O   1 
ATOM   118  C  CB  . SER A 1 21  ? -6.551  -10.215 3.486   1.00 17.50 ? 58   SER A CB  1 
ATOM   119  O  OG  . SER A 1 21  ? -6.971  -8.907  3.853   1.00 17.99 ? 58   SER A OG  1 
ATOM   120  N  N   . SER A 1 22  ? -9.110  -9.720  1.550   1.00 18.42 ? 59   SER A N   1 
ATOM   121  C  CA  . SER A 1 22  ? -10.538 -9.880  1.254   1.00 19.02 ? 59   SER A CA  1 
ATOM   122  C  C   . SER A 1 22  ? -11.071 -8.543  0.745   1.00 18.91 ? 59   SER A C   1 
ATOM   123  O  O   . SER A 1 22  ? -10.399 -7.527  0.868   1.00 18.61 ? 59   SER A O   1 
ATOM   124  C  CB  . SER A 1 22  ? -11.325 -10.302 2.508   1.00 18.91 ? 59   SER A CB  1 
ATOM   125  O  OG  . SER A 1 22  ? -11.315 -9.266  3.466   1.00 21.28 ? 59   SER A OG  1 
ATOM   126  N  N   . THR A 1 23  ? -12.298 -8.536  0.241   1.00 18.91 ? 60   THR A N   1 
ATOM   127  C  CA  . THR A 1 23  ? -12.852 -7.312  -0.354  1.00 19.19 ? 60   THR A CA  1 
ATOM   128  C  C   . THR A 1 23  ? -14.251 -7.052  0.213   1.00 18.88 ? 60   THR A C   1 
ATOM   129  O  O   . THR A 1 23  ? -15.065 -7.972  0.277   1.00 20.40 ? 60   THR A O   1 
ATOM   130  C  CB  . THR A 1 23  ? -12.889 -7.413  -1.933  1.00 19.24 ? 60   THR A CB  1 
ATOM   131  O  OG1 . THR A 1 23  ? -11.578 -7.754  -2.437  1.00 19.58 ? 60   THR A OG1 1 
ATOM   132  C  CG2 . THR A 1 23  ? -13.391 -6.122  -2.550  1.00 18.46 ? 60   THR A CG2 1 
ATOM   133  N  N   . ALA A 1 24  ? -14.513 -5.824  0.637   1.00 17.53 ? 61   ALA A N   1 
ATOM   134  C  CA  . ALA A 1 24  ? -15.817 -5.478  1.195   1.00 17.51 ? 61   ALA A CA  1 
ATOM   135  C  C   . ALA A 1 24  ? -16.241 -4.124  0.689   1.00 17.61 ? 61   ALA A C   1 
ATOM   136  O  O   . ALA A 1 24  ? -15.407 -3.351  0.238   1.00 16.35 ? 61   ALA A O   1 
ATOM   137  C  CB  . ALA A 1 24  ? -15.801 -5.502  2.737   1.00 16.02 ? 61   ALA A CB  1 
ATOM   138  N  N   . TYR A 1 25  ? -17.540 -3.840  0.783   1.00 16.97 ? 62   TYR A N   1 
ATOM   139  C  CA  . TYR A 1 25  ? -18.109 -2.574  0.297   1.00 18.10 ? 62   TYR A CA  1 
ATOM   140  C  C   . TYR A 1 25  ? -17.592 -2.238  -1.111  1.00 18.74 ? 62   TYR A C   1 
ATOM   141  O  O   . TYR A 1 25  ? -17.451 -1.059  -1.456  1.00 18.16 ? 62   TYR A O   1 
ATOM   142  C  CB  . TYR A 1 25  ? -17.716 -1.436  1.237   1.00 18.48 ? 62   TYR A CB  1 
ATOM   143  C  CG  . TYR A 1 25  ? -18.246 -1.617  2.637   1.00 19.93 ? 62   TYR A CG  1 
ATOM   144  C  CD1 . TYR A 1 25  ? -17.389 -1.931  3.684   1.00 21.52 ? 62   TYR A CD1 1 
ATOM   145  C  CD2 . TYR A 1 25  ? -19.630 -1.479  2.903   1.00 19.62 ? 62   TYR A CD2 1 
ATOM   146  C  CE1 . TYR A 1 25  ? -17.874 -2.105  4.983   1.00 20.89 ? 62   TYR A CE1 1 
ATOM   147  C  CE2 . TYR A 1 25  ? -20.127 -1.618  4.197   1.00 21.31 ? 62   TYR A CE2 1 
ATOM   148  C  CZ  . TYR A 1 25  ? -19.248 -1.927  5.216   1.00 19.83 ? 62   TYR A CZ  1 
ATOM   149  O  OH  . TYR A 1 25  ? -19.714 -2.081  6.478   1.00 22.98 ? 62   TYR A OH  1 
ATOM   150  N  N   . GLY A 1 26  ? -17.268 -3.266  -1.886  1.00 17.79 ? 63   GLY A N   1 
ATOM   151  C  CA  . GLY A 1 26  ? -16.882 -3.070  -3.277  1.00 18.16 ? 63   GLY A CA  1 
ATOM   152  C  C   . GLY A 1 26  ? -15.510 -2.423  -3.428  1.00 16.74 ? 63   GLY A C   1 
ATOM   153  O  O   . GLY A 1 26  ? -15.190 -1.939  -4.521  1.00 15.83 ? 63   GLY A O   1 
ATOM   154  N  N   . GLY A 1 27  ? -14.720 -2.414  -2.338  1.00 15.91 ? 64   GLY A N   1 
ATOM   155  C  CA  . GLY A 1 27  ? -13.410 -1.721  -2.309  1.00 16.29 ? 64   GLY A CA  1 
ATOM   156  C  C   . GLY A 1 27  ? -12.274 -2.468  -2.994  1.00 16.83 ? 64   GLY A C   1 
ATOM   157  O  O   . GLY A 1 27  ? -11.270 -2.833  -2.339  1.00 16.89 ? 64   GLY A O   1 
ATOM   158  N  N   . ALA A 1 28  ? -12.438 -2.709  -4.303  1.00 16.93 ? 65   ALA A N   1 
ATOM   159  C  CA  . ALA A 1 28  ? -11.481 -3.487  -5.127  1.00 17.14 ? 65   ALA A CA  1 
ATOM   160  C  C   . ALA A 1 28  ? -10.014 -3.092  -4.896  1.00 17.34 ? 65   ALA A C   1 
ATOM   161  O  O   . ALA A 1 28  ? -9.690  -1.919  -4.833  1.00 17.30 ? 65   ALA A O   1 
ATOM   162  C  CB  . ALA A 1 28  ? -11.831 -3.379  -6.648  1.00 16.84 ? 65   ALA A CB  1 
ATOM   163  N  N   . ALA A 1 29  ? -9.139  -4.086  -4.798  1.00 16.53 ? 66   ALA A N   1 
ATOM   164  C  CA  . ALA A 1 29  ? -7.725  -3.875  -4.513  1.00 17.26 ? 66   ALA A CA  1 
ATOM   165  C  C   . ALA A 1 29  ? -7.054  -2.987  -5.579  1.00 16.99 ? 66   ALA A C   1 
ATOM   166  O  O   . ALA A 1 29  ? -6.107  -2.278  -5.291  1.00 16.56 ? 66   ALA A O   1 
ATOM   167  C  CB  . ALA A 1 29  ? -7.035  -5.218  -4.446  1.00 17.69 ? 66   ALA A CB  1 
ATOM   168  N  N   . THR A 1 30  ? -7.578  -3.039  -6.806  1.00 18.09 ? 67   THR A N   1 
ATOM   169  C  CA  . THR A 1 30  ? -7.016  -2.310  -7.921  1.00 18.40 ? 67   THR A CA  1 
ATOM   170  C  C   . THR A 1 30  ? -7.226  -0.787  -7.775  1.00 18.13 ? 67   THR A C   1 
ATOM   171  O  O   . THR A 1 30  ? -6.589  -0.006  -8.474  1.00 17.58 ? 67   THR A O   1 
ATOM   172  C  CB  . THR A 1 30  ? -7.595  -2.811  -9.269  1.00 19.16 ? 67   THR A CB  1 
ATOM   173  O  OG1 . THR A 1 30  ? -9.021  -2.804  -9.208  1.00 23.76 ? 67   THR A OG1 1 
ATOM   174  C  CG2 . THR A 1 30  ? -7.116  -4.215  -9.592  1.00 19.95 ? 67   THR A CG2 1 
ATOM   175  N  N   . ARG A 1 31  ? -8.094  -0.365  -6.851  1.00 17.59 ? 68   ARG A N   1 
ATOM   176  C  CA  . ARG A 1 31  ? -8.323  1.074   -6.584  1.00 16.93 ? 68   ARG A CA  1 
ATOM   177  C  C   . ARG A 1 31  ? -7.130  1.784   -5.993  1.00 16.92 ? 68   ARG A C   1 
ATOM   178  O  O   . ARG A 1 31  ? -7.039  3.004   -6.114  1.00 15.10 ? 68   ARG A O   1 
ATOM   179  C  CB  . ARG A 1 31  ? -9.488  1.272   -5.616  1.00 16.28 ? 68   ARG A CB  1 
ATOM   180  C  CG  . ARG A 1 31  ? -10.838 1.177   -6.305  1.00 15.37 ? 68   ARG A CG  1 
ATOM   181  C  CD  . ARG A 1 31  ? -11.963 0.953   -5.283  1.00 15.12 ? 68   ARG A CD  1 
ATOM   182  N  NE  . ARG A 1 31  ? -13.242 0.677   -5.949  1.00 13.10 ? 68   ARG A NE  1 
ATOM   183  C  CZ  . ARG A 1 31  ? -14.446 0.956   -5.414  1.00 14.45 ? 68   ARG A CZ  1 
ATOM   184  N  NH1 . ARG A 1 31  ? -15.538 0.677   -6.107  1.00 13.36 ? 68   ARG A NH1 1 
ATOM   185  N  NH2 . ARG A 1 31  ? -14.558 1.479   -4.195  1.00 11.88 ? 68   ARG A NH2 1 
ATOM   186  N  N   . ALA A 1 32  ? -6.228  1.044   -5.357  1.00 16.38 ? 69   ALA A N   1 
ATOM   187  C  CA  . ALA A 1 32  ? -4.998  1.622   -4.857  1.00 16.87 ? 69   ALA A CA  1 
ATOM   188  C  C   . ALA A 1 32  ? -3.894  1.870   -5.943  1.00 17.48 ? 69   ALA A C   1 
ATOM   189  O  O   . ALA A 1 32  ? -2.850  2.461   -5.655  1.00 18.55 ? 69   ALA A O   1 
ATOM   190  C  CB  . ALA A 1 32  ? -4.415  0.750   -3.650  1.00 16.84 ? 69   ALA A CB  1 
ATOM   191  N  N   . VAL A 1 33  ? -4.116  1.398   -7.161  1.00 17.01 ? 70   VAL A N   1 
ATOM   192  C  CA  . VAL A 1 33  ? -3.112  1.514   -8.214  1.00 18.06 ? 70   VAL A CA  1 
ATOM   193  C  C   . VAL A 1 33  ? -3.757  2.045   -9.484  1.00 18.04 ? 70   VAL A C   1 
ATOM   194  O  O   . VAL A 1 33  ? -3.268  1.768   -10.583 1.00 18.22 ? 70   VAL A O   1 
ATOM   195  C  CB  . VAL A 1 33  ? -2.289  0.203   -8.470  1.00 17.76 ? 70   VAL A CB  1 
ATOM   196  C  CG1 . VAL A 1 33  ? -1.316  -0.072  -7.239  1.00 17.78 ? 70   VAL A CG1 1 
ATOM   197  C  CG2 . VAL A 1 33  ? -3.184  -0.994  -8.868  1.00 17.88 ? 70   VAL A CG2 1 
ATOM   198  N  N   . ASP A 1 34  ? -4.831  2.849   -9.311  1.00 18.20 ? 71   ASP A N   1 
ATOM   199  C  CA  . ASP A 1 34  ? -5.632  3.314   -10.455 1.00 18.38 ? 71   ASP A CA  1 
ATOM   200  C  C   . ASP A 1 34  ? -5.214  4.722   -10.915 1.00 18.58 ? 71   ASP A C   1 
ATOM   201  O  O   . ASP A 1 34  ? -5.806  5.284   -11.834 1.00 18.46 ? 71   ASP A O   1 
ATOM   202  C  CB  . ASP A 1 34  ? -7.160  3.212   -10.197 1.00 17.93 ? 71   ASP A CB  1 
ATOM   203  C  CG  . ASP A 1 34  ? -7.655  4.151   -9.087  1.00 18.43 ? 71   ASP A CG  1 
ATOM   204  O  OD1 . ASP A 1 34  ? -6.847  4.785   -8.370  1.00 17.64 ? 71   ASP A OD1 1 
ATOM   205  O  OD2 . ASP A 1 34  ? -8.894  4.238   -8.884  1.00 19.96 ? 71   ASP A OD2 1 
ATOM   206  N  N   . GLY A 1 35  ? -4.171  5.261   -10.301 1.00 18.70 ? 72   GLY A N   1 
ATOM   207  C  CA  . GLY A 1 35  ? -3.672  6.590   -10.655 1.00 18.67 ? 72   GLY A CA  1 
ATOM   208  C  C   . GLY A 1 35  ? -4.536  7.706   -10.109 1.00 18.95 ? 72   GLY A C   1 
ATOM   209  O  O   . GLY A 1 35  ? -4.533  8.808   -10.641 1.00 18.03 ? 72   GLY A O   1 
ATOM   210  N  N   . ASN A 1 36  ? -5.282  7.437   -9.040  1.00 19.17 ? 73   ASN A N   1 
ATOM   211  C  CA  . ASN A 1 36  ? -6.160  8.461   -8.446  1.00 18.65 ? 73   ASN A CA  1 
ATOM   212  C  C   . ASN A 1 36  ? -5.984  8.416   -6.913  1.00 19.75 ? 73   ASN A C   1 
ATOM   213  O  O   . ASN A 1 36  ? -6.357  7.421   -6.247  1.00 17.00 ? 73   ASN A O   1 
ATOM   214  C  CB  . ASN A 1 36  ? -7.618  8.205   -8.863  1.00 20.86 ? 73   ASN A CB  1 
ATOM   215  C  CG  . ASN A 1 36  ? -8.595  9.293   -8.347  1.00 18.74 ? 73   ASN A CG  1 
ATOM   216  O  OD1 . ASN A 1 36  ? -8.224  10.177  -7.545  1.00 20.66 ? 73   ASN A OD1 1 
ATOM   217  N  ND2 . ASN A 1 36  ? -9.839  9.223   -8.805  1.00 18.35 ? 73   ASN A ND2 1 
ATOM   218  N  N   . VAL A 1 37  ? -5.396  9.473   -6.350  1.00 18.40 ? 74   VAL A N   1 
ATOM   219  C  CA  . VAL A 1 37  ? -5.190  9.523   -4.906  1.00 18.09 ? 74   VAL A CA  1 
ATOM   220  C  C   . VAL A 1 37  ? -6.403  10.100  -4.130  1.00 19.06 ? 74   VAL A C   1 
ATOM   221  O  O   . VAL A 1 37  ? -6.299  10.306  -2.932  1.00 18.45 ? 74   VAL A O   1 
ATOM   222  C  CB  . VAL A 1 37  ? -3.952  10.389  -4.544  1.00 17.88 ? 74   VAL A CB  1 
ATOM   223  C  CG1 . VAL A 1 37  ? -2.661  9.903   -5.287  1.00 16.95 ? 74   VAL A CG1 1 
ATOM   224  C  CG2 . VAL A 1 37  ? -4.227  11.857  -4.875  1.00 19.53 ? 74   VAL A CG2 1 
ATOM   225  N  N   . ASP A 1 38  ? -7.509  10.417  -4.810  1.00 18.98 ? 75   ASP A N   1 
ATOM   226  C  CA  . ASP A 1 38  ? -8.734  10.893  -4.113  1.00 18.40 ? 75   ASP A CA  1 
ATOM   227  C  C   . ASP A 1 38  ? -9.079  9.957   -2.929  1.00 18.49 ? 75   ASP A C   1 
ATOM   228  O  O   . ASP A 1 38  ? -9.368  8.772   -3.120  1.00 18.12 ? 75   ASP A O   1 
ATOM   229  C  CB  . ASP A 1 38  ? -9.935  10.872  -5.065  1.00 18.69 ? 75   ASP A CB  1 
ATOM   230  C  CG  . ASP A 1 38  ? -11.115 11.658  -4.529  1.00 18.80 ? 75   ASP A CG  1 
ATOM   231  O  OD1 . ASP A 1 38  ? -11.805 12.252  -5.376  1.00 20.32 ? 75   ASP A OD1 1 
ATOM   232  O  OD2 . ASP A 1 38  ? -11.371 11.695  -3.283  1.00 17.25 ? 75   ASP A OD2 1 
ATOM   233  N  N   . SER A 1 39  ? -9.053  10.499  -1.718  1.00 18.39 ? 76   SER A N   1 
ATOM   234  C  CA  . SER A 1 39  ? -9.133  9.673   -0.526  1.00 18.89 ? 76   SER A CA  1 
ATOM   235  C  C   . SER A 1 39  ? -10.580 9.527   0.020   1.00 18.46 ? 76   SER A C   1 
ATOM   236  O  O   . SER A 1 39  ? -10.774 8.983   1.103   1.00 18.51 ? 76   SER A O   1 
ATOM   237  C  CB  . SER A 1 39  ? -8.235  10.285  0.553   1.00 19.22 ? 76   SER A CB  1 
ATOM   238  O  OG  . SER A 1 39  ? -8.845  11.490  1.019   1.00 19.24 ? 76   SER A OG  1 
ATOM   239  N  N   . ASP A 1 40  ? -11.570 10.025  -0.703  1.00 18.24 ? 77   ASP A N   1 
ATOM   240  C  CA  . ASP A 1 40  ? -12.967 9.961   -0.235  1.00 19.40 ? 77   ASP A CA  1 
ATOM   241  C  C   . ASP A 1 40  ? -13.555 8.630   -0.730  1.00 18.61 ? 77   ASP A C   1 
ATOM   242  O  O   . ASP A 1 40  ? -13.613 8.360   -1.928  1.00 18.03 ? 77   ASP A O   1 
ATOM   243  C  CB  . ASP A 1 40  ? -13.752 11.178  -0.741  1.00 19.76 ? 77   ASP A CB  1 
ATOM   244  C  CG  . ASP A 1 40  ? -15.255 11.197  -0.286  1.00 22.51 ? 77   ASP A CG  1 
ATOM   245  O  OD1 . ASP A 1 40  ? -15.762 12.327  -0.098  1.00 23.73 ? 77   ASP A OD1 1 
ATOM   246  O  OD2 . ASP A 1 40  ? -15.920 10.127  -0.159  1.00 23.89 ? 77   ASP A OD2 1 
ATOM   247  N  N   . TYR A 1 41  ? -13.960 7.776   0.198   1.00 18.68 ? 78   TYR A N   1 
ATOM   248  C  CA  . TYR A 1 41  ? -14.483 6.450   -0.178  1.00 19.10 ? 78   TYR A CA  1 
ATOM   249  C  C   . TYR A 1 41  ? -15.584 6.513   -1.225  1.00 18.98 ? 78   TYR A C   1 
ATOM   250  O  O   . TYR A 1 41  ? -15.629 5.667   -2.141  1.00 18.66 ? 78   TYR A O   1 
ATOM   251  C  CB  . TYR A 1 41  ? -14.955 5.635   1.063   1.00 18.56 ? 78   TYR A CB  1 
ATOM   252  C  CG  . TYR A 1 41  ? -15.024 4.180   0.723   1.00 19.17 ? 78   TYR A CG  1 
ATOM   253  C  CD1 . TYR A 1 41  ? -16.238 3.583   0.316   1.00 18.93 ? 78   TYR A CD1 1 
ATOM   254  C  CD2 . TYR A 1 41  ? -13.867 3.400   0.703   1.00 17.44 ? 78   TYR A CD2 1 
ATOM   255  C  CE1 . TYR A 1 41  ? -16.287 2.270   -0.064  1.00 18.99 ? 78   TYR A CE1 1 
ATOM   256  C  CE2 . TYR A 1 41  ? -13.907 2.069   0.286   1.00 18.79 ? 78   TYR A CE2 1 
ATOM   257  C  CZ  . TYR A 1 41  ? -15.111 1.511   -0.090  1.00 20.95 ? 78   TYR A CZ  1 
ATOM   258  O  OH  . TYR A 1 41  ? -15.133 0.187   -0.464  1.00 20.39 ? 78   TYR A OH  1 
ATOM   259  N  N   . GLY A 1 42  ? -16.445 7.533   -1.104  1.00 19.15 ? 79   GLY A N   1 
ATOM   260  C  CA  . GLY A 1 42  ? -17.633 7.655   -1.957  1.00 18.58 ? 79   GLY A CA  1 
ATOM   261  C  C   . GLY A 1 42  ? -17.265 7.957   -3.406  1.00 18.80 ? 79   GLY A C   1 
ATOM   262  O  O   . GLY A 1 42  ? -18.120 7.892   -4.280  1.00 19.12 ? 79   GLY A O   1 
ATOM   263  N  N   . HIS A 1 43  ? -15.986 8.279   -3.652  1.00 17.58 ? 80   HIS A N   1 
ATOM   264  C  CA  . HIS A 1 43  ? -15.475 8.576   -4.992  1.00 17.22 ? 80   HIS A CA  1 
ATOM   265  C  C   . HIS A 1 43  ? -14.843 7.346   -5.681  1.00 17.50 ? 80   HIS A C   1 
ATOM   266  O  O   . HIS A 1 43  ? -14.286 7.452   -6.780  1.00 15.47 ? 80   HIS A O   1 
ATOM   267  C  CB  . HIS A 1 43  ? -14.494 9.783   -4.951  1.00 17.26 ? 80   HIS A CB  1 
ATOM   268  C  CG  . HIS A 1 43  ? -15.148 11.058  -4.480  1.00 19.11 ? 80   HIS A CG  1 
ATOM   269  N  ND1 . HIS A 1 43  ? -14.443 12.216  -4.223  1.00 18.94 ? 80   HIS A ND1 1 
ATOM   270  C  CD2 . HIS A 1 43  ? -16.454 11.358  -4.238  1.00 17.00 ? 80   HIS A CD2 1 
ATOM   271  C  CE1 . HIS A 1 43  ? -15.278 13.162  -3.820  1.00 19.11 ? 80   HIS A CE1 1 
ATOM   272  N  NE2 . HIS A 1 43  ? -16.504 12.667  -3.824  1.00 17.59 ? 80   HIS A NE2 1 
ATOM   273  N  N   . HIS A 1 44  ? -14.923 6.192   -5.002  1.00 15.43 ? 81   HIS A N   1 
ATOM   274  C  CA  . HIS A 1 44  ? -14.657 4.888   -5.612  1.00 16.92 ? 81   HIS A CA  1 
ATOM   275  C  C   . HIS A 1 44  ? -13.190 4.629   -5.945  1.00 16.27 ? 81   HIS A C   1 
ATOM   276  O  O   . HIS A 1 44  ? -12.907 3.809   -6.824  1.00 17.05 ? 81   HIS A O   1 
ATOM   277  C  CB  . HIS A 1 44  ? -15.517 4.702   -6.906  1.00 16.54 ? 81   HIS A CB  1 
ATOM   278  C  CG  . HIS A 1 44  ? -16.996 4.835   -6.684  1.00 17.26 ? 81   HIS A CG  1 
ATOM   279  N  ND1 . HIS A 1 44  ? -17.647 4.235   -5.623  1.00 21.14 ? 81   HIS A ND1 1 
ATOM   280  C  CD2 . HIS A 1 44  ? -17.955 5.487   -7.397  1.00 20.31 ? 81   HIS A CD2 1 
ATOM   281  C  CE1 . HIS A 1 44  ? -18.942 4.512   -5.692  1.00 22.41 ? 81   HIS A CE1 1 
ATOM   282  N  NE2 . HIS A 1 44  ? -19.158 5.256   -6.770  1.00 19.58 ? 81   HIS A NE2 1 
ATOM   283  N  N   . SER A 1 45  ? -12.260 5.314   -5.279  1.00 16.97 ? 82   SER A N   1 
ATOM   284  C  CA  . SER A 1 45  ? -10.838 5.107   -5.574  1.00 16.94 ? 82   SER A CA  1 
ATOM   285  C  C   . SER A 1 45  ? -10.012 4.659   -4.338  1.00 17.71 ? 82   SER A C   1 
ATOM   286  O  O   . SER A 1 45  ? -8.760  4.804   -4.315  1.00 16.92 ? 82   SER A O   1 
ATOM   287  C  CB  . SER A 1 45  ? -10.186 6.328   -6.244  1.00 16.26 ? 82   SER A CB  1 
ATOM   288  O  OG  . SER A 1 45  ? -8.984  5.902   -6.905  1.00 16.40 ? 82   SER A OG  1 
ATOM   289  N  N   . VAL A 1 46  ? -10.729 4.133   -3.342  1.00 17.74 ? 83   VAL A N   1 
ATOM   290  C  CA  . VAL A 1 46  ? -10.133 3.671   -2.086  1.00 17.53 ? 83   VAL A CA  1 
ATOM   291  C  C   . VAL A 1 46  ? -10.551 2.199   -1.902  1.00 17.84 ? 83   VAL A C   1 
ATOM   292  O  O   . VAL A 1 46  ? -11.694 1.821   -2.156  1.00 18.34 ? 83   VAL A O   1 
ATOM   293  C  CB  . VAL A 1 46  ? -10.619 4.515   -0.870  1.00 18.46 ? 83   VAL A CB  1 
ATOM   294  C  CG1 . VAL A 1 46  ? -10.010 4.016   0.454   1.00 16.10 ? 83   VAL A CG1 1 
ATOM   295  C  CG2 . VAL A 1 46  ? -10.410 6.011   -1.093  1.00 17.58 ? 83   VAL A CG2 1 
ATOM   296  N  N   . THR A 1 47  ? -9.606  1.371   -1.476  1.00 17.25 ? 84   THR A N   1 
ATOM   297  C  CA  . THR A 1 47  ? -9.825  -0.060  -1.280  1.00 16.30 ? 84   THR A CA  1 
ATOM   298  C  C   . THR A 1 47  ? -10.495 -0.306  0.065   1.00 17.21 ? 84   THR A C   1 
ATOM   299  O  O   . THR A 1 47  ? -10.625 0.622   0.861   1.00 17.69 ? 84   THR A O   1 
ATOM   300  C  CB  . THR A 1 47  ? -8.450  -0.839  -1.309  1.00 16.68 ? 84   THR A CB  1 
ATOM   301  O  OG1 . THR A 1 47  ? -7.734  -0.570  -0.099  1.00 17.38 ? 84   THR A OG1 1 
ATOM   302  C  CG2 . THR A 1 47  ? -7.578  -0.456  -2.521  1.00 12.96 ? 84   THR A CG2 1 
ATOM   303  N  N   . HIS A 1 48  ? -10.929 -1.543  0.317   1.00 17.86 ? 85   HIS A N   1 
ATOM   304  C  CA  . HIS A 1 48  ? -11.556 -1.908  1.607   1.00 18.54 ? 85   HIS A CA  1 
ATOM   305  C  C   . HIS A 1 48  ? -11.541 -3.426  1.700   1.00 19.45 ? 85   HIS A C   1 
ATOM   306  O  O   . HIS A 1 48  ? -12.125 -4.100  0.830   1.00 20.14 ? 85   HIS A O   1 
ATOM   307  C  CB  . HIS A 1 48  ? -13.036 -1.403  1.670   1.00 16.79 ? 85   HIS A CB  1 
ATOM   308  C  CG  . HIS A 1 48  ? -13.533 -1.105  3.055   1.00 19.44 ? 85   HIS A CG  1 
ATOM   309  N  ND1 . HIS A 1 48  ? -13.598 -2.064  4.051   1.00 17.34 ? 85   HIS A ND1 1 
ATOM   310  C  CD2 . HIS A 1 48  ? -14.034 0.038   3.601   1.00 18.39 ? 85   HIS A CD2 1 
ATOM   311  C  CE1 . HIS A 1 48  ? -14.079 -1.512  5.158   1.00 21.20 ? 85   HIS A CE1 1 
ATOM   312  N  NE2 . HIS A 1 48  ? -14.332 -0.235  4.919   1.00 19.54 ? 85   HIS A NE2 1 
ATOM   313  N  N   . THR A 1 49  ? -10.920 -3.976  2.753   1.00 18.76 ? 86   THR A N   1 
ATOM   314  C  CA  . THR A 1 49  ? -11.066 -5.400  3.054   1.00 18.19 ? 86   THR A CA  1 
ATOM   315  C  C   . THR A 1 49  ? -12.198 -5.628  4.057   1.00 18.05 ? 86   THR A C   1 
ATOM   316  O  O   . THR A 1 49  ? -12.794 -4.682  4.535   1.00 19.55 ? 86   THR A O   1 
ATOM   317  C  CB  . THR A 1 49  ? -9.793  -5.994  3.712   1.00 18.57 ? 86   THR A CB  1 
ATOM   318  O  OG1 . THR A 1 49  ? -9.655  -5.445  5.034   1.00 17.64 ? 86   THR A OG1 1 
ATOM   319  C  CG2 . THR A 1 49  ? -8.533  -5.687  2.888   1.00 18.67 ? 86   THR A CG2 1 
ATOM   320  N  N   . ASN A 1 50  ? -12.473 -6.888  4.391   1.00 18.36 ? 87   ASN A N   1 
ATOM   321  C  CA  . ASN A 1 50  ? -13.328 -7.210  5.555   1.00 18.98 ? 87   ASN A CA  1 
ATOM   322  C  C   . ASN A 1 50  ? -12.719 -6.609  6.816   1.00 19.12 ? 87   ASN A C   1 
ATOM   323  O  O   . ASN A 1 50  ? -11.527 -6.340  6.869   1.00 17.84 ? 87   ASN A O   1 
ATOM   324  C  CB  . ASN A 1 50  ? -13.434 -8.735  5.718   1.00 20.14 ? 87   ASN A CB  1 
ATOM   325  C  CG  . ASN A 1 50  ? -14.210 -9.398  4.556   1.00 19.56 ? 87   ASN A CG  1 
ATOM   326  O  OD1 . ASN A 1 50  ? -14.846 -8.713  3.746   1.00 21.19 ? 87   ASN A OD1 1 
ATOM   327  N  ND2 . ASN A 1 50  ? -14.163 -10.715 4.482   1.00 20.36 ? 87   ASN A ND2 1 
ATOM   328  N  N   . PHE A 1 51  ? -13.538 -6.371  7.827   1.00 19.89 ? 88   PHE A N   1 
ATOM   329  C  CA  . PHE A 1 51  ? -13.045 -6.271  9.199   1.00 21.61 ? 88   PHE A CA  1 
ATOM   330  C  C   . PHE A 1 51  ? -12.517 -7.647  9.575   1.00 22.03 ? 88   PHE A C   1 
ATOM   331  O  O   . PHE A 1 51  ? -13.296 -8.590  9.762   1.00 23.21 ? 88   PHE A O   1 
ATOM   332  C  CB  . PHE A 1 51  ? -14.173 -5.904  10.168  1.00 21.93 ? 88   PHE A CB  1 
ATOM   333  C  CG  . PHE A 1 51  ? -14.644 -4.470  10.068  1.00 21.83 ? 88   PHE A CG  1 
ATOM   334  C  CD1 . PHE A 1 51  ? -14.448 -3.582  11.125  1.00 21.45 ? 88   PHE A CD1 1 
ATOM   335  C  CD2 . PHE A 1 51  ? -15.324 -4.021  8.929   1.00 22.52 ? 88   PHE A CD2 1 
ATOM   336  C  CE1 . PHE A 1 51  ? -14.917 -2.243  11.054  1.00 22.47 ? 88   PHE A CE1 1 
ATOM   337  C  CE2 . PHE A 1 51  ? -15.795 -2.688  8.832   1.00 22.66 ? 88   PHE A CE2 1 
ATOM   338  C  CZ  . PHE A 1 51  ? -15.604 -1.807  9.898   1.00 23.44 ? 88   PHE A CZ  1 
ATOM   339  N  N   . GLU A 1 52  ? -11.204 -7.791  9.613   1.00 22.09 ? 89   GLU A N   1 
ATOM   340  C  CA  . GLU A 1 52  ? -10.627 -9.088  9.888   1.00 22.08 ? 89   GLU A CA  1 
ATOM   341  C  C   . GLU A 1 52  ? -9.304  -8.854  10.585  1.00 23.24 ? 89   GLU A C   1 
ATOM   342  O  O   . GLU A 1 52  ? -8.884  -7.680  10.732  1.00 23.06 ? 89   GLU A O   1 
ATOM   343  C  CB  . GLU A 1 52  ? -10.445 -9.879  8.585   1.00 22.95 ? 89   GLU A CB  1 
ATOM   344  C  CG  . GLU A 1 52  ? -9.346  -9.316  7.642   1.00 22.65 ? 89   GLU A CG  1 
ATOM   345  C  CD  . GLU A 1 52  ? -9.390  -9.921  6.253   1.00 27.10 ? 89   GLU A CD  1 
ATOM   346  O  OE1 . GLU A 1 52  ? -9.555  -11.151 6.125   1.00 27.18 ? 89   GLU A OE1 1 
ATOM   347  O  OE2 . GLU A 1 52  ? -9.250  -9.165  5.281   1.00 27.53 ? 89   GLU A OE2 1 
ATOM   348  N  N   . ASP A 1 53  ? -8.640  -9.947  10.991  1.00 22.89 ? 90   ASP A N   1 
ATOM   349  C  CA  . ASP A 1 53  ? -7.332  -9.826  11.643  1.00 23.97 ? 90   ASP A CA  1 
ATOM   350  C  C   . ASP A 1 53  ? -6.240  -9.810  10.584  1.00 23.39 ? 90   ASP A C   1 
ATOM   351  O  O   . ASP A 1 53  ? -6.287  -10.582 9.619   1.00 23.13 ? 90   ASP A O   1 
ATOM   352  C  CB  . ASP A 1 53  ? -7.055  -11.005 12.601  1.00 24.14 ? 90   ASP A CB  1 
ATOM   353  C  CG  . ASP A 1 53  ? -8.069  -11.122 13.726  1.00 24.93 ? 90   ASP A CG  1 
ATOM   354  O  OD1 . ASP A 1 53  ? -8.904  -10.201 13.928  1.00 25.15 ? 90   ASP A OD1 1 
ATOM   355  O  OD2 . ASP A 1 53  ? -7.998  -12.148 14.448  1.00 26.62 ? 90   ASP A OD2 1 
ATOM   356  N  N   . ASN A 1 54  ? -5.237  -8.967  10.780  1.00 23.68 ? 91   ASN A N   1 
ATOM   357  C  CA  . ASN A 1 54  ? -4.090  -8.914  9.849   1.00 23.64 ? 91   ASN A CA  1 
ATOM   358  C  C   . ASN A 1 54  ? -4.514  -8.797  8.385   1.00 22.89 ? 91   ASN A C   1 
ATOM   359  O  O   . ASN A 1 54  ? -4.050  -9.551  7.500   1.00 22.83 ? 91   ASN A O   1 
ATOM   360  C  CB  . ASN A 1 54  ? -3.171  -10.104 10.084  1.00 24.38 ? 91   ASN A CB  1 
ATOM   361  C  CG  . ASN A 1 54  ? -2.852  -10.263 11.567  1.00 27.61 ? 91   ASN A CG  1 
ATOM   362  O  OD1 . ASN A 1 54  ? -2.383  -9.324  12.215  1.00 29.76 ? 91   ASN A OD1 1 
ATOM   363  N  ND2 . ASN A 1 54  ? -3.212  -11.408 12.126  1.00 32.15 ? 91   ASN A ND2 1 
ATOM   364  N  N   . ALA A 1 55  ? -5.411  -7.849  8.141   1.00 21.63 ? 92   ALA A N   1 
ATOM   365  C  CA  . ALA A 1 55  ? -5.756  -7.500  6.761   1.00 20.93 ? 92   ALA A CA  1 
ATOM   366  C  C   . ALA A 1 55  ? -4.470  -7.104  6.009   1.00 19.98 ? 92   ALA A C   1 
ATOM   367  O  O   . ALA A 1 55  ? -3.547  -6.547  6.614   1.00 20.99 ? 92   ALA A O   1 
ATOM   368  C  CB  . ALA A 1 55  ? -6.775  -6.358  6.734   1.00 19.45 ? 92   ALA A CB  1 
ATOM   369  N  N   . TRP A 1 56  ? -4.418  -7.404  4.709   1.00 19.43 ? 93   TRP A N   1 
ATOM   370  C  CA  . TRP A 1 56  ? -3.289  -7.015  3.866   1.00 19.57 ? 93   TRP A CA  1 
ATOM   371  C  C   . TRP A 1 56  ? -3.730  -6.657  2.439   1.00 18.08 ? 93   TRP A C   1 
ATOM   372  O  O   . TRP A 1 56  ? -4.846  -6.972  2.011   1.00 17.49 ? 93   TRP A O   1 
ATOM   373  C  CB  . TRP A 1 56  ? -2.190  -8.093  3.835   1.00 19.07 ? 93   TRP A CB  1 
ATOM   374  C  CG  . TRP A 1 56  ? -2.668  -9.421  3.345   1.00 21.78 ? 93   TRP A CG  1 
ATOM   375  C  CD1 . TRP A 1 56  ? -3.115  -10.458 4.109   1.00 22.29 ? 93   TRP A CD1 1 
ATOM   376  C  CD2 . TRP A 1 56  ? -2.792  -9.845  1.972   1.00 22.29 ? 93   TRP A CD2 1 
ATOM   377  N  NE1 . TRP A 1 56  ? -3.485  -11.511 3.300   1.00 20.54 ? 93   TRP A NE1 1 
ATOM   378  C  CE2 . TRP A 1 56  ? -3.290  -11.163 1.989   1.00 20.54 ? 93   TRP A CE2 1 
ATOM   379  C  CE3 . TRP A 1 56  ? -2.485  -9.251  0.735   1.00 21.59 ? 93   TRP A CE3 1 
ATOM   380  C  CZ2 . TRP A 1 56  ? -3.519  -11.900 0.806   1.00 23.20 ? 93   TRP A CZ2 1 
ATOM   381  C  CZ3 . TRP A 1 56  ? -2.698  -9.991  -0.446  1.00 23.71 ? 93   TRP A CZ3 1 
ATOM   382  C  CH2 . TRP A 1 56  ? -3.237  -11.298 -0.394  1.00 23.03 ? 93   TRP A CH2 1 
ATOM   383  N  N   . TRP A 1 57  ? -2.822  -5.985  1.751   1.00 17.67 ? 94   TRP A N   1 
ATOM   384  C  CA  . TRP A 1 57  ? -2.972  -5.561  0.376   1.00 18.08 ? 94   TRP A CA  1 
ATOM   385  C  C   . TRP A 1 57  ? -1.595  -5.687  -0.305  1.00 18.66 ? 94   TRP A C   1 
ATOM   386  O  O   . TRP A 1 57  ? -0.543  -5.470  0.333   1.00 17.55 ? 94   TRP A O   1 
ATOM   387  C  CB  . TRP A 1 57  ? -3.445  -4.118  0.340   1.00 17.33 ? 94   TRP A CB  1 
ATOM   388  C  CG  . TRP A 1 57  ? -3.485  -3.557  -1.038  1.00 16.76 ? 94   TRP A CG  1 
ATOM   389  C  CD1 . TRP A 1 57  ? -4.594  -3.473  -1.856  1.00 17.80 ? 94   TRP A CD1 1 
ATOM   390  C  CD2 . TRP A 1 57  ? -2.395  -2.980  -1.774  1.00 16.46 ? 94   TRP A CD2 1 
ATOM   391  N  NE1 . TRP A 1 57  ? -4.259  -2.874  -3.050  1.00 17.42 ? 94   TRP A NE1 1 
ATOM   392  C  CE2 . TRP A 1 57  ? -2.917  -2.568  -3.031  1.00 16.80 ? 94   TRP A CE2 1 
ATOM   393  C  CE3 . TRP A 1 57  ? -1.033  -2.775  -1.502  1.00 14.98 ? 94   TRP A CE3 1 
ATOM   394  C  CZ2 . TRP A 1 57  ? -2.125  -1.961  -4.013  1.00 17.46 ? 94   TRP A CZ2 1 
ATOM   395  C  CZ3 . TRP A 1 57  ? -0.239  -2.145  -2.486  1.00 11.63 ? 94   TRP A CZ3 1 
ATOM   396  C  CH2 . TRP A 1 57  ? -0.778  -1.793  -3.734  1.00 14.84 ? 94   TRP A CH2 1 
ATOM   397  N  N   . GLN A 1 58  ? -1.611  -6.035  -1.592  1.00 18.76 ? 95   GLN A N   1 
ATOM   398  C  CA  . GLN A 1 58  ? -0.369  -6.333  -2.313  1.00 18.66 ? 95   GLN A CA  1 
ATOM   399  C  C   . GLN A 1 58  ? -0.460  -5.864  -3.765  1.00 18.35 ? 95   GLN A C   1 
ATOM   400  O  O   . GLN A 1 58  ? -1.519  -6.013  -4.407  1.00 18.60 ? 95   GLN A O   1 
ATOM   401  C  CB  . GLN A 1 58  ? -0.116  -7.840  -2.286  1.00 18.46 ? 95   GLN A CB  1 
ATOM   402  C  CG  . GLN A 1 58  ? 1.140   -8.257  -3.041  1.00 21.56 ? 95   GLN A CG  1 
ATOM   403  C  CD  . GLN A 1 58  ? 1.381   -9.745  -2.975  1.00 22.62 ? 95   GLN A CD  1 
ATOM   404  O  OE1 . GLN A 1 58  ? 0.913   -10.498 -3.821  1.00 25.72 ? 95   GLN A OE1 1 
ATOM   405  N  NE2 . GLN A 1 58  ? 2.129   -10.163 -1.981  1.00 19.11 ? 95   GLN A NE2 1 
ATOM   406  N  N   . VAL A 1 59  ? 0.632   -5.286  -4.262  1.00 17.10 ? 96   VAL A N   1 
ATOM   407  C  CA  . VAL A 1 59  ? 0.826   -5.091  -5.694  1.00 16.90 ? 96   VAL A CA  1 
ATOM   408  C  C   . VAL A 1 59  ? 2.022   -5.955  -6.176  1.00 16.94 ? 96   VAL A C   1 
ATOM   409  O  O   . VAL A 1 59  ? 3.097   -6.053  -5.523  1.00 16.73 ? 96   VAL A O   1 
ATOM   410  C  CB  . VAL A 1 59  ? 0.971   -3.584  -6.090  1.00 16.63 ? 96   VAL A CB  1 
ATOM   411  C  CG1 . VAL A 1 59  ? 2.122   -2.901  -5.311  1.00 14.85 ? 96   VAL A CG1 1 
ATOM   412  C  CG2 . VAL A 1 59  ? 1.194   -3.436  -7.596  1.00 16.60 ? 96   VAL A CG2 1 
ATOM   413  N  N   . ASP A 1 60  ? 1.816   -6.579  -7.321  1.00 17.12 ? 97   ASP A N   1 
ATOM   414  C  CA  . ASP A 1 60  ? 2.853   -7.313  -8.033  1.00 17.41 ? 97   ASP A CA  1 
ATOM   415  C  C   . ASP A 1 60  ? 3.411   -6.386  -9.114  1.00 18.63 ? 97   ASP A C   1 
ATOM   416  O  O   . ASP A 1 60  ? 2.706   -6.028  -10.069 1.00 17.91 ? 97   ASP A O   1 
ATOM   417  C  CB  . ASP A 1 60  ? 2.204   -8.553  -8.654  1.00 18.13 ? 97   ASP A CB  1 
ATOM   418  C  CG  . ASP A 1 60  ? 3.152   -9.371  -9.535  1.00 20.34 ? 97   ASP A CG  1 
ATOM   419  O  OD1 . ASP A 1 60  ? 4.339   -9.024  -9.667  1.00 15.83 ? 97   ASP A OD1 1 
ATOM   420  O  OD2 . ASP A 1 60  ? 2.676   -10.391 -10.078 1.00 16.78 ? 97   ASP A OD2 1 
ATOM   421  N  N   . LEU A 1 61  ? 4.687   -6.004  -8.993  1.00 18.13 ? 98   LEU A N   1 
ATOM   422  C  CA  . LEU A 1 61  ? 5.305   -5.110  -9.982  1.00 18.11 ? 98   LEU A CA  1 
ATOM   423  C  C   . LEU A 1 61  ? 5.569   -5.787  -11.323 1.00 18.67 ? 98   LEU A C   1 
ATOM   424  O  O   . LEU A 1 61  ? 5.972   -5.112  -12.293 1.00 18.75 ? 98   LEU A O   1 
ATOM   425  C  CB  . LEU A 1 61  ? 6.607   -4.499  -9.433  1.00 17.59 ? 98   LEU A CB  1 
ATOM   426  C  CG  . LEU A 1 61  ? 6.440   -3.637  -8.157  1.00 17.94 ? 98   LEU A CG  1 
ATOM   427  C  CD1 . LEU A 1 61  ? 7.796   -3.311  -7.531  1.00 19.63 ? 98   LEU A CD1 1 
ATOM   428  C  CD2 . LEU A 1 61  ? 5.591   -2.373  -8.373  1.00 20.84 ? 98   LEU A CD2 1 
ATOM   429  N  N   . GLY A 1 62  ? 5.393   -7.112  -11.348 1.00 20.44 ? 99   GLY A N   1 
ATOM   430  C  CA  . GLY A 1 62  ? 5.468   -7.913  -12.570 1.00 21.88 ? 99   GLY A CA  1 
ATOM   431  C  C   . GLY A 1 62  ? 6.883   -8.312  -12.950 1.00 22.79 ? 99   GLY A C   1 
ATOM   432  O  O   . GLY A 1 62  ? 7.080   -9.150  -13.839 1.00 23.49 ? 99   GLY A O   1 
ATOM   433  N  N   . LYS A 1 63  ? 7.868   -7.683  -12.319 1.00 23.76 ? 100  LYS A N   1 
ATOM   434  C  CA  . LYS A 1 63  ? 9.270   -8.091  -12.432 1.00 24.37 ? 100  LYS A CA  1 
ATOM   435  C  C   . LYS A 1 63  ? 10.058  -7.480  -11.283 1.00 23.71 ? 100  LYS A C   1 
ATOM   436  O  O   . LYS A 1 63  ? 9.533   -6.611  -10.555 1.00 22.90 ? 100  LYS A O   1 
ATOM   437  C  CB  . LYS A 1 63  ? 9.861   -7.729  -13.805 1.00 24.67 ? 100  LYS A CB  1 
ATOM   438  C  CG  . LYS A 1 63  ? 10.104  -6.247  -14.070 1.00 28.75 ? 100  LYS A CG  1 
ATOM   439  C  CD  . LYS A 1 63  ? 10.135  -6.002  -15.599 1.00 35.59 ? 100  LYS A CD  1 
ATOM   440  C  CE  . LYS A 1 63  ? 9.778   -4.552  -15.966 1.00 40.74 ? 100  LYS A CE  1 
ATOM   441  N  NZ  . LYS A 1 63  ? 10.902  -3.581  -15.623 1.00 42.46 ? 100  LYS A NZ  1 
ATOM   442  N  N   . THR A 1 64  ? 11.309  -7.904  -11.117 1.00 22.62 ? 101  THR A N   1 
ATOM   443  C  CA  . THR A 1 64  ? 12.108  -7.405  -10.019 1.00 22.11 ? 101  THR A CA  1 
ATOM   444  C  C   . THR A 1 64  ? 12.652  -6.004  -10.261 1.00 21.50 ? 101  THR A C   1 
ATOM   445  O  O   . THR A 1 64  ? 13.313  -5.737  -11.263 1.00 21.73 ? 101  THR A O   1 
ATOM   446  C  CB  . THR A 1 64  ? 13.238  -8.381  -9.629  1.00 21.94 ? 101  THR A CB  1 
ATOM   447  O  OG1 . THR A 1 64  ? 12.634  -9.609  -9.237  1.00 22.40 ? 101  THR A OG1 1 
ATOM   448  C  CG2 . THR A 1 64  ? 14.042  -7.812  -8.456  1.00 20.64 ? 101  THR A CG2 1 
ATOM   449  N  N   . GLU A 1 65  ? 12.349  -5.103  -9.343  1.00 19.98 ? 102  GLU A N   1 
ATOM   450  C  CA  . GLU A 1 65  ? 12.714  -3.716  -9.534  1.00 20.50 ? 102  GLU A CA  1 
ATOM   451  C  C   . GLU A 1 65  ? 13.539  -3.240  -8.359  1.00 20.38 ? 102  GLU A C   1 
ATOM   452  O  O   . GLU A 1 65  ? 13.349  -3.732  -7.223  1.00 20.39 ? 102  GLU A O   1 
ATOM   453  C  CB  . GLU A 1 65  ? 11.459  -2.825  -9.687  1.00 21.16 ? 102  GLU A CB  1 
ATOM   454  C  CG  . GLU A 1 65  ? 10.582  -3.192  -10.869 1.00 20.52 ? 102  GLU A CG  1 
ATOM   455  C  CD  . GLU A 1 65  ? 11.035  -2.553  -12.169 1.00 24.24 ? 102  GLU A CD  1 
ATOM   456  O  OE1 . GLU A 1 65  ? 10.246  -2.584  -13.148 1.00 25.38 ? 102  GLU A OE1 1 
ATOM   457  O  OE2 . GLU A 1 65  ? 12.156  -2.012  -12.207 1.00 23.42 ? 102  GLU A OE2 1 
ATOM   458  N  N   . ASN A 1 66  ? 14.451  -2.306  -8.618  1.00 20.11 ? 103  ASN A N   1 
ATOM   459  C  CA  . ASN A 1 66  ? 15.178  -1.665  -7.514  1.00 20.61 ? 103  ASN A CA  1 
ATOM   460  C  C   . ASN A 1 66  ? 14.389  -0.516  -6.884  1.00 21.28 ? 103  ASN A C   1 
ATOM   461  O  O   . ASN A 1 66  ? 14.353  0.597   -7.410  1.00 19.77 ? 103  ASN A O   1 
ATOM   462  C  CB  . ASN A 1 66  ? 16.572  -1.160  -7.899  1.00 19.99 ? 103  ASN A CB  1 
ATOM   463  C  CG  . ASN A 1 66  ? 17.475  -1.069  -6.702  1.00 23.93 ? 103  ASN A CG  1 
ATOM   464  O  OD1 . ASN A 1 66  ? 17.533  -0.040  -6.043  1.00 23.76 ? 103  ASN A OD1 1 
ATOM   465  N  ND2 . ASN A 1 66  ? 18.103  -2.201  -6.340  1.00 25.37 ? 103  ASN A ND2 1 
ATOM   466  N  N   . VAL A 1 67  ? 13.819  -0.782  -5.715  1.00 21.66 ? 104  VAL A N   1 
ATOM   467  C  CA  . VAL A 1 67  ? 12.803  0.108   -5.126  1.00 22.53 ? 104  VAL A CA  1 
ATOM   468  C  C   . VAL A 1 67  ? 13.466  1.025   -4.115  1.00 22.77 ? 104  VAL A C   1 
ATOM   469  O  O   . VAL A 1 67  ? 14.181  0.574   -3.188  1.00 23.10 ? 104  VAL A O   1 
ATOM   470  C  CB  . VAL A 1 67  ? 11.672  -0.712  -4.453  1.00 22.40 ? 104  VAL A CB  1 
ATOM   471  C  CG1 . VAL A 1 67  ? 10.768  0.194   -3.575  1.00 24.21 ? 104  VAL A CG1 1 
ATOM   472  C  CG2 . VAL A 1 67  ? 10.857  -1.423  -5.493  1.00 23.09 ? 104  VAL A CG2 1 
ATOM   473  N  N   . GLY A 1 68  ? 13.203  2.324   -4.279  1.00 23.03 ? 105  GLY A N   1 
ATOM   474  C  CA  . GLY A 1 68  ? 13.639  3.286   -3.306  1.00 21.91 ? 105  GLY A CA  1 
ATOM   475  C  C   . GLY A 1 68  ? 12.564  3.907   -2.451  1.00 21.54 ? 105  GLY A C   1 
ATOM   476  O  O   . GLY A 1 68  ? 12.850  4.344   -1.324  1.00 21.99 ? 105  GLY A O   1 
ATOM   477  N  N   . LYS A 1 69  ? 11.335  3.952   -2.956  1.00 20.27 ? 106  LYS A N   1 
ATOM   478  C  CA  . LYS A 1 69  ? 10.268  4.658   -2.233  1.00 20.72 ? 106  LYS A CA  1 
ATOM   479  C  C   . LYS A 1 69  ? 8.899   4.073   -2.499  1.00 19.45 ? 106  LYS A C   1 
ATOM   480  O  O   . LYS A 1 69  ? 8.561   3.771   -3.655  1.00 19.89 ? 106  LYS A O   1 
ATOM   481  C  CB  . LYS A 1 69  ? 10.285  6.146   -2.618  1.00 20.80 ? 106  LYS A CB  1 
ATOM   482  C  CG  . LYS A 1 69  ? 9.363   7.088   -1.835  1.00 22.01 ? 106  LYS A CG  1 
ATOM   483  C  CD  . LYS A 1 69  ? 9.310   8.407   -2.620  1.00 23.32 ? 106  LYS A CD  1 
ATOM   484  C  CE  . LYS A 1 69  ? 8.424   9.424   -2.037  1.00 27.19 ? 106  LYS A CE  1 
ATOM   485  N  NZ  . LYS A 1 69  ? 8.563   10.702  -2.853  1.00 28.94 ? 106  LYS A NZ  1 
ATOM   486  N  N   . VAL A 1 70  ? 8.138   3.904   -1.413  1.00 18.99 ? 107  VAL A N   1 
ATOM   487  C  CA  . VAL A 1 70  ? 6.729   3.507   -1.453  1.00 18.50 ? 107  VAL A CA  1 
ATOM   488  C  C   . VAL A 1 70  ? 5.946   4.600   -0.735  1.00 18.28 ? 107  VAL A C   1 
ATOM   489  O  O   . VAL A 1 70  ? 6.289   4.995   0.371   1.00 17.48 ? 107  VAL A O   1 
ATOM   490  C  CB  . VAL A 1 70  ? 6.497   2.102   -0.780  1.00 18.63 ? 107  VAL A CB  1 
ATOM   491  C  CG1 . VAL A 1 70  ? 5.005   1.707   -0.748  1.00 18.22 ? 107  VAL A CG1 1 
ATOM   492  C  CG2 . VAL A 1 70  ? 7.368   1.024   -1.496  1.00 17.40 ? 107  VAL A CG2 1 
ATOM   493  N  N   . LYS A 1 71  ? 4.893   5.089   -1.375  1.00 18.74 ? 108  LYS A N   1 
ATOM   494  C  CA  . LYS A 1 71  ? 4.119   6.187   -0.795  1.00 19.49 ? 108  LYS A CA  1 
ATOM   495  C  C   . LYS A 1 71  ? 2.693   5.740   -0.630  1.00 19.36 ? 108  LYS A C   1 
ATOM   496  O  O   . LYS A 1 71  ? 2.051   5.331   -1.606  1.00 19.17 ? 108  LYS A O   1 
ATOM   497  C  CB  . LYS A 1 71  ? 4.177   7.417   -1.706  1.00 20.68 ? 108  LYS A CB  1 
ATOM   498  C  CG  . LYS A 1 71  ? 3.716   8.653   -1.024  1.00 23.49 ? 108  LYS A CG  1 
ATOM   499  C  CD  . LYS A 1 71  ? 4.013   9.882   -1.897  1.00 25.83 ? 108  LYS A CD  1 
ATOM   500  C  CE  . LYS A 1 71  ? 3.211   11.061  -1.381  1.00 27.11 ? 108  LYS A CE  1 
ATOM   501  N  NZ  . LYS A 1 71  ? 3.547   12.264  -2.145  1.00 29.76 ? 108  LYS A NZ  1 
ATOM   502  N  N   . LEU A 1 72  ? 2.191   5.817   0.601   1.00 18.38 ? 109  LEU A N   1 
ATOM   503  C  CA  . LEU A 1 72  ? 0.823   5.390   0.896   1.00 19.31 ? 109  LEU A CA  1 
ATOM   504  C  C   . LEU A 1 72  ? -0.063  6.605   1.019   1.00 18.71 ? 109  LEU A C   1 
ATOM   505  O  O   . LEU A 1 72  ? 0.331   7.585   1.637   1.00 18.78 ? 109  LEU A O   1 
ATOM   506  C  CB  . LEU A 1 72  ? 0.753   4.639   2.229   1.00 18.02 ? 109  LEU A CB  1 
ATOM   507  C  CG  . LEU A 1 72  ? 1.733   3.507   2.498   1.00 19.87 ? 109  LEU A CG  1 
ATOM   508  C  CD1 . LEU A 1 72  ? 1.322   2.812   3.792   1.00 22.48 ? 109  LEU A CD1 1 
ATOM   509  C  CD2 . LEU A 1 72  ? 1.826   2.515   1.378   1.00 21.93 ? 109  LEU A CD2 1 
ATOM   510  N  N   . TYR A 1 73  ? -1.266  6.515   0.466   1.00 19.12 ? 110  TYR A N   1 
ATOM   511  C  CA  . TYR A 1 73  ? -2.291  7.572   0.631   1.00 18.81 ? 110  TYR A CA  1 
ATOM   512  C  C   . TYR A 1 73  ? -3.437  6.996   1.422   1.00 18.55 ? 110  TYR A C   1 
ATOM   513  O  O   . TYR A 1 73  ? -4.050  6.017   1.002   1.00 19.17 ? 110  TYR A O   1 
ATOM   514  C  CB  . TYR A 1 73  ? -2.803  8.052   -0.720  1.00 18.53 ? 110  TYR A CB  1 
ATOM   515  C  CG  . TYR A 1 73  ? -1.737  8.753   -1.515  1.00 20.66 ? 110  TYR A CG  1 
ATOM   516  C  CD1 . TYR A 1 73  ? -1.659  10.147  -1.543  1.00 21.48 ? 110  TYR A CD1 1 
ATOM   517  C  CD2 . TYR A 1 73  ? -0.793  8.022   -2.227  1.00 22.62 ? 110  TYR A CD2 1 
ATOM   518  C  CE1 . TYR A 1 73  ? -0.690  10.783  -2.292  1.00 22.31 ? 110  TYR A CE1 1 
ATOM   519  C  CE2 . TYR A 1 73  ? 0.189   8.642   -2.969  1.00 22.38 ? 110  TYR A CE2 1 
ATOM   520  C  CZ  . TYR A 1 73  ? 0.238   10.013  -3.003  1.00 22.46 ? 110  TYR A CZ  1 
ATOM   521  O  OH  . TYR A 1 73  ? 1.208   10.590  -3.773  1.00 23.44 ? 110  TYR A OH  1 
ATOM   522  N  N   . ASN A 1 74  ? -3.697  7.571   2.578   1.00 18.75 ? 111  ASN A N   1 
ATOM   523  C  CA  . ASN A 1 74  ? -4.724  7.049   3.473   1.00 19.90 ? 111  ASN A CA  1 
ATOM   524  C  C   . ASN A 1 74  ? -6.137  7.403   2.975   1.00 20.45 ? 111  ASN A C   1 
ATOM   525  O  O   . ASN A 1 74  ? -6.307  8.353   2.207   1.00 19.66 ? 111  ASN A O   1 
ATOM   526  C  CB  . ASN A 1 74  ? -4.510  7.593   4.891   1.00 19.53 ? 111  ASN A CB  1 
ATOM   527  C  CG  . ASN A 1 74  ? -5.144  6.711   5.963   1.00 20.92 ? 111  ASN A CG  1 
ATOM   528  O  OD1 . ASN A 1 74  ? -5.725  5.660   5.653   1.00 21.16 ? 111  ASN A OD1 1 
ATOM   529  N  ND2 . ASN A 1 74  ? -5.051  7.142   7.242   1.00 18.67 ? 111  ASN A ND2 1 
ATOM   530  N  N   . ARG A 1 75  ? -7.128  6.628   3.415   1.00 20.82 ? 112  ARG A N   1 
ATOM   531  C  CA  . ARG A 1 75  ? -8.532  7.049   3.304   1.00 21.33 ? 112  ARG A CA  1 
ATOM   532  C  C   . ARG A 1 75  ? -8.760  8.382   4.078   1.00 22.89 ? 112  ARG A C   1 
ATOM   533  O  O   . ARG A 1 75  ? -8.203  8.568   5.161   1.00 22.84 ? 112  ARG A O   1 
ATOM   534  C  CB  . ARG A 1 75  ? -9.436  5.955   3.866   1.00 21.25 ? 112  ARG A CB  1 
ATOM   535  C  CG  . ARG A 1 75  ? -10.917 6.257   3.675   1.00 19.97 ? 112  ARG A CG  1 
ATOM   536  C  CD  . ARG A 1 75  ? -11.780 5.150   4.269   1.00 22.54 ? 112  ARG A CD  1 
ATOM   537  N  NE  . ARG A 1 75  ? -13.181 5.567   4.233   1.00 18.35 ? 112  ARG A NE  1 
ATOM   538  C  CZ  . ARG A 1 75  ? -14.214 4.781   4.549   1.00 23.78 ? 112  ARG A CZ  1 
ATOM   539  N  NH1 . ARG A 1 75  ? -14.017 3.515   4.950   1.00 22.87 ? 112  ARG A NH1 1 
ATOM   540  N  NH2 . ARG A 1 75  ? -15.453 5.270   4.486   1.00 21.32 ? 112  ARG A NH2 1 
ATOM   541  N  N   . GLY A 1 76  ? -9.597  9.276   3.552   1.00 23.50 ? 113  GLY A N   1 
ATOM   542  C  CA  . GLY A 1 76  ? -9.817  10.566  4.211   1.00 25.62 ? 113  GLY A CA  1 
ATOM   543  C  C   . GLY A 1 76  ? -11.229 10.914  4.692   1.00 27.11 ? 113  GLY A C   1 
ATOM   544  O  O   . GLY A 1 76  ? -11.410 11.905  5.387   1.00 27.56 ? 113  GLY A O   1 
ATOM   545  N  N   . ASP A 1 77  ? -12.248 10.152  4.310   1.00 27.37 ? 114  ASP A N   1 
ATOM   546  C  CA  . ASP A 1 77  ? -13.608 10.518  4.712   1.00 29.05 ? 114  ASP A CA  1 
ATOM   547  C  C   . ASP A 1 77  ? -13.997 9.737   5.960   1.00 31.28 ? 114  ASP A C   1 
ATOM   548  O  O   . ASP A 1 77  ? -13.324 8.765   6.322   1.00 31.28 ? 114  ASP A O   1 
ATOM   549  C  CB  . ASP A 1 77  ? -14.601 10.206  3.585   1.00 27.03 ? 114  ASP A CB  1 
ATOM   550  C  CG  . ASP A 1 77  ? -14.700 8.734   3.318   1.00 26.48 ? 114  ASP A CG  1 
ATOM   551  O  OD1 . ASP A 1 77  ? -15.816 8.161   3.434   1.00 26.00 ? 114  ASP A OD1 1 
ATOM   552  O  OD2 . ASP A 1 77  ? -13.641 8.117   3.034   1.00 18.73 ? 114  ASP A OD2 1 
ATOM   553  N  N   . GLY A 1 78  ? -15.083 10.166  6.609   1.00 33.87 ? 115  GLY A N   1 
ATOM   554  C  CA  . GLY A 1 78  ? -15.763 9.372   7.669   1.00 35.38 ? 115  GLY A CA  1 
ATOM   555  C  C   . GLY A 1 78  ? -15.000 9.232   8.984   1.00 36.77 ? 115  GLY A C   1 
ATOM   556  O  O   . GLY A 1 78  ? -15.364 8.383   9.828   1.00 37.80 ? 115  GLY A O   1 
ATOM   557  N  N   . ASN A 1 79  ? -13.968 10.067  9.163   1.00 36.95 ? 116  ASN A N   1 
ATOM   558  C  CA  . ASN A 1 79  ? -12.942 9.907   10.231  1.00 37.21 ? 116  ASN A CA  1 
ATOM   559  C  C   . ASN A 1 79  ? -12.641 8.470   10.764  1.00 35.67 ? 116  ASN A C   1 
ATOM   560  O  O   . ASN A 1 79  ? -12.776 8.184   11.950  1.00 36.17 ? 116  ASN A O   1 
ATOM   561  C  CB  . ASN A 1 79  ? -13.132 10.927  11.368  1.00 38.58 ? 116  ASN A CB  1 
ATOM   562  C  CG  . ASN A 1 79  ? -14.440 10.749  12.096  1.00 42.10 ? 116  ASN A CG  1 
ATOM   563  O  OD1 . ASN A 1 79  ? -14.552 9.898   12.985  1.00 47.90 ? 116  ASN A OD1 1 
ATOM   564  N  ND2 . ASN A 1 79  ? -15.450 11.554  11.733  1.00 44.17 ? 116  ASN A ND2 1 
ATOM   565  N  N   . VAL A 1 80  ? -12.203 7.604   9.854   1.00 32.65 ? 117  VAL A N   1 
ATOM   566  C  CA  . VAL A 1 80  ? -11.789 6.234   10.131  1.00 30.06 ? 117  VAL A CA  1 
ATOM   567  C  C   . VAL A 1 80  ? -10.333 6.076   9.626   1.00 29.30 ? 117  VAL A C   1 
ATOM   568  O  O   . VAL A 1 80  ? -9.862  4.951   9.373   1.00 27.06 ? 117  VAL A O   1 
ATOM   569  C  CB  . VAL A 1 80  ? -12.696 5.231   9.389   1.00 30.51 ? 117  VAL A CB  1 
ATOM   570  C  CG1 . VAL A 1 80  ? -14.060 5.098   10.087  1.00 30.42 ? 117  VAL A CG1 1 
ATOM   571  C  CG2 . VAL A 1 80  ? -12.861 5.644   7.877   1.00 28.35 ? 117  VAL A CG2 1 
ATOM   572  N  N   . ALA A 1 81  ? -9.647  7.223   9.494   1.00 27.42 ? 118  ALA A N   1 
ATOM   573  C  CA  . ALA A 1 81  ? -8.255  7.313   9.018   1.00 27.15 ? 118  ALA A CA  1 
ATOM   574  C  C   . ALA A 1 81  ? -7.326  6.449   9.864   1.00 26.70 ? 118  ALA A C   1 
ATOM   575  O  O   . ALA A 1 81  ? -6.330  5.902   9.363   1.00 25.99 ? 118  ALA A O   1 
ATOM   576  C  CB  . ALA A 1 81  ? -7.781  8.761   9.056   1.00 26.11 ? 118  ALA A CB  1 
ATOM   577  N  N   . ASN A 1 82  ? -7.650  6.339   11.146  1.00 26.10 ? 119  ASN A N   1 
ATOM   578  C  CA  . ASN A 1 82  ? -6.777  5.676   12.117  1.00 26.97 ? 119  ASN A CA  1 
ATOM   579  C  C   . ASN A 1 82  ? -6.775  4.162   11.980  1.00 24.88 ? 119  ASN A C   1 
ATOM   580  O  O   . ASN A 1 82  ? -6.034  3.462   12.681  1.00 25.27 ? 119  ASN A O   1 
ATOM   581  C  CB  . ASN A 1 82  ? -7.100  6.142   13.546  1.00 28.77 ? 119  ASN A CB  1 
ATOM   582  C  CG  . ASN A 1 82  ? -6.959  7.679   13.710  1.00 35.94 ? 119  ASN A CG  1 
ATOM   583  O  OD1 . ASN A 1 82  ? -5.979  8.307   13.236  1.00 42.90 ? 119  ASN A OD1 1 
ATOM   584  N  ND2 . ASN A 1 82  ? -7.959  8.296   14.349  1.00 40.52 ? 119  ASN A ND2 1 
ATOM   585  N  N   . ARG A 1 83  ? -7.570  3.642   11.051  1.00 23.24 ? 120  ARG A N   1 
ATOM   586  C  CA  . ARG A 1 83  ? -7.473  2.221   10.732  1.00 22.64 ? 120  ARG A CA  1 
ATOM   587  C  C   . ARG A 1 83  ? -6.125  1.870   10.078  1.00 21.98 ? 120  ARG A C   1 
ATOM   588  O  O   . ARG A 1 83  ? -5.686  0.721   10.170  1.00 20.65 ? 120  ARG A O   1 
ATOM   589  C  CB  . ARG A 1 83  ? -8.632  1.765   9.865   1.00 22.35 ? 120  ARG A CB  1 
ATOM   590  C  CG  . ARG A 1 83  ? -9.992  1.826   10.582  1.00 23.06 ? 120  ARG A CG  1 
ATOM   591  C  CD  . ARG A 1 83  ? -11.107 1.603   9.556   1.00 21.92 ? 120  ARG A CD  1 
ATOM   592  N  NE  . ARG A 1 83  ? -12.409 1.499   10.214  1.00 24.15 ? 120  ARG A NE  1 
ATOM   593  C  CZ  . ARG A 1 83  ? -13.596 1.589   9.603   1.00 23.30 ? 120  ARG A CZ  1 
ATOM   594  N  NH1 . ARG A 1 83  ? -13.693 1.758   8.269   1.00 17.57 ? 120  ARG A NH1 1 
ATOM   595  N  NH2 . ARG A 1 83  ? -14.699 1.503   10.335  1.00 19.58 ? 120  ARG A NH2 1 
ATOM   596  N  N   . LEU A 1 84  ? -5.480  2.835   9.418   1.00 21.58 ? 121  LEU A N   1 
ATOM   597  C  CA  . LEU A 1 84  ? -4.120  2.617   8.904   1.00 21.78 ? 121  LEU A CA  1 
ATOM   598  C  C   . LEU A 1 84  ? -3.137  2.970   10.017  1.00 22.33 ? 121  LEU A C   1 
ATOM   599  O  O   . LEU A 1 84  ? -2.531  4.060   10.053  1.00 22.85 ? 121  LEU A O   1 
ATOM   600  C  CB  . LEU A 1 84  ? -3.857  3.394   7.594   1.00 20.36 ? 121  LEU A CB  1 
ATOM   601  C  CG  . LEU A 1 84  ? -2.546  3.127   6.856   1.00 19.19 ? 121  LEU A CG  1 
ATOM   602  C  CD1 . LEU A 1 84  ? -2.387  1.603   6.504   1.00 11.48 ? 121  LEU A CD1 1 
ATOM   603  C  CD2 . LEU A 1 84  ? -2.440  4.030   5.568   1.00 17.05 ? 121  LEU A CD2 1 
ATOM   604  N  N   . SER A 1 85  ? -3.012  2.049   10.970  1.00 23.17 ? 122  SER A N   1 
ATOM   605  C  CA  . SER A 1 85  ? -2.104  2.238   12.121  1.00 23.27 ? 122  SER A CA  1 
ATOM   606  C  C   . SER A 1 85  ? -1.579  0.845   12.497  1.00 23.33 ? 122  SER A C   1 
ATOM   607  O  O   . SER A 1 85  ? -2.239  -0.150  12.167  1.00 23.90 ? 122  SER A O   1 
ATOM   608  C  CB  . SER A 1 85  ? -2.864  2.877   13.294  1.00 24.23 ? 122  SER A CB  1 
ATOM   609  O  OG  . SER A 1 85  ? -3.951  2.024   13.670  1.00 23.59 ? 122  SER A OG  1 
ATOM   610  N  N   . ASN A 1 86  ? -0.398  0.772   13.135  1.00 22.35 ? 123  ASN A N   1 
ATOM   611  C  CA  . ASN A 1 86  ? 0.188   -0.509  13.561  1.00 21.76 ? 123  ASN A CA  1 
ATOM   612  C  C   . ASN A 1 86  ? 0.292   -1.436  12.353  1.00 21.12 ? 123  ASN A C   1 
ATOM   613  O  O   . ASN A 1 86  ? -0.393  -2.467  12.274  1.00 21.56 ? 123  ASN A O   1 
ATOM   614  C  CB  . ASN A 1 86  ? -0.683  -1.119  14.685  1.00 21.45 ? 123  ASN A CB  1 
ATOM   615  C  CG  . ASN A 1 86  ? -0.013  -2.297  15.376  1.00 22.98 ? 123  ASN A CG  1 
ATOM   616  O  OD1 . ASN A 1 86  ? 1.156   -2.592  15.139  1.00 23.76 ? 123  ASN A OD1 1 
ATOM   617  N  ND2 . ASN A 1 86  ? -0.757  -2.970  16.252  1.00 23.30 ? 123  ASN A ND2 1 
ATOM   618  N  N   . PHE A 1 87  ? 1.105   -1.042  11.369  1.00 20.47 ? 124  PHE A N   1 
ATOM   619  C  CA  . PHE A 1 87  ? 1.196   -1.818  10.134  1.00 20.10 ? 124  PHE A CA  1 
ATOM   620  C  C   . PHE A 1 87  ? 2.631   -1.908  9.658   1.00 19.15 ? 124  PHE A C   1 
ATOM   621  O  O   . PHE A 1 87  ? 3.470   -1.067  10.019  1.00 19.34 ? 124  PHE A O   1 
ATOM   622  C  CB  . PHE A 1 87  ? 0.295   -1.211  9.036   1.00 19.29 ? 124  PHE A CB  1 
ATOM   623  C  CG  . PHE A 1 87  ? 0.688   0.181   8.611   1.00 20.13 ? 124  PHE A CG  1 
ATOM   624  C  CD1 . PHE A 1 87  ? 0.200   1.290   9.285   1.00 18.59 ? 124  PHE A CD1 1 
ATOM   625  C  CD2 . PHE A 1 87  ? 1.522   0.371   7.507   1.00 19.02 ? 124  PHE A CD2 1 
ATOM   626  C  CE1 . PHE A 1 87  ? 0.569   2.577   8.884   1.00 21.94 ? 124  PHE A CE1 1 
ATOM   627  C  CE2 . PHE A 1 87  ? 1.887   1.654   7.098   1.00 21.02 ? 124  PHE A CE2 1 
ATOM   628  C  CZ  . PHE A 1 87  ? 1.406   2.748   7.778   1.00 20.78 ? 124  PHE A CZ  1 
ATOM   629  N  N   . ASP A 1 88  ? 2.895   -2.937  8.865   1.00 19.00 ? 125  ASP A N   1 
ATOM   630  C  CA  . ASP A 1 88  ? 4.165   -3.113  8.146   1.00 19.81 ? 125  ASP A CA  1 
ATOM   631  C  C   . ASP A 1 88  ? 4.005   -2.740  6.670   1.00 19.77 ? 125  ASP A C   1 
ATOM   632  O  O   . ASP A 1 88  ? 2.938   -2.961  6.061   1.00 20.40 ? 125  ASP A O   1 
ATOM   633  C  CB  . ASP A 1 88  ? 4.659   -4.562  8.197   1.00 19.37 ? 125  ASP A CB  1 
ATOM   634  C  CG  . ASP A 1 88  ? 5.123   -4.996  9.591   1.00 22.18 ? 125  ASP A CG  1 
ATOM   635  O  OD1 . ASP A 1 88  ? 5.069   -6.196  9.864   1.00 22.49 ? 125  ASP A OD1 1 
ATOM   636  O  OD2 . ASP A 1 88  ? 5.515   -4.153  10.409  1.00 20.32 ? 125  ASP A OD2 1 
ATOM   637  N  N   . VAL A 1 89  ? 5.083   -2.192  6.108   1.00 19.79 ? 126  VAL A N   1 
ATOM   638  C  CA  . VAL A 1 89  ? 5.259   -2.112  4.647   1.00 19.29 ? 126  VAL A CA  1 
ATOM   639  C  C   . VAL A 1 89  ? 6.399   -3.087  4.265   1.00 19.05 ? 126  VAL A C   1 
ATOM   640  O  O   . VAL A 1 89  ? 7.517   -2.996  4.762   1.00 20.09 ? 126  VAL A O   1 
ATOM   641  C  CB  . VAL A 1 89  ? 5.500   -0.649  4.163   1.00 18.59 ? 126  VAL A CB  1 
ATOM   642  C  CG1 . VAL A 1 89  ? 5.557   -0.550  2.626   1.00 17.58 ? 126  VAL A CG1 1 
ATOM   643  C  CG2 . VAL A 1 89  ? 4.433   0.276   4.707   1.00 19.82 ? 126  VAL A CG2 1 
ATOM   644  N  N   . VAL A 1 90  ? 6.088   -4.040  3.404   1.00 19.80 ? 127  VAL A N   1 
ATOM   645  C  CA  . VAL A 1 90  ? 6.975   -5.180  3.141   1.00 19.07 ? 127  VAL A CA  1 
ATOM   646  C  C   . VAL A 1 90  ? 7.334   -5.235  1.660   1.00 19.31 ? 127  VAL A C   1 
ATOM   647  O  O   . VAL A 1 90  ? 6.503   -5.006  0.776   1.00 17.36 ? 127  VAL A O   1 
ATOM   648  C  CB  . VAL A 1 90  ? 6.268   -6.500  3.522   1.00 19.31 ? 127  VAL A CB  1 
ATOM   649  C  CG1 . VAL A 1 90  ? 7.288   -7.714  3.545   1.00 18.60 ? 127  VAL A CG1 1 
ATOM   650  C  CG2 . VAL A 1 90  ? 5.518   -6.332  4.885   1.00 18.86 ? 127  VAL A CG2 1 
ATOM   651  N  N   . LEU A 1 91  ? 8.580   -5.576  1.405   1.00 17.56 ? 128  LEU A N   1 
ATOM   652  C  CA  . LEU A 1 91  ? 9.076   -5.750  0.081   1.00 18.44 ? 128  LEU A CA  1 
ATOM   653  C  C   . LEU A 1 91  ? 9.424   -7.238  -0.040  1.00 18.85 ? 128  LEU A C   1 
ATOM   654  O  O   . LEU A 1 91  ? 10.089  -7.759  0.857   1.00 17.57 ? 128  LEU A O   1 
ATOM   655  C  CB  . LEU A 1 91  ? 10.342  -4.902  -0.048  1.00 19.66 ? 128  LEU A CB  1 
ATOM   656  C  CG  . LEU A 1 91  ? 10.306  -3.650  -0.918  1.00 21.12 ? 128  LEU A CG  1 
ATOM   657  C  CD1 . LEU A 1 91  ? 8.999   -2.887  -0.864  1.00 20.72 ? 128  LEU A CD1 1 
ATOM   658  C  CD2 . LEU A 1 91  ? 11.534  -2.743  -0.791  1.00 20.66 ? 128  LEU A CD2 1 
ATOM   659  N  N   . LEU A 1 92  ? 8.963   -7.913  -1.104  1.00 18.78 ? 129  LEU A N   1 
ATOM   660  C  CA  . LEU A 1 92  ? 9.304   -9.311  -1.332  1.00 18.79 ? 129  LEU A CA  1 
ATOM   661  C  C   . LEU A 1 92  ? 9.999   -9.490  -2.685  1.00 20.20 ? 129  LEU A C   1 
ATOM   662  O  O   . LEU A 1 92  ? 9.766   -8.702  -3.640  1.00 20.22 ? 129  LEU A O   1 
ATOM   663  C  CB  . LEU A 1 92  ? 8.063   -10.222 -1.304  1.00 18.90 ? 129  LEU A CB  1 
ATOM   664  C  CG  . LEU A 1 92  ? 6.916   -10.038 -0.314  1.00 20.79 ? 129  LEU A CG  1 
ATOM   665  C  CD1 . LEU A 1 92  ? 5.771   -11.010 -0.653  1.00 20.39 ? 129  LEU A CD1 1 
ATOM   666  C  CD2 . LEU A 1 92  ? 7.429   -10.319 1.092   1.00 18.00 ? 129  LEU A CD2 1 
ATOM   667  N  N   . ASN A 1 93  ? 10.805  -10.547 -2.767  1.00 19.35 ? 130  ASN A N   1 
ATOM   668  C  CA  . ASN A 1 93  ? 11.439  -10.946 -4.017  1.00 19.51 ? 130  ASN A CA  1 
ATOM   669  C  C   . ASN A 1 93  ? 10.478  -11.749 -4.912  1.00 21.36 ? 130  ASN A C   1 
ATOM   670  O  O   . ASN A 1 93  ? 9.282   -11.976 -4.537  1.00 21.64 ? 130  ASN A O   1 
ATOM   671  C  CB  . ASN A 1 93  ? 12.806  -11.637 -3.766  1.00 18.49 ? 130  ASN A CB  1 
ATOM   672  C  CG  . ASN A 1 93  ? 12.714  -13.016 -3.086  1.00 18.05 ? 130  ASN A CG  1 
ATOM   673  O  OD1 . ASN A 1 93  ? 13.740  -13.567 -2.631  1.00 21.48 ? 130  ASN A OD1 1 
ATOM   674  N  ND2 . ASN A 1 93  ? 11.517  -13.588 -3.033  1.00 9.25  ? 130  ASN A ND2 1 
ATOM   675  N  N   . GLU A 1 94  ? 10.979  -12.174 -6.074  1.00 21.38 ? 131  GLU A N   1 
ATOM   676  C  CA  . GLU A 1 94  ? 10.190  -12.969 -7.043  1.00 24.05 ? 131  GLU A CA  1 
ATOM   677  C  C   . GLU A 1 94  ? 9.689   -14.289 -6.420  1.00 23.49 ? 131  GLU A C   1 
ATOM   678  O  O   . GLU A 1 94  ? 8.573   -14.739 -6.716  1.00 23.84 ? 131  GLU A O   1 
ATOM   679  C  CB  . GLU A 1 94  ? 11.035  -13.157 -8.343  1.00 24.52 ? 131  GLU A CB  1 
ATOM   680  C  CG  . GLU A 1 94  ? 10.295  -13.621 -9.625  1.00 32.02 ? 131  GLU A CG  1 
ATOM   681  C  CD  . GLU A 1 94  ? 10.440  -12.609 -10.812 1.00 41.30 ? 131  GLU A CD  1 
ATOM   682  O  OE1 . GLU A 1 94  ? 11.324  -11.701 -10.796 1.00 46.11 ? 131  GLU A OE1 1 
ATOM   683  O  OE2 . GLU A 1 94  ? 9.628   -12.690 -11.763 1.00 44.94 ? 131  GLU A OE2 1 
ATOM   684  N  N   . ALA A 1 95  ? 10.470  -14.882 -5.503  1.00 22.66 ? 132  ALA A N   1 
ATOM   685  C  CA  . ALA A 1 95  ? 10.054  -16.084 -4.761  1.00 22.35 ? 132  ALA A CA  1 
ATOM   686  C  C   . ALA A 1 95  ? 9.117   -15.803 -3.578  1.00 21.95 ? 132  ALA A C   1 
ATOM   687  O  O   . ALA A 1 95  ? 8.799   -16.725 -2.818  1.00 19.79 ? 132  ALA A O   1 
ATOM   688  C  CB  . ALA A 1 95  ? 11.281  -16.898 -4.285  1.00 22.41 ? 132  ALA A CB  1 
ATOM   689  N  N   . LYS A 1 96  ? 8.696   -14.540 -3.433  1.00 22.24 ? 133  LYS A N   1 
ATOM   690  C  CA  . LYS A 1 96  ? 7.811   -14.055 -2.365  1.00 23.28 ? 133  LYS A CA  1 
ATOM   691  C  C   . LYS A 1 96  ? 8.456   -14.164 -0.976  1.00 23.45 ? 133  LYS A C   1 
ATOM   692  O  O   . LYS A 1 96  ? 7.761   -14.246 0.026   1.00 22.30 ? 133  LYS A O   1 
ATOM   693  C  CB  . LYS A 1 96  ? 6.424   -14.731 -2.389  1.00 23.25 ? 133  LYS A CB  1 
ATOM   694  C  CG  . LYS A 1 96  ? 5.681   -14.486 -3.704  1.00 27.01 ? 133  LYS A CG  1 
ATOM   695  C  CD  . LYS A 1 96  ? 4.166   -14.637 -3.579  1.00 31.92 ? 133  LYS A CD  1 
ATOM   696  C  CE  . LYS A 1 96  ? 3.551   -14.919 -4.951  1.00 35.38 ? 133  LYS A CE  1 
ATOM   697  N  NZ  . LYS A 1 96  ? 2.061   -14.844 -4.961  1.00 38.79 ? 133  LYS A NZ  1 
ATOM   698  N  N   . GLN A 1 97  ? 9.794   -14.121 -0.923  1.00 22.64 ? 134  GLN A N   1 
ATOM   699  C  CA  . GLN A 1 97  ? 10.503  -14.074 0.375   1.00 20.94 ? 134  GLN A CA  1 
ATOM   700  C  C   . GLN A 1 97  ? 10.711  -12.584 0.719   1.00 20.45 ? 134  GLN A C   1 
ATOM   701  O  O   . GLN A 1 97  ? 10.935  -11.754 -0.180  1.00 19.59 ? 134  GLN A O   1 
ATOM   702  C  CB  . GLN A 1 97  ? 11.858  -14.759 0.279   1.00 20.22 ? 134  GLN A CB  1 
ATOM   703  C  CG  . GLN A 1 97  ? 11.834  -16.224 -0.115  1.00 21.50 ? 134  GLN A CG  1 
ATOM   704  C  CD  . GLN A 1 97  ? 13.257  -16.708 -0.289  1.00 20.77 ? 134  GLN A CD  1 
ATOM   705  O  OE1 . GLN A 1 97  ? 14.004  -16.165 -1.123  1.00 19.23 ? 134  GLN A OE1 1 
ATOM   706  N  NE2 . GLN A 1 97  ? 13.670  -17.664 0.550   1.00 19.26 ? 134  GLN A NE2 1 
ATOM   707  N  N   . GLU A 1 98  ? 10.627  -12.256 2.003   1.00 19.66 ? 135  GLU A N   1 
ATOM   708  C  CA  . GLU A 1 98  ? 10.812  -10.891 2.478   1.00 20.85 ? 135  GLU A CA  1 
ATOM   709  C  C   . GLU A 1 98  ? 12.219  -10.404 2.187   1.00 20.80 ? 135  GLU A C   1 
ATOM   710  O  O   . GLU A 1 98  ? 13.176  -11.093 2.531   1.00 20.59 ? 135  GLU A O   1 
ATOM   711  C  CB  . GLU A 1 98  ? 10.501  -10.800 3.994   1.00 21.52 ? 135  GLU A CB  1 
ATOM   712  C  CG  . GLU A 1 98  ? 10.700  -9.421  4.604   1.00 22.72 ? 135  GLU A CG  1 
ATOM   713  C  CD  . GLU A 1 98  ? 10.623  -9.452  6.147   1.00 24.67 ? 135  GLU A CD  1 
ATOM   714  O  OE1 . GLU A 1 98  ? 9.719   -10.089 6.696   1.00 24.96 ? 135  GLU A OE1 1 
ATOM   715  O  OE2 . GLU A 1 98  ? 11.487  -8.835  6.791   1.00 28.34 ? 135  GLU A OE2 1 
ATOM   716  N  N   . VAL A 1 99  ? 12.359  -9.239  1.538   1.00 20.53 ? 136  VAL A N   1 
ATOM   717  C  CA  . VAL A 1 99  ? 13.679  -8.575  1.418   1.00 20.55 ? 136  VAL A CA  1 
ATOM   718  C  C   . VAL A 1 99  ? 13.791  -7.291  2.248   1.00 20.38 ? 136  VAL A C   1 
ATOM   719  O  O   . VAL A 1 99  ? 14.900  -6.774  2.464   1.00 20.76 ? 136  VAL A O   1 
ATOM   720  C  CB  . VAL A 1 99  ? 14.133  -8.282  -0.076  1.00 21.23 ? 136  VAL A CB  1 
ATOM   721  C  CG1 . VAL A 1 99  ? 14.168  -9.551  -0.893  1.00 21.59 ? 136  VAL A CG1 1 
ATOM   722  C  CG2 . VAL A 1 99  ? 13.273  -7.210  -0.722  1.00 22.29 ? 136  VAL A CG2 1 
ATOM   723  N  N   . ALA A 1 100 ? 12.660  -6.780  2.726   1.00 19.89 ? 137  ALA A N   1 
ATOM   724  C  CA  . ALA A 1 100 ? 12.672  -5.582  3.591   1.00 18.61 ? 137  ALA A CA  1 
ATOM   725  C  C   . ALA A 1 100 ? 11.323  -5.471  4.303   1.00 18.61 ? 137  ALA A C   1 
ATOM   726  O  O   . ALA A 1 100 ? 10.330  -6.044  3.844   1.00 16.94 ? 137  ALA A O   1 
ATOM   727  C  CB  . ALA A 1 100 ? 12.986  -4.313  2.771   1.00 18.48 ? 137  ALA A CB  1 
ATOM   728  N  N   . ARG A 1 101 ? 11.292  -4.773  5.432   1.00 19.13 ? 138  ARG A N   1 
ATOM   729  C  CA  . ARG A 1 101 ? 10.045  -4.583  6.200   1.00 20.31 ? 138  ARG A CA  1 
ATOM   730  C  C   . ARG A 1 101 ? 10.238  -3.366  7.092   1.00 20.94 ? 138  ARG A C   1 
ATOM   731  O  O   . ARG A 1 101 ? 11.319  -3.185  7.679   1.00 21.06 ? 138  ARG A O   1 
ATOM   732  C  CB  . ARG A 1 101 ? 9.747   -5.823  7.057   1.00 21.06 ? 138  ARG A CB  1 
ATOM   733  C  CG  . ARG A 1 101 ? 8.520   -5.687  7.987   1.00 18.37 ? 138  ARG A CG  1 
ATOM   734  C  CD  . ARG A 1 101 ? 8.214   -7.005  8.787   1.00 21.14 ? 138  ARG A CD  1 
ATOM   735  N  NE  . ARG A 1 101 ? 8.054   -8.178  7.917   1.00 20.51 ? 138  ARG A NE  1 
ATOM   736  C  CZ  . ARG A 1 101 ? 6.896   -8.718  7.505   1.00 22.57 ? 138  ARG A CZ  1 
ATOM   737  N  NH1 . ARG A 1 101 ? 5.708   -8.233  7.857   1.00 23.49 ? 138  ARG A NH1 1 
ATOM   738  N  NH2 . ARG A 1 101 ? 6.932   -9.776  6.714   1.00 23.74 ? 138  ARG A NH2 1 
ATOM   739  N  N   . GLN A 1 102 ? 9.222   -2.504  7.162   1.00 21.38 ? 139  GLN A N   1 
ATOM   740  C  CA  . GLN A 1 102 ? 9.242   -1.341  8.057   1.00 21.35 ? 139  GLN A CA  1 
ATOM   741  C  C   . GLN A 1 102 ? 7.923   -1.230  8.768   1.00 22.60 ? 139  GLN A C   1 
ATOM   742  O  O   . GLN A 1 102 ? 6.864   -1.505  8.195   1.00 22.68 ? 139  GLN A O   1 
ATOM   743  C  CB  . GLN A 1 102 ? 9.503   -0.047  7.305   1.00 21.23 ? 139  GLN A CB  1 
ATOM   744  C  CG  . GLN A 1 102 ? 10.964  0.055   6.881   1.00 21.12 ? 139  GLN A CG  1 
ATOM   745  C  CD  . GLN A 1 102 ? 11.284  1.324   6.146   1.00 20.53 ? 139  GLN A CD  1 
ATOM   746  O  OE1 . GLN A 1 102 ? 10.918  2.429   6.586   1.00 21.66 ? 139  GLN A OE1 1 
ATOM   747  N  NE2 . GLN A 1 102 ? 12.007  1.190   5.041   1.00 15.70 ? 139  GLN A NE2 1 
ATOM   748  N  N   . HIS A 1 103 ? 8.005   -0.878  10.046  1.00 23.06 ? 140  HIS A N   1 
ATOM   749  C  CA  . HIS A 1 103 ? 6.833   -0.847  10.902  1.00 24.04 ? 140  HIS A CA  1 
ATOM   750  C  C   . HIS A 1 103 ? 6.437   0.594   11.164  1.00 23.66 ? 140  HIS A C   1 
ATOM   751  O  O   . HIS A 1 103 ? 7.297   1.442   11.326  1.00 23.73 ? 140  HIS A O   1 
ATOM   752  C  CB  . HIS A 1 103 ? 7.078   -1.577  12.236  1.00 24.00 ? 140  HIS A CB  1 
ATOM   753  C  CG  . HIS A 1 103 ? 6.010   -1.298  13.243  1.00 27.06 ? 140  HIS A CG  1 
ATOM   754  N  ND1 . HIS A 1 103 ? 4.778   -1.918  13.197  1.00 29.25 ? 140  HIS A ND1 1 
ATOM   755  C  CD2 . HIS A 1 103 ? 5.937   -0.385  14.244  1.00 29.55 ? 140  HIS A CD2 1 
ATOM   756  C  CE1 . HIS A 1 103 ? 4.015   -1.447  14.171  1.00 30.16 ? 140  HIS A CE1 1 
ATOM   757  N  NE2 . HIS A 1 103 ? 4.685   -0.500  14.804  1.00 30.64 ? 140  HIS A NE2 1 
ATOM   758  N  N   . PHE A 1 104 ? 5.136   0.873   11.211  1.00 23.60 ? 141  PHE A N   1 
ATOM   759  C  CA  . PHE A 1 104 ? 4.700   2.235   11.540  1.00 24.32 ? 141  PHE A CA  1 
ATOM   760  C  C   . PHE A 1 104 ? 3.587   2.170   12.549  1.00 25.29 ? 141  PHE A C   1 
ATOM   761  O  O   . PHE A 1 104 ? 2.659   1.376   12.394  1.00 24.41 ? 141  PHE A O   1 
ATOM   762  C  CB  . PHE A 1 104 ? 4.255   2.970   10.269  1.00 24.09 ? 141  PHE A CB  1 
ATOM   763  C  CG  . PHE A 1 104 ? 5.343   3.102   9.289   1.00 23.14 ? 141  PHE A CG  1 
ATOM   764  C  CD1 . PHE A 1 104 ? 6.273   4.138   9.417   1.00 21.38 ? 141  PHE A CD1 1 
ATOM   765  C  CD2 . PHE A 1 104 ? 5.514   2.163   8.296   1.00 22.19 ? 141  PHE A CD2 1 
ATOM   766  C  CE1 . PHE A 1 104 ? 7.321   4.230   8.539   1.00 18.59 ? 141  PHE A CE1 1 
ATOM   767  C  CE2 . PHE A 1 104 ? 6.573   2.276   7.416   1.00 19.11 ? 141  PHE A CE2 1 
ATOM   768  C  CZ  . PHE A 1 104 ? 7.475   3.297   7.561   1.00 19.20 ? 141  PHE A CZ  1 
ATOM   769  N  N   . ASP A 1 105 ? 3.688   2.990   13.591  1.00 26.88 ? 142  ASP A N   1 
ATOM   770  C  CA  . ASP A 1 105 ? 2.588   3.128   14.542  1.00 29.20 ? 142  ASP A CA  1 
ATOM   771  C  C   . ASP A 1 105 ? 1.376   3.833   13.932  1.00 29.55 ? 142  ASP A C   1 
ATOM   772  O  O   . ASP A 1 105 ? 0.234   3.426   14.147  1.00 30.14 ? 142  ASP A O   1 
ATOM   773  C  CB  . ASP A 1 105 ? 3.029   3.897   15.789  1.00 29.70 ? 142  ASP A CB  1 
ATOM   774  C  CG  . ASP A 1 105 ? 3.994   3.102   16.678  1.00 32.35 ? 142  ASP A CG  1 
ATOM   775  O  OD1 . ASP A 1 105 ? 3.847   1.855   16.832  1.00 33.01 ? 142  ASP A OD1 1 
ATOM   776  O  OD2 . ASP A 1 105 ? 4.892   3.771   17.254  1.00 34.42 ? 142  ASP A OD2 1 
ATOM   777  N  N   . SER A 1 106 ? 1.630   4.888   13.167  1.00 30.94 ? 143  SER A N   1 
ATOM   778  C  CA  . SER A 1 106 ? 0.609   5.840   12.816  1.00 32.94 ? 143  SER A CA  1 
ATOM   779  C  C   . SER A 1 106 ? 1.048   6.704   11.638  1.00 34.05 ? 143  SER A C   1 
ATOM   780  O  O   . SER A 1 106 ? 2.236   6.753   11.325  1.00 34.17 ? 143  SER A O   1 
ATOM   781  C  CB  . SER A 1 106 ? 0.358   6.764   14.006  1.00 33.27 ? 143  SER A CB  1 
ATOM   782  O  OG  . SER A 1 106 ? -0.813  7.514   13.801  1.00 35.45 ? 143  SER A OG  1 
ATOM   783  N  N   . LEU A 1 107 ? 0.081   7.350   10.976  1.00 33.96 ? 144  LEU A N   1 
ATOM   784  C  CA  . LEU A 1 107 ? 0.375   8.381   9.990   1.00 34.78 ? 144  LEU A CA  1 
ATOM   785  C  C   . LEU A 1 107 ? 0.276   9.754   10.658  1.00 36.12 ? 144  LEU A C   1 
ATOM   786  O  O   . LEU A 1 107 ? 0.619   10.781  10.043  1.00 35.85 ? 144  LEU A O   1 
ATOM   787  C  CB  . LEU A 1 107 ? -0.579  8.306   8.781   1.00 33.52 ? 144  LEU A CB  1 
ATOM   788  C  CG  . LEU A 1 107 ? -0.025  7.581   7.542   1.00 32.67 ? 144  LEU A CG  1 
ATOM   789  C  CD1 . LEU A 1 107 ? 0.095   6.108   7.837   1.00 26.52 ? 144  LEU A CD1 1 
ATOM   790  C  CD2 . LEU A 1 107 ? -0.873  7.820   6.282   1.00 31.01 ? 144  LEU A CD2 1 
ATOM   791  N  N   . ASN A 1 108 ? -0.224  9.741   11.906  1.00 38.36 ? 145  ASN A N   1 
ATOM   792  C  CA  . ASN A 1 108 ? -0.321  10.922  12.793  1.00 39.78 ? 145  ASN A CA  1 
ATOM   793  C  C   . ASN A 1 108 ? -1.256  12.005  12.261  1.00 39.46 ? 145  ASN A C   1 
ATOM   794  O  O   . ASN A 1 108 ? -1.012  13.195  12.446  1.00 39.83 ? 145  ASN A O   1 
ATOM   795  C  CB  . ASN A 1 108 ? 1.068   11.522  13.076  1.00 40.39 ? 145  ASN A CB  1 
ATOM   796  C  CG  . ASN A 1 108 ? 1.874   10.723  14.089  1.00 43.96 ? 145  ASN A CG  1 
ATOM   797  O  OD1 . ASN A 1 108 ? 1.404   10.411  15.198  1.00 48.20 ? 145  ASN A OD1 1 
ATOM   798  N  ND2 . ASN A 1 108 ? 3.118   10.401  13.718  1.00 45.68 ? 145  ASN A ND2 1 
ATOM   799  N  N   . GLY A 1 109 ? -2.329  11.600  11.593  1.00 39.35 ? 146  GLY A N   1 
ATOM   800  C  CA  . GLY A 1 109 ? -3.256  12.582  11.018  1.00 38.97 ? 146  GLY A CA  1 
ATOM   801  C  C   . GLY A 1 109 ? -2.933  13.018  9.585   1.00 38.19 ? 146  GLY A C   1 
ATOM   802  O  O   . GLY A 1 109 ? -3.826  13.521  8.869   1.00 38.51 ? 146  GLY A O   1 
ATOM   803  N  N   . LYS A 1 110 ? -1.683  12.809  9.159   1.00 36.92 ? 147  LYS A N   1 
ATOM   804  C  CA  . LYS A 1 110 ? -1.266  13.077  7.776   1.00 36.12 ? 147  LYS A CA  1 
ATOM   805  C  C   . LYS A 1 110 ? -1.993  12.218  6.735   1.00 34.49 ? 147  LYS A C   1 
ATOM   806  O  O   . LYS A 1 110 ? -2.290  11.042  6.994   1.00 34.27 ? 147  LYS A O   1 
ATOM   807  C  CB  . LYS A 1 110 ? 0.244   12.930  7.615   1.00 36.75 ? 147  LYS A CB  1 
ATOM   808  C  CG  . LYS A 1 110 ? 0.995   13.701  8.668   1.00 39.72 ? 147  LYS A CG  1 
ATOM   809  C  CD  . LYS A 1 110 ? 2.263   14.306  8.142   1.00 45.55 ? 147  LYS A CD  1 
ATOM   810  C  CE  . LYS A 1 110 ? 2.690   15.439  9.063   1.00 47.53 ? 147  LYS A CE  1 
ATOM   811  N  NZ  . LYS A 1 110 ? 2.937   16.680  8.293   1.00 49.46 ? 147  LYS A NZ  1 
ATOM   812  N  N   . ALA A 1 111 ? -2.264  12.803  5.570   1.00 31.76 ? 148  ALA A N   1 
ATOM   813  C  CA  . ALA A 1 111 ? -2.989  12.108  4.505   1.00 30.64 ? 148  ALA A CA  1 
ATOM   814  C  C   . ALA A 1 111 ? -2.131  11.064  3.769   1.00 29.44 ? 148  ALA A C   1 
ATOM   815  O  O   . ALA A 1 111 ? -2.660  10.145  3.122   1.00 28.18 ? 148  ALA A O   1 
ATOM   816  C  CB  . ALA A 1 111 ? -3.554  13.133  3.513   1.00 30.86 ? 148  ALA A CB  1 
ATOM   817  N  N   . GLU A 1 112 ? -0.811  11.222  3.868   1.00 29.05 ? 149  GLU A N   1 
ATOM   818  C  CA  . GLU A 1 112 ? 0.151   10.344  3.204   1.00 28.76 ? 149  GLU A CA  1 
ATOM   819  C  C   . GLU A 1 112 ? 1.348   9.927   4.075   1.00 27.59 ? 149  GLU A C   1 
ATOM   820  O  O   . GLU A 1 112 ? 1.654   10.567  5.085   1.00 27.34 ? 149  GLU A O   1 
ATOM   821  C  CB  . GLU A 1 112 ? 0.629   10.940  1.882   1.00 28.82 ? 149  GLU A CB  1 
ATOM   822  C  CG  . GLU A 1 112 ? 1.151   12.337  1.963   1.00 35.66 ? 149  GLU A CG  1 
ATOM   823  C  CD  . GLU A 1 112 ? 1.026   13.070  0.621   1.00 42.23 ? 149  GLU A CD  1 
ATOM   824  O  OE1 . GLU A 1 112 ? -0.118  13.273  0.138   1.00 45.95 ? 149  GLU A OE1 1 
ATOM   825  O  OE2 . GLU A 1 112 ? 2.068   13.434  0.034   1.00 45.35 ? 149  GLU A OE2 1 
ATOM   826  N  N   . LEU A 1 113 ? 1.997   8.832   3.666   1.00 25.99 ? 150  LEU A N   1 
ATOM   827  C  CA  . LEU A 1 113 ? 3.239   8.383   4.288   1.00 24.30 ? 150  LEU A CA  1 
ATOM   828  C  C   . LEU A 1 113 ? 4.222   8.032   3.186   1.00 23.67 ? 150  LEU A C   1 
ATOM   829  O  O   . LEU A 1 113 ? 3.892   7.230   2.288   1.00 22.25 ? 150  LEU A O   1 
ATOM   830  C  CB  . LEU A 1 113 ? 3.008   7.157   5.194   1.00 24.02 ? 150  LEU A CB  1 
ATOM   831  C  CG  . LEU A 1 113 ? 4.251   6.468   5.795   1.00 22.91 ? 150  LEU A CG  1 
ATOM   832  C  CD1 . LEU A 1 113 ? 4.970   7.409   6.777   1.00 19.24 ? 150  LEU A CD1 1 
ATOM   833  C  CD2 . LEU A 1 113 ? 3.873   5.175   6.528   1.00 21.07 ? 150  LEU A CD2 1 
ATOM   834  N  N   . GLU A 1 114 ? 5.416   8.636   3.259   1.00 22.43 ? 151  GLU A N   1 
ATOM   835  C  CA  . GLU A 1 114 ? 6.534   8.271   2.387   1.00 23.53 ? 151  GLU A CA  1 
ATOM   836  C  C   . GLU A 1 114 ? 7.435   7.249   3.060   1.00 22.86 ? 151  GLU A C   1 
ATOM   837  O  O   . GLU A 1 114 ? 7.960   7.502   4.165   1.00 23.08 ? 151  GLU A O   1 
ATOM   838  C  CB  . GLU A 1 114 ? 7.328   9.511   1.927   1.00 23.60 ? 151  GLU A CB  1 
ATOM   839  C  CG  . GLU A 1 114 ? 6.491   10.445  1.016   1.00 26.49 ? 151  GLU A CG  1 
ATOM   840  C  CD  . GLU A 1 114 ? 7.292   11.613  0.445   1.00 27.92 ? 151  GLU A CD  1 
ATOM   841  O  OE1 . GLU A 1 114 ? 8.140   12.172  1.153   1.00 30.16 ? 151  GLU A OE1 1 
ATOM   842  O  OE2 . GLU A 1 114 ? 7.097   11.928  -0.738  1.00 30.52 ? 151  GLU A OE2 1 
ATOM   843  N  N   . VAL A 1 115 ? 7.619   6.095   2.410   1.00 21.48 ? 152  VAL A N   1 
ATOM   844  C  CA  . VAL A 1 115 ? 8.467   5.032   2.983   1.00 19.90 ? 152  VAL A CA  1 
ATOM   845  C  C   . VAL A 1 115 ? 9.710   4.876   2.096   1.00 20.07 ? 152  VAL A C   1 
ATOM   846  O  O   . VAL A 1 115 ? 9.581   4.675   0.897   1.00 19.89 ? 152  VAL A O   1 
ATOM   847  C  CB  . VAL A 1 115 ? 7.710   3.687   3.159   1.00 20.33 ? 152  VAL A CB  1 
ATOM   848  C  CG1 . VAL A 1 115 ? 8.572   2.621   3.923   1.00 18.54 ? 152  VAL A CG1 1 
ATOM   849  C  CG2 . VAL A 1 115 ? 6.360   3.905   3.858   1.00 17.59 ? 152  VAL A CG2 1 
ATOM   850  N  N   . PHE A 1 116 ? 10.895  5.036   2.683   1.00 19.46 ? 153  PHE A N   1 
ATOM   851  C  CA  . PHE A 1 116 ? 12.156  4.971   1.916   1.00 20.30 ? 153  PHE A CA  1 
ATOM   852  C  C   . PHE A 1 116 ? 12.887  3.638   2.168   1.00 20.38 ? 153  PHE A C   1 
ATOM   853  O  O   . PHE A 1 116 ? 13.134  3.243   3.334   1.00 19.66 ? 153  PHE A O   1 
ATOM   854  C  CB  . PHE A 1 116 ? 13.053  6.189   2.202   1.00 20.29 ? 153  PHE A CB  1 
ATOM   855  C  CG  . PHE A 1 116 ? 12.481  7.520   1.671   1.00 23.09 ? 153  PHE A CG  1 
ATOM   856  C  CD1 . PHE A 1 116 ? 12.716  7.927   0.356   1.00 24.47 ? 153  PHE A CD1 1 
ATOM   857  C  CD2 . PHE A 1 116 ? 11.706  8.347   2.491   1.00 23.07 ? 153  PHE A CD2 1 
ATOM   858  C  CE1 . PHE A 1 116 ? 12.188  9.167   -0.123  1.00 28.28 ? 153  PHE A CE1 1 
ATOM   859  C  CE2 . PHE A 1 116 ? 11.185  9.592   2.025   1.00 22.65 ? 153  PHE A CE2 1 
ATOM   860  C  CZ  . PHE A 1 116 ? 11.409  9.974   0.704   1.00 24.39 ? 153  PHE A CZ  1 
ATOM   861  N  N   . PHE A 1 117 ? 13.108  2.900   1.082   1.00 20.21 ? 154  PHE A N   1 
ATOM   862  C  CA  . PHE A 1 117 ? 13.837  1.638   1.166   1.00 20.63 ? 154  PHE A CA  1 
ATOM   863  C  C   . PHE A 1 117 ? 15.232  1.860   0.584   1.00 20.67 ? 154  PHE A C   1 
ATOM   864  O  O   . PHE A 1 117 ? 15.417  2.697   -0.330  1.00 19.91 ? 154  PHE A O   1 
ATOM   865  C  CB  . PHE A 1 117 ? 13.099  0.508   0.459   1.00 19.93 ? 154  PHE A CB  1 
ATOM   866  C  CG  . PHE A 1 117 ? 11.869  0.040   1.197   1.00 19.72 ? 154  PHE A CG  1 
ATOM   867  C  CD1 . PHE A 1 117 ? 11.968  -0.939  2.192   1.00 18.77 ? 154  PHE A CD1 1 
ATOM   868  C  CD2 . PHE A 1 117 ? 10.620  0.573   0.888   1.00 17.99 ? 154  PHE A CD2 1 
ATOM   869  C  CE1 . PHE A 1 117 ? 10.834  -1.375  2.882   1.00 21.94 ? 154  PHE A CE1 1 
ATOM   870  C  CE2 . PHE A 1 117 ? 9.468   0.128   1.571   1.00 19.70 ? 154  PHE A CE2 1 
ATOM   871  C  CZ  . PHE A 1 117 ? 9.574   -0.818  2.565   1.00 19.40 ? 154  PHE A CZ  1 
ATOM   872  N  N   . THR A 1 118 ? 16.212  1.141   1.137   1.00 19.61 ? 155  THR A N   1 
ATOM   873  C  CA  . THR A 1 118 ? 17.615  1.330   0.735   1.00 19.74 ? 155  THR A CA  1 
ATOM   874  C  C   . THR A 1 118 ? 17.948  0.397   -0.434  1.00 20.44 ? 155  THR A C   1 
ATOM   875  O  O   . THR A 1 118 ? 18.445  -0.723  -0.215  1.00 19.60 ? 155  THR A O   1 
ATOM   876  C  CB  . THR A 1 118 ? 18.593  1.084   1.930   1.00 20.63 ? 155  THR A CB  1 
ATOM   877  O  OG1 . THR A 1 118 ? 18.184  1.892   3.042   1.00 20.92 ? 155  THR A OG1 1 
ATOM   878  C  CG2 . THR A 1 118 ? 20.027  1.456   1.519   1.00 18.96 ? 155  THR A CG2 1 
ATOM   879  N  N   . ALA A 1 119 ? 17.593  0.836   -1.654  1.00 20.71 ? 156  ALA A N   1 
ATOM   880  C  CA  . ALA A 1 119 ? 17.963  0.141   -2.889  1.00 21.10 ? 156  ALA A CA  1 
ATOM   881  C  C   . ALA A 1 119 ? 17.649  -1.380  -2.861  1.00 21.35 ? 156  ALA A C   1 
ATOM   882  O  O   . ALA A 1 119 ? 18.529  -2.215  -3.047  1.00 20.12 ? 156  ALA A O   1 
ATOM   883  C  CB  . ALA A 1 119 ? 19.414  0.392   -3.222  1.00 21.58 ? 156  ALA A CB  1 
ATOM   884  N  N   . LYS A 1 120 ? 16.372  -1.714  -2.643  1.00 20.71 ? 157  LYS A N   1 
ATOM   885  C  CA  . LYS A 1 120 ? 15.941  -3.086  -2.487  1.00 20.63 ? 157  LYS A CA  1 
ATOM   886  C  C   . LYS A 1 120 ? 15.349  -3.645  -3.778  1.00 20.69 ? 157  LYS A C   1 
ATOM   887  O  O   . LYS A 1 120 ? 14.382  -3.099  -4.340  1.00 20.54 ? 157  LYS A O   1 
ATOM   888  C  CB  . LYS A 1 120 ? 14.909  -3.182  -1.360  1.00 19.29 ? 157  LYS A CB  1 
ATOM   889  C  CG  . LYS A 1 120 ? 15.429  -2.717  0.035   1.00 19.72 ? 157  LYS A CG  1 
ATOM   890  C  CD  . LYS A 1 120 ? 16.435  -3.720  0.578   1.00 18.33 ? 157  LYS A CD  1 
ATOM   891  C  CE  . LYS A 1 120 ? 17.086  -3.258  1.848   1.00 19.17 ? 157  LYS A CE  1 
ATOM   892  N  NZ  . LYS A 1 120 ? 18.276  -4.087  2.136   1.00 21.14 ? 157  LYS A NZ  1 
ATOM   893  N  N   . ASP A 1 121 ? 15.887  -4.781  -4.215  1.00 20.02 ? 158  ASP A N   1 
ATOM   894  C  CA  . ASP A 1 121 ? 15.401  -5.436  -5.394  1.00 19.68 ? 158  ASP A CA  1 
ATOM   895  C  C   . ASP A 1 121 ? 14.182  -6.304  -5.019  1.00 19.72 ? 158  ASP A C   1 
ATOM   896  O  O   . ASP A 1 121 ? 14.312  -7.313  -4.305  1.00 20.48 ? 158  ASP A O   1 
ATOM   897  C  CB  . ASP A 1 121 ? 16.530  -6.233  -6.023  1.00 19.02 ? 158  ASP A CB  1 
ATOM   898  C  CG  . ASP A 1 121 ? 17.626  -5.333  -6.533  1.00 19.54 ? 158  ASP A CG  1 
ATOM   899  O  OD1 . ASP A 1 121 ? 17.404  -4.523  -7.488  1.00 18.18 ? 158  ASP A OD1 1 
ATOM   900  O  OD2 . ASP A 1 121 ? 18.709  -5.430  -5.970  1.00 16.83 ? 158  ASP A OD2 1 
ATOM   901  N  N   . ALA A 1 122 ? 12.993  -5.883  -5.463  1.00 19.40 ? 159  ALA A N   1 
ATOM   902  C  CA  . ALA A 1 122 ? 11.737  -6.515  -5.030  1.00 18.79 ? 159  ALA A CA  1 
ATOM   903  C  C   . ALA A 1 122 ? 10.805  -6.577  -6.206  1.00 19.31 ? 159  ALA A C   1 
ATOM   904  O  O   . ALA A 1 122 ? 10.919  -5.769  -7.129  1.00 20.08 ? 159  ALA A O   1 
ATOM   905  C  CB  . ALA A 1 122 ? 11.096  -5.730  -3.913  1.00 17.52 ? 159  ALA A CB  1 
ATOM   906  N  N   . ARG A 1 123 ? 9.944   -7.579  -6.192  1.00 18.48 ? 160  ARG A N   1 
ATOM   907  C  CA  . ARG A 1 123 ? 8.874   -7.731  -7.183  1.00 18.94 ? 160  ARG A CA  1 
ATOM   908  C  C   . ARG A 1 123 ? 7.493   -7.383  -6.586  1.00 18.56 ? 160  ARG A C   1 
ATOM   909  O  O   . ARG A 1 123 ? 6.596   -6.888  -7.306  1.00 18.46 ? 160  ARG A O   1 
ATOM   910  C  CB  . ARG A 1 123 ? 8.850   -9.138  -7.795  1.00 18.28 ? 160  ARG A CB  1 
ATOM   911  C  CG  . ARG A 1 123 ? 7.520   -9.409  -8.569  1.00 19.62 ? 160  ARG A CG  1 
ATOM   912  C  CD  . ARG A 1 123 ? 7.665   -10.399 -9.684  1.00 21.94 ? 160  ARG A CD  1 
ATOM   913  N  NE  . ARG A 1 123 ? 6.359   -10.707 -10.260 1.00 24.70 ? 160  ARG A NE  1 
ATOM   914  C  CZ  . ARG A 1 123 ? 6.174   -11.621 -11.204 1.00 27.25 ? 160  ARG A CZ  1 
ATOM   915  N  NH1 . ARG A 1 123 ? 7.220   -12.296 -11.693 1.00 25.93 ? 160  ARG A NH1 1 
ATOM   916  N  NH2 . ARG A 1 123 ? 4.955   -11.851 -11.665 1.00 25.93 ? 160  ARG A NH2 1 
ATOM   917  N  N   . TYR A 1 124 ? 7.321   -7.623  -5.290  1.00 18.95 ? 161  TYR A N   1 
ATOM   918  C  CA  . TYR A 1 124 ? 6.037   -7.361  -4.599  1.00 18.47 ? 161  TYR A CA  1 
ATOM   919  C  C   . TYR A 1 124 ? 6.139   -6.316  -3.517  1.00 18.84 ? 161  TYR A C   1 
ATOM   920  O  O   . TYR A 1 124 ? 7.162   -6.226  -2.828  1.00 19.14 ? 161  TYR A O   1 
ATOM   921  C  CB  . TYR A 1 124 ? 5.450   -8.641  -3.976  1.00 19.12 ? 161  TYR A CB  1 
ATOM   922  C  CG  . TYR A 1 124 ? 5.206   -9.758  -4.968  1.00 19.54 ? 161  TYR A CG  1 
ATOM   923  C  CD1 . TYR A 1 124 ? 6.246   -10.639 -5.303  1.00 21.01 ? 161  TYR A CD1 1 
ATOM   924  C  CD2 . TYR A 1 124 ? 3.946   -9.945  -5.581  1.00 19.44 ? 161  TYR A CD2 1 
ATOM   925  C  CE1 . TYR A 1 124 ? 6.047   -11.654 -6.193  1.00 18.90 ? 161  TYR A CE1 1 
ATOM   926  C  CE2 . TYR A 1 124 ? 3.723   -11.013 -6.470  1.00 19.35 ? 161  TYR A CE2 1 
ATOM   927  C  CZ  . TYR A 1 124 ? 4.805   -11.831 -6.790  1.00 20.49 ? 161  TYR A CZ  1 
ATOM   928  O  OH  . TYR A 1 124 ? 4.710   -12.881 -7.666  1.00 22.04 ? 161  TYR A OH  1 
ATOM   929  N  N   . VAL A 1 125 ? 5.069   -5.527  -3.338  1.00 18.38 ? 162  VAL A N   1 
ATOM   930  C  CA  . VAL A 1 125 ? 5.039   -4.544  -2.252  1.00 17.08 ? 162  VAL A CA  1 
ATOM   931  C  C   . VAL A 1 125 ? 3.748   -4.827  -1.525  1.00 18.52 ? 162  VAL A C   1 
ATOM   932  O  O   . VAL A 1 125 ? 2.702   -4.954  -2.193  1.00 18.21 ? 162  VAL A O   1 
ATOM   933  C  CB  . VAL A 1 125 ? 4.997   -3.083  -2.774  1.00 18.28 ? 162  VAL A CB  1 
ATOM   934  C  CG1 . VAL A 1 125 ? 4.896   -2.081  -1.588  1.00 15.99 ? 162  VAL A CG1 1 
ATOM   935  C  CG2 . VAL A 1 125 ? 6.204   -2.767  -3.720  1.00 16.04 ? 162  VAL A CG2 1 
ATOM   936  N  N   . LYS A 1 126 ? 3.806   -4.913  -0.194  1.00 18.45 ? 163  LYS A N   1 
ATOM   937  C  CA  . LYS A 1 126 ? 2.650   -5.353  0.604   1.00 20.01 ? 163  LYS A CA  1 
ATOM   938  C  C   . LYS A 1 126 ? 2.480   -4.381  1.752   1.00 19.33 ? 163  LYS A C   1 
ATOM   939  O  O   . LYS A 1 126 ? 3.462   -3.901  2.287   1.00 19.17 ? 163  LYS A O   1 
ATOM   940  C  CB  . LYS A 1 126 ? 2.946   -6.734  1.196   1.00 20.91 ? 163  LYS A CB  1 
ATOM   941  C  CG  . LYS A 1 126 ? 1.945   -7.781  0.834   1.00 25.75 ? 163  LYS A CG  1 
ATOM   942  C  CD  . LYS A 1 126 ? 2.256   -9.132  1.421   1.00 30.22 ? 163  LYS A CD  1 
ATOM   943  C  CE  . LYS A 1 126 ? 1.041   -9.556  2.253   1.00 31.29 ? 163  LYS A CE  1 
ATOM   944  N  NZ  . LYS A 1 126 ? 1.143   -10.928 2.738   1.00 31.98 ? 163  LYS A NZ  1 
ATOM   945  N  N   . VAL A 1 127 ? 1.226   -4.106  2.120   1.00 19.15 ? 164  VAL A N   1 
ATOM   946  C  CA  . VAL A 1 127 ? 0.902   -3.412  3.345   1.00 18.50 ? 164  VAL A CA  1 
ATOM   947  C  C   . VAL A 1 127 ? 0.137   -4.434  4.224   1.00 19.82 ? 164  VAL A C   1 
ATOM   948  O  O   . VAL A 1 127 ? -0.828  -5.036  3.771   1.00 19.04 ? 164  VAL A O   1 
ATOM   949  C  CB  . VAL A 1 127 ? 0.025   -2.195  3.062   1.00 18.52 ? 164  VAL A CB  1 
ATOM   950  C  CG1 . VAL A 1 127 ? -0.375  -1.547  4.376   1.00 16.35 ? 164  VAL A CG1 1 
ATOM   951  C  CG2 . VAL A 1 127 ? 0.799   -1.180  2.157   1.00 15.30 ? 164  VAL A CG2 1 
ATOM   952  N  N   . GLU A 1 128 ? 0.551   -4.577  5.483   1.00 20.47 ? 165  GLU A N   1 
ATOM   953  C  CA  . GLU A 1 128 ? 0.033   -5.594  6.363   1.00 20.24 ? 165  GLU A CA  1 
ATOM   954  C  C   . GLU A 1 128 ? -0.385  -4.935  7.637   1.00 21.02 ? 165  GLU A C   1 
ATOM   955  O  O   . GLU A 1 128 ? 0.485   -4.442  8.377   1.00 21.58 ? 165  GLU A O   1 
ATOM   956  C  CB  . GLU A 1 128 ? 1.161   -6.564  6.677   1.00 20.82 ? 165  GLU A CB  1 
ATOM   957  C  CG  . GLU A 1 128 ? 1.529   -7.485  5.503   1.00 21.22 ? 165  GLU A CG  1 
ATOM   958  C  CD  . GLU A 1 128 ? 2.582   -8.513  5.877   1.00 25.31 ? 165  GLU A CD  1 
ATOM   959  O  OE1 . GLU A 1 128 ? 3.120   -8.465  7.007   1.00 24.32 ? 165  GLU A OE1 1 
ATOM   960  O  OE2 . GLU A 1 128 ? 2.869   -9.367  5.028   1.00 22.56 ? 165  GLU A OE2 1 
ATOM   961  N  N   . LEU A 1 129 ? -1.688  -4.922  7.935   1.00 21.02 ? 166  LEU A N   1 
ATOM   962  C  CA  . LEU A 1 129 ? -2.134  -4.494  9.261   1.00 21.66 ? 166  LEU A CA  1 
ATOM   963  C  C   . LEU A 1 129 ? -1.788  -5.564  10.302  1.00 22.61 ? 166  LEU A C   1 
ATOM   964  O  O   . LEU A 1 129 ? -1.886  -6.760  10.014  1.00 21.43 ? 166  LEU A O   1 
ATOM   965  C  CB  . LEU A 1 129 ? -3.643  -4.177  9.309   1.00 20.86 ? 166  LEU A CB  1 
ATOM   966  C  CG  . LEU A 1 129 ? -4.137  -2.981  8.447   1.00 20.38 ? 166  LEU A CG  1 
ATOM   967  C  CD1 . LEU A 1 129 ? -5.639  -2.698  8.742   1.00 19.33 ? 166  LEU A CD1 1 
ATOM   968  C  CD2 . LEU A 1 129 ? -3.311  -1.731  8.732   1.00 21.02 ? 166  LEU A CD2 1 
ATOM   969  N  N   . LYS A 1 130 ? -1.438  -5.119  11.514  1.00 23.60 ? 167  LYS A N   1 
ATOM   970  C  CA  . LYS A 1 130 ? -1.134  -6.036  12.623  1.00 25.59 ? 167  LYS A CA  1 
ATOM   971  C  C   . LYS A 1 130 ? -2.201  -6.062  13.704  1.00 27.10 ? 167  LYS A C   1 
ATOM   972  O  O   . LYS A 1 130 ? -2.040  -6.620  14.794  1.00 27.58 ? 167  LYS A O   1 
ATOM   973  C  CB  . LYS A 1 130 ? 0.233   -5.734  13.203  1.00 25.46 ? 167  LYS A CB  1 
ATOM   974  C  CG  . LYS A 1 130 ? 1.338   -6.051  12.161  1.00 27.57 ? 167  LYS A CG  1 
ATOM   975  C  CD  . LYS A 1 130 ? 2.726   -6.063  12.788  1.00 34.58 ? 167  LYS A CD  1 
ATOM   976  C  CE  . LYS A 1 130 ? 3.157   -4.658  13.140  1.00 38.46 ? 167  LYS A CE  1 
ATOM   977  N  NZ  . LYS A 1 130 ? 4.652   -4.552  13.257  1.00 44.42 ? 167  LYS A NZ  1 
ATOM   978  N  N   . THR A 1 131 ? -3.348  -5.541  13.341  1.00 28.16 ? 168  THR A N   1 
ATOM   979  C  CA  . THR A 1 131 ? -4.358  -5.203  14.295  1.00 28.85 ? 168  THR A CA  1 
ATOM   980  C  C   . THR A 1 131 ? -5.589  -6.147  14.131  1.00 28.56 ? 168  THR A C   1 
ATOM   981  O  O   . THR A 1 131 ? -5.825  -6.702  13.042  1.00 28.37 ? 168  THR A O   1 
ATOM   982  C  CB  . THR A 1 131 ? -4.602  -3.752  14.036  1.00 29.59 ? 168  THR A CB  1 
ATOM   983  O  OG1 . THR A 1 131 ? -4.616  -3.014  15.253  1.00 33.26 ? 168  THR A OG1 1 
ATOM   984  C  CG2 . THR A 1 131 ? -5.779  -3.546  13.180  1.00 30.81 ? 168  THR A CG2 1 
ATOM   985  N  N   . LYS A 1 132 ? -6.327  -6.395  15.221  1.00 26.97 ? 169  LYS A N   1 
ATOM   986  C  CA  . LYS A 1 132 ? -7.444  -7.324  15.148  1.00 26.79 ? 169  LYS A CA  1 
ATOM   987  C  C   . LYS A 1 132 ? -8.671  -6.630  14.611  1.00 25.15 ? 169  LYS A C   1 
ATOM   988  O  O   . LYS A 1 132 ? -8.874  -5.428  14.844  1.00 24.10 ? 169  LYS A O   1 
ATOM   989  C  CB  . LYS A 1 132 ? -7.745  -7.982  16.513  1.00 27.34 ? 169  LYS A CB  1 
ATOM   990  C  CG  . LYS A 1 132 ? -6.637  -8.964  16.925  1.00 31.14 ? 169  LYS A CG  1 
ATOM   991  C  CD  . LYS A 1 132 ? -7.110  -9.932  17.999  1.00 38.39 ? 169  LYS A CD  1 
ATOM   992  C  CE  . LYS A 1 132 ? -5.967  -10.855 18.466  1.00 41.56 ? 169  LYS A CE  1 
ATOM   993  N  NZ  . LYS A 1 132 ? -5.165  -11.387 17.314  1.00 45.39 ? 169  LYS A NZ  1 
ATOM   994  N  N   . ASN A 1 133 ? -9.467  -7.395  13.863  1.00 24.32 ? 170  ASN A N   1 
ATOM   995  C  CA  . ASN A 1 133 ? -10.828 -6.987  13.451  1.00 23.91 ? 170  ASN A CA  1 
ATOM   996  C  C   . ASN A 1 133 ? -10.859 -5.567  12.913  1.00 23.10 ? 170  ASN A C   1 
ATOM   997  O  O   . ASN A 1 133 ? -11.705 -4.762  13.302  1.00 23.55 ? 170  ASN A O   1 
ATOM   998  C  CB  . ASN A 1 133 ? -11.791 -7.100  14.637  1.00 24.19 ? 170  ASN A CB  1 
ATOM   999  C  CG  . ASN A 1 133 ? -13.207 -6.914  14.232  1.00 25.80 ? 170  ASN A CG  1 
ATOM   1000 O  OD1 . ASN A 1 133 ? -13.952 -6.185  14.870  1.00 26.72 ? 170  ASN A OD1 1 
ATOM   1001 N  ND2 . ASN A 1 133 ? -13.581 -7.518  13.135  1.00 27.88 ? 170  ASN A ND2 1 
ATOM   1002 N  N   . THR A 1 134 ? -9.908  -5.258  12.031  1.00 22.12 ? 171  THR A N   1 
ATOM   1003 C  CA  . THR A 1 134 ? -9.884  -3.967  11.374  1.00 21.32 ? 171  THR A CA  1 
ATOM   1004 C  C   . THR A 1 134 ? -9.613  -4.060  9.855   1.00 20.73 ? 171  THR A C   1 
ATOM   1005 O  O   . THR A 1 134 ? -8.838  -4.911  9.418   1.00 20.43 ? 171  THR A O   1 
ATOM   1006 C  CB  . THR A 1 134 ? -9.114  -2.846  12.187  1.00 22.65 ? 171  THR A CB  1 
ATOM   1007 O  OG1 . THR A 1 134 ? -8.213  -2.066  11.377  1.00 24.22 ? 171  THR A OG1 1 
ATOM   1008 C  CG2 . THR A 1 134 ? -8.458  -3.336  13.352  1.00 15.19 ? 171  THR A CG2 1 
ATOM   1009 N  N   . PRO A 1 135 ? -10.345 -3.259  9.060   1.00 20.44 ? 172  PRO A N   1 
ATOM   1010 C  CA  . PRO A 1 135 ? -10.209 -3.338  7.596   1.00 19.44 ? 172  PRO A CA  1 
ATOM   1011 C  C   . PRO A 1 135 ? -9.067  -2.468  7.124   1.00 19.56 ? 172  PRO A C   1 
ATOM   1012 O  O   . PRO A 1 135 ? -8.778  -1.410  7.725   1.00 18.58 ? 172  PRO A O   1 
ATOM   1013 C  CB  . PRO A 1 135 ? -11.548 -2.772  7.077   1.00 20.06 ? 172  PRO A CB  1 
ATOM   1014 C  CG  . PRO A 1 135 ? -12.029 -1.843  8.185   1.00 19.61 ? 172  PRO A CG  1 
ATOM   1015 C  CD  . PRO A 1 135 ? -11.365 -2.269  9.484   1.00 19.78 ? 172  PRO A CD  1 
ATOM   1016 N  N   . LEU A 1 136 ? -8.407  -2.939  6.072   1.00 20.13 ? 173  LEU A N   1 
ATOM   1017 C  CA  . LEU A 1 136 ? -7.371  -2.151  5.379   1.00 19.09 ? 173  LEU A CA  1 
ATOM   1018 C  C   . LEU A 1 136 ? -7.981  -1.405  4.200   1.00 18.25 ? 173  LEU A C   1 
ATOM   1019 O  O   . LEU A 1 136 ? -8.527  -2.038  3.296   1.00 17.05 ? 173  LEU A O   1 
ATOM   1020 C  CB  . LEU A 1 136 ? -6.263  -3.061  4.876   1.00 18.55 ? 173  LEU A CB  1 
ATOM   1021 C  CG  . LEU A 1 136 ? -5.154  -2.390  4.059   1.00 17.83 ? 173  LEU A CG  1 
ATOM   1022 C  CD1 . LEU A 1 136 ? -4.533  -1.228  4.819   1.00 16.14 ? 173  LEU A CD1 1 
ATOM   1023 C  CD2 . LEU A 1 136 ? -4.092  -3.433  3.728   1.00 18.77 ? 173  LEU A CD2 1 
ATOM   1024 N  N   . SER A 1 137 ? -7.850  -0.072  4.224   1.00 17.34 ? 174  SER A N   1 
ATOM   1025 C  CA  . SER A 1 137 ? -8.327  0.832   3.186   1.00 18.25 ? 174  SER A CA  1 
ATOM   1026 C  C   . SER A 1 137 ? -7.191  1.766   2.743   1.00 18.93 ? 174  SER A C   1 
ATOM   1027 O  O   . SER A 1 137 ? -6.650  2.534   3.551   1.00 18.00 ? 174  SER A O   1 
ATOM   1028 C  CB  . SER A 1 137 ? -9.482  1.721   3.695   1.00 18.04 ? 174  SER A CB  1 
ATOM   1029 O  OG  . SER A 1 137 ? -10.684 0.956   3.841   1.00 19.58 ? 174  SER A OG  1 
ATOM   1030 N  N   . LEU A 1 138 ? -6.856  1.711   1.453   1.00 18.26 ? 175  LEU A N   1 
ATOM   1031 C  CA  . LEU A 1 138 ? -5.817  2.555   0.888   1.00 17.43 ? 175  LEU A CA  1 
ATOM   1032 C  C   . LEU A 1 138 ? -6.382  3.372   -0.282  1.00 17.87 ? 175  LEU A C   1 
ATOM   1033 O  O   . LEU A 1 138 ? -6.974  2.800   -1.215  1.00 18.24 ? 175  LEU A O   1 
ATOM   1034 C  CB  . LEU A 1 138 ? -4.653  1.676   0.403   1.00 18.24 ? 175  LEU A CB  1 
ATOM   1035 C  CG  . LEU A 1 138 ? -3.892  0.950   1.528   1.00 17.00 ? 175  LEU A CG  1 
ATOM   1036 C  CD1 . LEU A 1 138 ? -3.133  -0.316  1.052   1.00 21.04 ? 175  LEU A CD1 1 
ATOM   1037 C  CD2 . LEU A 1 138 ? -2.978  1.931   2.250   1.00 18.72 ? 175  LEU A CD2 1 
ATOM   1038 N  N   . ALA A 1 139 ? -6.144  4.686   -0.275  1.00 16.80 ? 176  ALA A N   1 
ATOM   1039 C  CA  . ALA A 1 139 ? -6.554  5.534   -1.395  1.00 17.31 ? 176  ALA A CA  1 
ATOM   1040 C  C   . ALA A 1 139 ? -5.654  5.241   -2.594  1.00 17.33 ? 176  ALA A C   1 
ATOM   1041 O  O   . ALA A 1 139 ? -6.108  5.250   -3.735  1.00 17.27 ? 176  ALA A O   1 
ATOM   1042 C  CB  . ALA A 1 139 ? -6.517  7.055   -0.997  1.00 14.78 ? 176  ALA A CB  1 
ATOM   1043 N  N   . GLU A 1 140 ? -4.378  4.993   -2.321  1.00 16.92 ? 177  GLU A N   1 
ATOM   1044 C  CA  . GLU A 1 140 ? -3.377  4.781   -3.368  1.00 17.54 ? 177  GLU A CA  1 
ATOM   1045 C  C   . GLU A 1 140 ? -2.069  4.319   -2.751  1.00 16.60 ? 177  GLU A C   1 
ATOM   1046 O  O   . GLU A 1 140 ? -1.721  4.688   -1.620  1.00 17.59 ? 177  GLU A O   1 
ATOM   1047 C  CB  . GLU A 1 140 ? -3.138  6.060   -4.222  1.00 17.18 ? 177  GLU A CB  1 
ATOM   1048 C  CG  . GLU A 1 140 ? -2.392  5.834   -5.536  1.00 17.08 ? 177  GLU A CG  1 
ATOM   1049 C  CD  . GLU A 1 140 ? -3.285  5.322   -6.689  1.00 15.94 ? 177  GLU A CD  1 
ATOM   1050 O  OE1 . GLU A 1 140 ? -4.495  5.052   -6.506  1.00 17.73 ? 177  GLU A OE1 1 
ATOM   1051 O  OE2 . GLU A 1 140 ? -2.773  5.182   -7.813  1.00 19.35 ? 177  GLU A OE2 1 
ATOM   1052 N  N   . VAL A 1 141 ? -1.383  3.457   -3.491  1.00 18.51 ? 178  VAL A N   1 
ATOM   1053 C  CA  . VAL A 1 141 ? 0.007   3.083   -3.213  1.00 18.10 ? 178  VAL A CA  1 
ATOM   1054 C  C   . VAL A 1 141 ? 0.828   3.386   -4.453  1.00 18.05 ? 178  VAL A C   1 
ATOM   1055 O  O   . VAL A 1 141 ? 0.543   2.876   -5.549  1.00 18.31 ? 178  VAL A O   1 
ATOM   1056 C  CB  . VAL A 1 141 ? 0.144   1.590   -2.785  1.00 19.17 ? 178  VAL A CB  1 
ATOM   1057 C  CG1 . VAL A 1 141 ? 1.628   1.222   -2.549  1.00 16.32 ? 178  VAL A CG1 1 
ATOM   1058 C  CG2 . VAL A 1 141 ? -0.717  1.316   -1.533  1.00 17.37 ? 178  VAL A CG2 1 
ATOM   1059 N  N   . GLU A 1 142 ? 1.855   4.203   -4.283  1.00 17.88 ? 179  GLU A N   1 
ATOM   1060 C  CA  . GLU A 1 142 ? 2.747   4.514   -5.400  1.00 18.25 ? 179  GLU A CA  1 
ATOM   1061 C  C   . GLU A 1 142 ? 4.150   3.994   -5.086  1.00 18.32 ? 179  GLU A C   1 
ATOM   1062 O  O   . GLU A 1 142 ? 4.583   4.044   -3.932  1.00 18.12 ? 179  GLU A O   1 
ATOM   1063 C  CB  . GLU A 1 142 ? 2.758   6.027   -5.647  1.00 17.08 ? 179  GLU A CB  1 
ATOM   1064 C  CG  . GLU A 1 142 ? 1.377   6.591   -6.034  1.00 18.68 ? 179  GLU A CG  1 
ATOM   1065 C  CD  . GLU A 1 142 ? 1.350   8.108   -6.171  1.00 21.41 ? 179  GLU A CD  1 
ATOM   1066 O  OE1 . GLU A 1 142 ? 2.255   8.815   -5.631  1.00 23.89 ? 179  GLU A OE1 1 
ATOM   1067 O  OE2 . GLU A 1 142 ? 0.401   8.591   -6.808  1.00 24.20 ? 179  GLU A OE2 1 
ATOM   1068 N  N   . VAL A 1 143 ? 4.844   3.493   -6.107  1.00 18.75 ? 180  VAL A N   1 
ATOM   1069 C  CA  . VAL A 1 143 ? 6.173   2.912   -5.932  1.00 18.25 ? 180  VAL A CA  1 
ATOM   1070 C  C   . VAL A 1 143 ? 7.101   3.513   -6.972  1.00 19.82 ? 180  VAL A C   1 
ATOM   1071 O  O   . VAL A 1 143 ? 6.718   3.626   -8.156  1.00 18.91 ? 180  VAL A O   1 
ATOM   1072 C  CB  . VAL A 1 143 ? 6.138   1.342   -6.120  1.00 18.94 ? 180  VAL A CB  1 
ATOM   1073 C  CG1 . VAL A 1 143 ? 7.543   0.743   -5.974  1.00 17.53 ? 180  VAL A CG1 1 
ATOM   1074 C  CG2 . VAL A 1 143 ? 5.149   0.712   -5.155  1.00 16.74 ? 180  VAL A CG2 1 
ATOM   1075 N  N   . PHE A 1 144 ? 8.323   3.854   -6.545  1.00 20.26 ? 181  PHE A N   1 
ATOM   1076 C  CA  . PHE A 1 144 ? 9.344   4.498   -7.398  1.00 22.30 ? 181  PHE A CA  1 
ATOM   1077 C  C   . PHE A 1 144 ? 10.690  3.803   -7.293  1.00 23.02 ? 181  PHE A C   1 
ATOM   1078 O  O   . PHE A 1 144 ? 11.108  3.406   -6.194  1.00 23.43 ? 181  PHE A O   1 
ATOM   1079 C  CB  . PHE A 1 144 ? 9.517   5.959   -7.011  1.00 22.10 ? 181  PHE A CB  1 
ATOM   1080 C  CG  . PHE A 1 144 ? 8.217   6.710   -6.963  1.00 21.71 ? 181  PHE A CG  1 
ATOM   1081 C  CD1 . PHE A 1 144 ? 7.694   7.291   -8.114  1.00 19.98 ? 181  PHE A CD1 1 
ATOM   1082 C  CD2 . PHE A 1 144 ? 7.487   6.765   -5.778  1.00 19.69 ? 181  PHE A CD2 1 
ATOM   1083 C  CE1 . PHE A 1 144 ? 6.473   7.974   -8.066  1.00 20.44 ? 181  PHE A CE1 1 
ATOM   1084 C  CE2 . PHE A 1 144 ? 6.227   7.424   -5.714  1.00 17.60 ? 181  PHE A CE2 1 
ATOM   1085 C  CZ  . PHE A 1 144 ? 5.743   8.025   -6.854  1.00 16.67 ? 181  PHE A CZ  1 
ATOM   1086 N  N   . ARG A 1 145 ? 11.338  3.641   -8.447  1.00 24.12 ? 182  ARG A N   1 
ATOM   1087 C  CA  . ARG A 1 145 ? 12.667  3.041   -8.516  1.00 26.16 ? 182  ARG A CA  1 
ATOM   1088 C  C   . ARG A 1 145 ? 13.688  3.967   -7.844  1.00 27.23 ? 182  ARG A C   1 
ATOM   1089 O  O   . ARG A 1 145 ? 13.539  5.194   -7.838  1.00 26.40 ? 182  ARG A O   1 
ATOM   1090 C  CB  . ARG A 1 145 ? 13.087  2.711   -9.971  1.00 26.01 ? 182  ARG A CB  1 
ATOM   1091 C  CG  . ARG A 1 145 ? 12.177  1.721   -10.631 1.00 28.39 ? 182  ARG A CG  1 
ATOM   1092 C  CD  . ARG A 1 145 ? 12.689  1.129   -11.962 1.00 33.29 ? 182  ARG A CD  1 
ATOM   1093 N  NE  . ARG A 1 145 ? 12.132  1.899   -13.057 1.00 37.70 ? 182  ARG A NE  1 
ATOM   1094 C  CZ  . ARG A 1 145 ? 11.222  1.499   -13.939 1.00 36.48 ? 182  ARG A CZ  1 
ATOM   1095 N  NH1 . ARG A 1 145 ? 10.731  0.267   -13.960 1.00 33.82 ? 182  ARG A NH1 1 
ATOM   1096 N  NH2 . ARG A 1 145 ? 10.843  2.363   -14.855 1.00 39.31 ? 182  ARG A NH2 1 
ATOM   1097 N  N   . SER A 1 146 ? 14.704  3.348   -7.252  1.00 29.53 ? 183  SER A N   1 
ATOM   1098 C  CA  . SER A 1 146 ? 15.920  4.037   -6.847  1.00 32.75 ? 183  SER A CA  1 
ATOM   1099 C  C   . SER A 1 146 ? 16.498  4.757   -8.078  1.00 35.25 ? 183  SER A C   1 
ATOM   1100 O  O   . SER A 1 146 ? 16.537  4.195   -9.186  1.00 34.88 ? 183  SER A O   1 
ATOM   1101 C  CB  . SER A 1 146 ? 16.930  3.018   -6.325  1.00 32.17 ? 183  SER A CB  1 
ATOM   1102 O  OG  . SER A 1 146 ? 16.502  2.472   -5.080  1.00 33.87 ? 183  SER A OG  1 
ATOM   1103 N  N   . ALA A 1 147 ? 16.924  6.000   -7.888  1.00 38.86 ? 184  ALA A N   1 
ATOM   1104 C  CA  . ALA A 1 147 ? 17.655  6.702   -8.951  1.00 42.51 ? 184  ALA A CA  1 
ATOM   1105 C  C   . ALA A 1 147 ? 19.041  6.068   -9.037  1.00 44.66 ? 184  ALA A C   1 
ATOM   1106 O  O   . ALA A 1 147 ? 19.685  5.851   -7.995  1.00 44.78 ? 184  ALA A O   1 
ATOM   1107 C  CB  . ALA A 1 147 ? 17.758  8.197   -8.656  1.00 42.67 ? 184  ALA A CB  1 
ATOM   1108 N  N   . THR A 1 148 ? 19.465  5.747   -10.268 1.00 46.86 ? 185  THR A N   1 
ATOM   1109 C  CA  . THR A 1 148 ? 20.727  5.023   -10.536 1.00 48.83 ? 185  THR A CA  1 
ATOM   1110 C  C   . THR A 1 148 ? 21.912  5.988   -10.559 1.00 49.38 ? 185  THR A C   1 
ATOM   1111 O  O   . THR A 1 148 ? 21.745  7.164   -10.906 1.00 50.10 ? 185  THR A O   1 
ATOM   1112 C  CB  . THR A 1 148 ? 20.686  4.249   -11.904 1.00 49.35 ? 185  THR A CB  1 
ATOM   1113 O  OG1 . THR A 1 148 ? 20.203  5.124   -12.943 1.00 50.16 ? 185  THR A OG1 1 
ATOM   1114 C  CG2 . THR A 1 148 ? 19.801  2.975   -11.821 1.00 48.92 ? 185  THR A CG2 1 
HETATM 1115 C  C1  . FUC B 2 .   ? -18.260 4.089   6.600   0.60 29.31 ? 1186 FUC A C1  1 
HETATM 1116 C  C2  . FUC B 2 .   ? -17.699 3.297   7.774   0.60 28.91 ? 1186 FUC A C2  1 
HETATM 1117 C  C3  . FUC B 2 .   ? -17.884 1.798   7.566   0.60 26.32 ? 1186 FUC A C3  1 
HETATM 1118 C  C4  . FUC B 2 .   ? -17.305 1.400   6.208   0.60 24.44 ? 1186 FUC A C4  1 
HETATM 1119 C  C5  . FUC B 2 .   ? -17.870 2.324   5.115   0.60 24.42 ? 1186 FUC A C5  1 
HETATM 1120 C  C6  . FUC B 2 .   ? -17.408 2.004   3.698   0.60 21.44 ? 1186 FUC A C6  1 
HETATM 1121 O  O1  . FUC B 2 .   ? -18.089 5.471   6.869   0.60 30.35 ? 1186 FUC A O1  1 
HETATM 1122 O  O2  . FUC B 2 .   ? -18.289 3.704   8.982   0.60 31.81 ? 1186 FUC A O2  1 
HETATM 1123 O  O3  . FUC B 2 .   ? -17.191 1.184   8.631   0.60 24.28 ? 1186 FUC A O3  1 
HETATM 1124 O  O4  . FUC B 2 .   ? -15.902 1.497   6.261   0.60 22.57 ? 1186 FUC A O4  1 
HETATM 1125 O  O5  . FUC B 2 .   ? -17.576 3.672   5.423   0.60 25.98 ? 1186 FUC A O5  1 
HETATM 1126 CA CA  . CA  C 3 .   ? -6.886  5.228   -5.920  1.00 18.10 ? 1    CA  A CA  1 
HETATM 1127 NI NI  . NI  D 4 .   ? -18.281 13.800  -3.351  0.35 15.89 ? 191  NI  A NI  1 
HETATM 1128 O  O   . HOH E 5 .   ? -11.864 7.718   -3.910  1.00 19.74 ? 2    HOH A O   1 
HETATM 1129 O  O   . HOH E 5 .   ? -7.040  0.793   6.912   1.00 16.49 ? 3    HOH A O   1 
HETATM 1130 O  O   . HOH E 5 .   ? -4.068  9.602   8.016   1.00 23.61 ? 4    HOH A O   1 
HETATM 1131 O  O   . HOH E 5 .   ? -6.939  -2.858  1.003   1.00 16.05 ? 5    HOH A O   1 
HETATM 1132 O  O   . HOH E 5 .   ? -10.728 14.997  -6.125  1.00 22.65 ? 6    HOH A O   1 
HETATM 1133 O  O   . HOH E 5 .   ? -13.703 3.706   -2.656  1.00 16.31 ? 7    HOH A O   1 
HETATM 1134 O  O   . HOH E 5 .   ? -6.339  -5.939  10.170  1.00 18.65 ? 8    HOH A O   1 
HETATM 1135 O  O   . HOH E 5 .   ? 10.364  4.922   -10.766 1.00 24.96 ? 9    HOH A O   1 
HETATM 1136 O  O   . HOH E 5 .   ? 16.018  -5.230  4.618   1.00 20.59 ? 10   HOH A O   1 
HETATM 1137 O  O   . HOH E 5 .   ? -4.844  -0.761  12.377  1.00 24.07 ? 11   HOH A O   1 
HETATM 1138 O  O   . HOH E 5 .   ? -14.657 -4.784  -6.082  1.00 15.81 ? 12   HOH A O   1 
HETATM 1139 O  O   . HOH E 5 .   ? -10.299 -6.726  -4.832  1.00 18.93 ? 13   HOH A O   1 
HETATM 1140 O  O   . HOH E 5 .   ? -4.865  10.592  1.405   1.00 21.45 ? 14   HOH A O   1 
HETATM 1141 O  O   . HOH E 5 .   ? -11.346 -10.524 14.862  1.00 27.70 ? 15   HOH A O   1 
HETATM 1142 O  O   . HOH E 5 .   ? -16.889 2.895   -3.278  1.00 20.71 ? 16   HOH A O   1 
HETATM 1143 O  O   . HOH E 5 .   ? -11.110 8.804   7.164   1.00 38.43 ? 17   HOH A O   1 
HETATM 1144 O  O   . HOH E 5 .   ? -0.378  3.843   -7.994  1.00 18.53 ? 18   HOH A O   1 
HETATM 1145 O  O   . HOH E 5 .   ? -7.861  -9.482  -3.922  1.00 21.02 ? 19   HOH A O   1 
HETATM 1146 O  O   . HOH E 5 .   ? -20.447 7.509   -8.510  1.00 29.02 ? 20   HOH A O   1 
HETATM 1147 O  O   . HOH E 5 .   ? 15.585  -0.232  3.739   1.00 20.62 ? 21   HOH A O   1 
HETATM 1148 O  O   . HOH E 5 .   ? 11.069  4.924   5.606   1.00 21.75 ? 22   HOH A O   1 
HETATM 1149 O  O   . HOH E 5 .   ? 0.376   7.527   -10.470 1.00 20.96 ? 23   HOH A O   1 
HETATM 1150 O  O   . HOH E 5 .   ? 14.246  -4.086  6.109   1.00 20.55 ? 24   HOH A O   1 
HETATM 1151 O  O   . HOH E 5 .   ? -10.350 -10.063 -2.333  1.00 25.21 ? 25   HOH A O   1 
HETATM 1152 O  O   . HOH E 5 .   ? -4.936  11.499  -1.060  1.00 22.82 ? 26   HOH A O   1 
HETATM 1153 O  O   . HOH E 5 .   ? -12.054 13.886  -1.972  1.00 28.06 ? 27   HOH A O   1 
HETATM 1154 O  O   . HOH E 5 .   ? -17.314 -6.057  -1.979  1.00 15.71 ? 28   HOH A O   1 
HETATM 1155 O  O   . HOH E 5 .   ? 1.409   -6.841  -12.214 1.00 17.35 ? 29   HOH A O   1 
HETATM 1156 O  O   . HOH E 5 .   ? -1.367  7.711   -8.413  1.00 20.51 ? 30   HOH A O   1 
HETATM 1157 O  O   . HOH E 5 .   ? 13.558  -14.417 -5.989  1.00 25.37 ? 31   HOH A O   1 
HETATM 1158 O  O   . HOH E 5 .   ? 13.682  -1.495  5.336   1.00 17.76 ? 32   HOH A O   1 
HETATM 1159 O  O   . HOH E 5 .   ? -11.854 11.561  -7.923  1.00 23.37 ? 33   HOH A O   1 
HETATM 1160 O  O   . HOH E 5 .   ? -16.644 -6.404  -4.603  1.00 16.28 ? 34   HOH A O   1 
HETATM 1161 O  O   . HOH E 5 .   ? 2.652   -7.920  9.527   1.00 30.73 ? 35   HOH A O   1 
HETATM 1162 O  O   . HOH E 5 .   ? 5.887   10.626  4.913   1.00 24.10 ? 36   HOH A O   1 
HETATM 1163 O  O   . HOH E 5 .   ? 0.205   -8.746  9.606   1.00 27.89 ? 192  HOH A O   1 
HETATM 1164 O  O   . HOH E 5 .   ? -14.243 14.599  -0.437  1.00 21.59 ? 193  HOH A O   1 
HETATM 1165 O  O   . HOH E 5 .   ? -13.705 -11.062 -0.012  1.00 21.63 ? 194  HOH A O   1 
HETATM 1166 O  O   . HOH E 5 .   ? -3.560  -14.136 -10.888 1.00 45.14 ? 195  HOH A O   1 
HETATM 1167 O  O   . HOH E 5 .   ? 7.746   -2.776  -12.919 1.00 23.11 ? 196  HOH A O   1 
HETATM 1168 O  O   . HOH E 5 .   ? 13.301  -7.742  6.160   1.00 33.49 ? 197  HOH A O   1 
HETATM 1169 O  O   . HOH E 5 .   ? 17.278  3.562   -2.876  1.00 30.07 ? 198  HOH A O   1 
HETATM 1170 O  O   . HOH E 5 .   ? -5.979  -0.075  -11.149 1.00 29.15 ? 199  HOH A O   1 
HETATM 1171 O  O   . HOH E 5 .   ? -15.824 12.872  5.770   1.00 44.79 ? 200  HOH A O   1 
HETATM 1172 O  O   . HOH E 5 .   ? -6.406  10.397  5.673   1.00 35.61 ? 201  HOH A O   1 
HETATM 1173 O  O   . HOH E 5 .   ? 14.663  0.710   7.259   1.00 25.74 ? 202  HOH A O   1 
HETATM 1174 O  O   . HOH E 5 .   ? 4.185   7.948   -13.086 1.00 30.76 ? 203  HOH A O   1 
HETATM 1175 O  O   . HOH E 5 .   ? -8.964  -5.716  -7.501  1.00 21.90 ? 204  HOH A O   1 
HETATM 1176 O  O   . HOH E 5 .   ? -2.673  6.357   11.120  1.00 24.76 ? 205  HOH A O   1 
HETATM 1177 O  O   . HOH E 5 .   ? 9.161   6.711   6.261   1.00 24.02 ? 206  HOH A O   1 
HETATM 1178 O  O   . HOH E 5 .   ? -9.840  -12.563 10.759  1.00 19.97 ? 207  HOH A O   1 
HETATM 1179 O  O   . HOH E 5 .   ? -20.645 6.974   -3.795  1.00 30.52 ? 208  HOH A O   1 
HETATM 1180 O  O   . HOH E 5 .   ? 11.337  11.494  -2.889  1.00 41.24 ? 209  HOH A O   1 
HETATM 1181 O  O   . HOH E 5 .   ? 15.840  -2.194  -10.999 1.00 27.71 ? 210  HOH A O   1 
HETATM 1182 O  O   . HOH E 5 .   ? 3.278   -3.887  16.247  1.00 43.70 ? 211  HOH A O   1 
HETATM 1183 O  O   . HOH E 5 .   ? -18.349 10.221  0.828   1.00 26.62 ? 212  HOH A O   1 
HETATM 1184 O  O   . HOH E 5 .   ? 11.112  2.994   9.044   1.00 20.99 ? 213  HOH A O   1 
HETATM 1185 O  O   . HOH E 5 .   ? -19.581 -6.566  -0.871  1.00 19.64 ? 214  HOH A O   1 
HETATM 1186 O  O   . HOH E 5 .   ? 2.799   9.524   -9.399  1.00 48.47 ? 215  HOH A O   1 
HETATM 1187 O  O   . HOH E 5 .   ? 4.210   10.875  -5.529  1.00 38.73 ? 216  HOH A O   1 
HETATM 1188 O  O   . HOH E 5 .   ? -3.315  13.677  -1.267  1.00 30.57 ? 217  HOH A O   1 
HETATM 1189 O  O   . HOH E 5 .   ? -19.002 9.272   -6.621  1.00 21.87 ? 218  HOH A O   1 
HETATM 1190 O  O   . HOH E 5 .   ? 17.706  -6.772  2.059   1.00 29.36 ? 219  HOH A O   1 
HETATM 1191 O  O   . HOH E 5 .   ? -15.959 16.696  -1.247  1.00 30.73 ? 220  HOH A O   1 
HETATM 1192 O  O   . HOH E 5 .   ? 12.983  -5.757  -14.476 1.00 41.33 ? 221  HOH A O   1 
HETATM 1193 O  O   . HOH E 5 .   ? 5.016   -10.808 4.864   1.00 36.72 ? 222  HOH A O   1 
HETATM 1194 O  O   . HOH E 5 .   ? 11.763  -18.404 2.553   1.00 35.93 ? 223  HOH A O   1 
HETATM 1195 O  O   . HOH E 5 .   ? 9.666   -14.269 3.970   1.00 31.40 ? 224  HOH A O   1 
HETATM 1196 O  O   . HOH E 5 .   ? -10.590 6.609   -10.357 1.00 26.25 ? 225  HOH A O   1 
HETATM 1197 O  O   . HOH E 5 .   ? 15.453  5.313   -1.596  1.00 26.74 ? 226  HOH A O   1 
HETATM 1198 O  O   . HOH E 5 .   ? -15.684 -9.953  9.348   1.00 23.89 ? 227  HOH A O   1 
HETATM 1199 O  O   . HOH E 5 .   ? -15.013 -8.442  -5.663  1.00 24.58 ? 228  HOH A O   1 
HETATM 1200 O  O   . HOH E 5 .   ? -11.198 12.816  1.119   1.00 34.04 ? 229  HOH A O   1 
HETATM 1201 O  O   . HOH E 5 .   ? 16.589  4.234   2.402   1.00 28.80 ? 230  HOH A O   1 
HETATM 1202 O  O   . HOH E 5 .   ? 13.452  6.247   5.997   1.00 35.76 ? 231  HOH A O   1 
HETATM 1203 O  O   . HOH E 5 .   ? -12.290 -12.071 6.338   1.00 26.75 ? 232  HOH A O   1 
HETATM 1204 O  O   . HOH E 5 .   ? 13.873  2.529   9.101   1.00 24.37 ? 233  HOH A O   1 
HETATM 1205 O  O   . HOH E 5 .   ? -5.216  -5.562  17.913  1.00 35.36 ? 234  HOH A O   1 
HETATM 1206 O  O   . HOH E 5 .   ? -6.783  12.340  2.609   1.00 39.64 ? 235  HOH A O   1 
HETATM 1207 O  O   . HOH E 5 .   ? -7.354  -7.425  -7.579  1.00 35.23 ? 236  HOH A O   1 
HETATM 1208 O  O   . HOH E 5 .   ? -12.866 -6.667  -7.087  1.00 12.97 ? 237  HOH A O   1 
HETATM 1209 O  O   . HOH E 5 .   ? -1.315  14.335  -3.900  1.00 40.40 ? 238  HOH A O   1 
HETATM 1210 O  O   . HOH E 5 .   ? -14.135 18.638  -2.118  1.00 28.01 ? 239  HOH A O   1 
HETATM 1211 O  O   . HOH E 5 .   ? 17.708  5.454   0.831   1.00 40.07 ? 240  HOH A O   1 
HETATM 1212 O  O   . HOH E 5 .   ? 0.741   -11.731 -9.185  1.00 35.74 ? 241  HOH A O   1 
HETATM 1213 O  O   . HOH E 5 .   ? 9.149   10.477  -7.062  1.00 37.29 ? 242  HOH A O   1 
HETATM 1214 O  O   . HOH E 5 .   ? -1.076  -10.692 -7.836  1.00 27.26 ? 243  HOH A O   1 
HETATM 1215 O  O   . HOH E 5 .   ? -1.777  15.781  5.313   1.00 39.16 ? 244  HOH A O   1 
HETATM 1216 O  O   . HOH E 5 .   ? -1.228  -9.307  7.219   1.00 22.54 ? 245  HOH A O   1 
HETATM 1217 O  O   . HOH E 5 .   ? -1.168  -9.016  -6.287  1.00 22.28 ? 246  HOH A O   1 
HETATM 1218 O  O   . HOH E 5 .   ? 20.009  1.806   -6.686  1.00 42.26 ? 247  HOH A O   1 
HETATM 1219 O  O   . HOH E 5 .   ? -12.781 -9.964  12.881  1.00 27.85 ? 248  HOH A O   1 
HETATM 1220 O  O   . HOH E 5 .   ? -7.962  13.269  -1.447  1.00 29.29 ? 249  HOH A O   1 
HETATM 1221 O  O   . HOH E 5 .   ? 1.276   -9.694  -12.194 1.00 28.50 ? 250  HOH A O   1 
HETATM 1222 O  O   . HOH E 5 .   ? 6.844   -16.968 -6.172  1.00 36.35 ? 251  HOH A O   1 
HETATM 1223 O  O   . HOH E 5 .   ? -16.087 -7.975  12.234  1.00 32.23 ? 252  HOH A O   1 
HETATM 1224 O  O   . HOH E 5 .   ? 7.209   -4.955  12.167  1.00 48.48 ? 253  HOH A O   1 
HETATM 1225 O  O   . HOH E 5 .   ? -5.210  -13.980 3.655   1.00 34.47 ? 254  HOH A O   1 
HETATM 1226 O  O   . HOH E 5 .   ? 1.591   0.600   16.897  1.00 36.37 ? 255  HOH A O   1 
HETATM 1227 O  O   . HOH E 5 .   ? -3.365  6.370   13.758  1.00 38.63 ? 256  HOH A O   1 
HETATM 1228 O  O   . HOH E 5 .   ? 3.160   1.642   -14.492 1.00 53.45 ? 257  HOH A O   1 
HETATM 1229 O  O   . HOH E 5 .   ? -10.107 10.094  11.097  1.00 50.49 ? 258  HOH A O   1 
HETATM 1230 O  O   . HOH E 5 .   ? -8.786  -12.436 17.115  1.00 50.50 ? 259  HOH A O   1 
HETATM 1231 O  O   . HOH E 5 .   ? 5.990   -5.428  -15.287 1.00 35.16 ? 260  HOH A O   1 
HETATM 1232 O  O   . HOH E 5 .   ? 10.903  -0.310  10.852  1.00 35.86 ? 261  HOH A O   1 
HETATM 1233 O  O   . HOH E 5 .   ? 0.548   11.275  -7.034  1.00 26.52 ? 262  HOH A O   1 
HETATM 1234 O  O   . HOH E 5 .   ? 13.086  9.912   -13.329 1.00 41.48 ? 263  HOH A O   1 
HETATM 1235 O  O   . HOH E 5 .   ? -4.366  -2.519  -11.788 1.00 33.70 ? 264  HOH A O   1 
HETATM 1236 O  O   . HOH E 5 .   ? -9.291  -12.942 4.268   1.00 22.91 ? 265  HOH A O   1 
HETATM 1237 O  O   . HOH E 5 .   ? 13.076  -1.752  9.204   1.00 36.84 ? 266  HOH A O   1 
HETATM 1238 O  O   . HOH E 5 .   ? 6.842   -14.065 -8.693  1.00 22.70 ? 267  HOH A O   1 
HETATM 1239 O  O   . HOH E 5 .   ? -11.886 -14.394 3.986   1.00 33.38 ? 268  HOH A O   1 
HETATM 1240 O  O   . HOH E 5 .   ? 7.706   4.008   12.590  1.00 36.04 ? 269  HOH A O   1 
HETATM 1241 O  O   . HOH E 5 .   ? 5.173   -10.533 -15.044 1.00 35.43 ? 270  HOH A O   1 
HETATM 1242 O  O   . HOH E 5 .   ? 6.594   -1.359  -14.737 1.00 28.22 ? 271  HOH A O   1 
HETATM 1243 O  O   . HOH E 5 .   ? -6.769  -14.208 1.396   1.00 35.86 ? 272  HOH A O   1 
HETATM 1244 O  O   . HOH E 5 .   ? 9.009   -10.860 -14.732 1.00 34.86 ? 273  HOH A O   1 
HETATM 1245 O  O   . HOH E 5 .   ? 11.629  -8.617  9.342   1.00 31.26 ? 274  HOH A O   1 
HETATM 1246 O  O   . HOH E 5 .   ? -15.777 13.154  2.887   1.00 57.38 ? 275  HOH A O   1 
HETATM 1247 O  O   . HOH E 5 .   ? -6.503  -12.564 -1.766  1.00 35.68 ? 276  HOH A O   1 
HETATM 1248 O  O   . HOH E 5 .   ? 4.074   13.097  1.293   1.00 44.09 ? 277  HOH A O   1 
HETATM 1249 O  O   . HOH E 5 .   ? 1.306   -1.082  -15.306 1.00 32.47 ? 278  HOH A O   1 
HETATM 1250 O  O   . HOH E 5 .   ? -2.686  -1.365  17.689  1.00 38.22 ? 279  HOH A O   1 
HETATM 1251 O  O   . HOH E 5 .   ? -8.228  -12.374 8.119   1.00 46.86 ? 280  HOH A O   1 
HETATM 1252 O  O   . HOH E 5 .   ? -0.007  -11.212 5.475   1.00 43.58 ? 281  HOH A O   1 
HETATM 1253 O  O   . HOH E 5 .   ? -0.296  -9.273  14.136  1.00 39.64 ? 282  HOH A O   1 
HETATM 1254 O  O   . HOH E 5 .   ? 9.347   9.794   5.132   1.00 38.31 ? 283  HOH A O   1 
HETATM 1255 O  O   . HOH E 5 .   ? -12.301 -2.330  14.149  1.00 34.36 ? 284  HOH A O   1 
HETATM 1256 O  O   . HOH E 5 .   ? 10.880  5.142   10.094  1.00 34.28 ? 285  HOH A O   1 
HETATM 1257 O  O   . HOH E 5 .   ? -13.172 8.811   -8.588  1.00 31.27 ? 286  HOH A O   1 
HETATM 1258 O  O   . HOH E 5 .   ? 15.678  11.267  -9.524  1.00 45.60 ? 287  HOH A O   1 
HETATM 1259 O  O   . HOH E 5 .   ? 12.006  -5.684  9.977   1.00 46.34 ? 288  HOH A O   1 
HETATM 1260 O  O   . HOH E 5 .   ? 11.520  -9.998  -15.622 1.00 42.60 ? 289  HOH A O   1 
HETATM 1261 O  O   . HOH E 5 .   ? -7.001  13.081  4.793   1.00 41.86 ? 290  HOH A O   1 
HETATM 1262 O  O   . HOH E 5 .   ? -9.755  3.828   6.828   1.00 20.70 ? 291  HOH A O   1 
HETATM 1263 O  O   . HOH E 5 .   ? -11.815 2.037   6.009   1.00 18.61 ? 292  HOH A O   1 
HETATM 1264 O  O   . HOH E 5 .   ? -7.218  3.385   6.176   1.00 17.44 ? 293  HOH A O   1 
HETATM 1265 O  O   . HOH E 5 .   ? -17.205 15.512  -3.170  1.00 22.15 ? 294  HOH A O   1 
HETATM 1266 O  O   . HOH E 5 .   ? -19.447 12.139  -3.390  1.00 16.47 ? 295  HOH A O   1 
HETATM 1267 O  O   . HOH E 5 .   ? -18.493 14.222  -5.235  1.00 25.33 ? 296  HOH A O   1 
HETATM 1268 O  O   . HOH E 5 .   ? -19.965 15.054  -2.734  1.00 20.75 ? 297  HOH A O   1 
HETATM 1269 O  O   . HOH E 5 .   ? -17.945 13.429  -1.324  1.00 19.57 ? 298  HOH A O   1 
HETATM 1270 O  O   . HOH E 5 .   ? -20.639 11.041  -5.509  1.00 26.77 ? 299  HOH A O   1 
HETATM 1271 O  O   . HOH E 5 .   ? -17.432 6.178   9.304   1.00 49.31 ? 300  HOH A O   1 
# 
_database_PDB_caveat.id     1 
_database_PDB_caveat.text   'FUC A 1186 HAS WRONG CHIRALITY AT ATOM C1' 
# 
loop_
_pdbx_poly_seq_scheme.asym_id 
_pdbx_poly_seq_scheme.entity_id 
_pdbx_poly_seq_scheme.seq_id 
_pdbx_poly_seq_scheme.mon_id 
_pdbx_poly_seq_scheme.ndb_seq_num 
_pdbx_poly_seq_scheme.pdb_seq_num 
_pdbx_poly_seq_scheme.auth_seq_num 
_pdbx_poly_seq_scheme.pdb_mon_id 
_pdbx_poly_seq_scheme.auth_mon_id 
_pdbx_poly_seq_scheme.pdb_strand_id 
_pdbx_poly_seq_scheme.pdb_ins_code 
_pdbx_poly_seq_scheme.hetero 
A 1 1   GLU 1   37  ?   ?   ?   A . n 
A 1 2   GLN 2   38  ?   ?   ?   A . n 
A 1 3   GLY 3   39  ?   ?   ?   A . n 
A 1 4   ASN 4   40  ?   ?   ?   A . n 
A 1 5   ARG 5   41  ?   ?   ?   A . n 
A 1 6   PRO 6   43  43  PRO PRO A . n 
A 1 7   VAL 7   44  44  VAL VAL A . n 
A 1 8   GLU 8   45  45  GLU GLU A . n 
A 1 9   THR 9   46  46  THR THR A . n 
A 1 10  GLU 10  47  47  GLU GLU A . n 
A 1 11  ASN 11  48  48  ASN ASN A . n 
A 1 12  ILE 12  49  49  ILE ILE A . n 
A 1 13  ALA 13  50  50  ALA ALA A . n 
A 1 14  ARG 14  51  51  ARG ARG A . n 
A 1 15  GLY 15  52  52  GLY GLY A . n 
A 1 16  LYS 16  53  53  LYS LYS A . n 
A 1 17  GLN 17  54  54  GLN GLN A . n 
A 1 18  ALA 18  55  55  ALA ALA A . n 
A 1 19  SER 19  56  56  SER SER A . n 
A 1 20  GLN 20  57  57  GLN GLN A . n 
A 1 21  SER 21  58  58  SER SER A . n 
A 1 22  SER 22  59  59  SER SER A . n 
A 1 23  THR 23  60  60  THR THR A . n 
A 1 24  ALA 24  61  61  ALA ALA A . n 
A 1 25  TYR 25  62  62  TYR TYR A . n 
A 1 26  GLY 26  63  63  GLY GLY A . n 
A 1 27  GLY 27  64  64  GLY GLY A . n 
A 1 28  ALA 28  65  65  ALA ALA A . n 
A 1 29  ALA 29  66  66  ALA ALA A . n 
A 1 30  THR 30  67  67  THR THR A . n 
A 1 31  ARG 31  68  68  ARG ARG A . n 
A 1 32  ALA 32  69  69  ALA ALA A . n 
A 1 33  VAL 33  70  70  VAL VAL A . n 
A 1 34  ASP 34  71  71  ASP ASP A . n 
A 1 35  GLY 35  72  72  GLY GLY A . n 
A 1 36  ASN 36  73  73  ASN ASN A . n 
A 1 37  VAL 37  74  74  VAL VAL A . n 
A 1 38  ASP 38  75  75  ASP ASP A . n 
A 1 39  SER 39  76  76  SER SER A . n 
A 1 40  ASP 40  77  77  ASP ASP A . n 
A 1 41  TYR 41  78  78  TYR TYR A . n 
A 1 42  GLY 42  79  79  GLY GLY A . n 
A 1 43  HIS 43  80  80  HIS HIS A . n 
A 1 44  HIS 44  81  81  HIS HIS A . n 
A 1 45  SER 45  82  82  SER SER A . n 
A 1 46  VAL 46  83  83  VAL VAL A . n 
A 1 47  THR 47  84  84  THR THR A . n 
A 1 48  HIS 48  85  85  HIS HIS A . n 
A 1 49  THR 49  86  86  THR THR A . n 
A 1 50  ASN 50  87  87  ASN ASN A . n 
A 1 51  PHE 51  88  88  PHE PHE A . n 
A 1 52  GLU 52  89  89  GLU GLU A . n 
A 1 53  ASP 53  90  90  ASP ASP A . n 
A 1 54  ASN 54  91  91  ASN ASN A . n 
A 1 55  ALA 55  92  92  ALA ALA A . n 
A 1 56  TRP 56  93  93  TRP TRP A . n 
A 1 57  TRP 57  94  94  TRP TRP A . n 
A 1 58  GLN 58  95  95  GLN GLN A . n 
A 1 59  VAL 59  96  96  VAL VAL A . n 
A 1 60  ASP 60  97  97  ASP ASP A . n 
A 1 61  LEU 61  98  98  LEU LEU A . n 
A 1 62  GLY 62  99  99  GLY GLY A . n 
A 1 63  LYS 63  100 100 LYS LYS A . n 
A 1 64  THR 64  101 101 THR THR A . n 
A 1 65  GLU 65  102 102 GLU GLU A . n 
A 1 66  ASN 66  103 103 ASN ASN A . n 
A 1 67  VAL 67  104 104 VAL VAL A . n 
A 1 68  GLY 68  105 105 GLY GLY A . n 
A 1 69  LYS 69  106 106 LYS LYS A . n 
A 1 70  VAL 70  107 107 VAL VAL A . n 
A 1 71  LYS 71  108 108 LYS LYS A . n 
A 1 72  LEU 72  109 109 LEU LEU A . n 
A 1 73  TYR 73  110 110 TYR TYR A . n 
A 1 74  ASN 74  111 111 ASN ASN A . n 
A 1 75  ARG 75  112 112 ARG ARG A . n 
A 1 76  GLY 76  113 113 GLY GLY A . n 
A 1 77  ASP 77  114 114 ASP ASP A . n 
A 1 78  GLY 78  115 115 GLY GLY A . n 
A 1 79  ASN 79  116 116 ASN ASN A . n 
A 1 80  VAL 80  117 117 VAL VAL A . n 
A 1 81  ALA 81  118 118 ALA ALA A . n 
A 1 82  ASN 82  119 119 ASN ASN A . n 
A 1 83  ARG 83  120 120 ARG ARG A . n 
A 1 84  LEU 84  121 121 LEU LEU A . n 
A 1 85  SER 85  122 122 SER SER A . n 
A 1 86  ASN 86  123 123 ASN ASN A . n 
A 1 87  PHE 87  124 124 PHE PHE A . n 
A 1 88  ASP 88  125 125 ASP ASP A . n 
A 1 89  VAL 89  126 126 VAL VAL A . n 
A 1 90  VAL 90  127 127 VAL VAL A . n 
A 1 91  LEU 91  128 128 LEU LEU A . n 
A 1 92  LEU 92  129 129 LEU LEU A . n 
A 1 93  ASN 93  130 130 ASN ASN A . n 
A 1 94  GLU 94  131 131 GLU GLU A . n 
A 1 95  ALA 95  132 132 ALA ALA A . n 
A 1 96  LYS 96  133 133 LYS LYS A . n 
A 1 97  GLN 97  134 134 GLN GLN A . n 
A 1 98  GLU 98  135 135 GLU GLU A . n 
A 1 99  VAL 99  136 136 VAL VAL A . n 
A 1 100 ALA 100 137 137 ALA ALA A . n 
A 1 101 ARG 101 138 138 ARG ARG A . n 
A 1 102 GLN 102 139 139 GLN GLN A . n 
A 1 103 HIS 103 140 140 HIS HIS A . n 
A 1 104 PHE 104 141 141 PHE PHE A . n 
A 1 105 ASP 105 142 142 ASP ASP A . n 
A 1 106 SER 106 143 143 SER SER A . n 
A 1 107 LEU 107 144 144 LEU LEU A . n 
A 1 108 ASN 108 145 145 ASN ASN A . n 
A 1 109 GLY 109 146 146 GLY GLY A . n 
A 1 110 LYS 110 147 147 LYS LYS A . n 
A 1 111 ALA 111 148 148 ALA ALA A . n 
A 1 112 GLU 112 149 149 GLU GLU A . n 
A 1 113 LEU 113 150 150 LEU LEU A . n 
A 1 114 GLU 114 151 151 GLU GLU A . n 
A 1 115 VAL 115 152 152 VAL VAL A . n 
A 1 116 PHE 116 153 153 PHE PHE A . n 
A 1 117 PHE 117 154 154 PHE PHE A . n 
A 1 118 THR 118 155 155 THR THR A . n 
A 1 119 ALA 119 156 156 ALA ALA A . n 
A 1 120 LYS 120 157 157 LYS LYS A . n 
A 1 121 ASP 121 158 158 ASP ASP A . n 
A 1 122 ALA 122 159 159 ALA ALA A . n 
A 1 123 ARG 123 160 160 ARG ARG A . n 
A 1 124 TYR 124 161 161 TYR TYR A . n 
A 1 125 VAL 125 162 162 VAL VAL A . n 
A 1 126 LYS 126 163 163 LYS LYS A . n 
A 1 127 VAL 127 164 164 VAL VAL A . n 
A 1 128 GLU 128 165 165 GLU GLU A . n 
A 1 129 LEU 129 166 166 LEU LEU A . n 
A 1 130 LYS 130 167 167 LYS LYS A . n 
A 1 131 THR 131 168 168 THR THR A . n 
A 1 132 LYS 132 169 169 LYS LYS A . n 
A 1 133 ASN 133 170 170 ASN ASN A . n 
A 1 134 THR 134 171 171 THR THR A . n 
A 1 135 PRO 135 172 172 PRO PRO A . n 
A 1 136 LEU 136 173 173 LEU LEU A . n 
A 1 137 SER 137 174 174 SER SER A . n 
A 1 138 LEU 138 175 175 LEU LEU A . n 
A 1 139 ALA 139 176 176 ALA ALA A . n 
A 1 140 GLU 140 177 177 GLU GLU A . n 
A 1 141 VAL 141 178 178 VAL VAL A . n 
A 1 142 GLU 142 179 179 GLU GLU A . n 
A 1 143 VAL 143 180 180 VAL VAL A . n 
A 1 144 PHE 144 181 181 PHE PHE A . n 
A 1 145 ARG 145 182 182 ARG ARG A . n 
A 1 146 SER 146 183 183 SER SER A . n 
A 1 147 ALA 147 184 184 ALA ALA A . n 
A 1 148 THR 148 185 185 THR THR A . n 
A 1 149 THR 149 186 ?   ?   ?   A . n 
A 1 150 GLN 150 187 ?   ?   ?   A . n 
A 1 151 VAL 151 188 ?   ?   ?   A . n 
A 1 152 GLY 152 189 ?   ?   ?   A . n 
A 1 153 CYS 153 190 ?   ?   ?   A . n 
# 
loop_
_pdbx_nonpoly_scheme.asym_id 
_pdbx_nonpoly_scheme.entity_id 
_pdbx_nonpoly_scheme.mon_id 
_pdbx_nonpoly_scheme.ndb_seq_num 
_pdbx_nonpoly_scheme.pdb_seq_num 
_pdbx_nonpoly_scheme.auth_seq_num 
_pdbx_nonpoly_scheme.pdb_mon_id 
_pdbx_nonpoly_scheme.auth_mon_id 
_pdbx_nonpoly_scheme.pdb_strand_id 
_pdbx_nonpoly_scheme.pdb_ins_code 
B 2 FUC 1   1186 1186 FUC FUC A . 
C 3 CA  1   1    1    CA  CA  A . 
D 4 NI  1   191  191  NI  NI  A . 
E 5 HOH 1   2    2    HOH HOH A . 
E 5 HOH 2   3    3    HOH HOH A . 
E 5 HOH 3   4    4    HOH HOH A . 
E 5 HOH 4   5    5    HOH HOH A . 
E 5 HOH 5   6    6    HOH HOH A . 
E 5 HOH 6   7    7    HOH HOH A . 
E 5 HOH 7   8    8    HOH HOH A . 
E 5 HOH 8   9    9    HOH HOH A . 
E 5 HOH 9   10   10   HOH HOH A . 
E 5 HOH 10  11   11   HOH HOH A . 
E 5 HOH 11  12   12   HOH HOH A . 
E 5 HOH 12  13   13   HOH HOH A . 
E 5 HOH 13  14   14   HOH HOH A . 
E 5 HOH 14  15   15   HOH HOH A . 
E 5 HOH 15  16   16   HOH HOH A . 
E 5 HOH 16  17   17   HOH HOH A . 
E 5 HOH 17  18   18   HOH HOH A . 
E 5 HOH 18  19   19   HOH HOH A . 
E 5 HOH 19  20   20   HOH HOH A . 
E 5 HOH 20  21   21   HOH HOH A . 
E 5 HOH 21  22   22   HOH HOH A . 
E 5 HOH 22  23   23   HOH HOH A . 
E 5 HOH 23  24   24   HOH HOH A . 
E 5 HOH 24  25   25   HOH HOH A . 
E 5 HOH 25  26   26   HOH HOH A . 
E 5 HOH 26  27   27   HOH HOH A . 
E 5 HOH 27  28   28   HOH HOH A . 
E 5 HOH 28  29   29   HOH HOH A . 
E 5 HOH 29  30   30   HOH HOH A . 
E 5 HOH 30  31   31   HOH HOH A . 
E 5 HOH 31  32   32   HOH HOH A . 
E 5 HOH 32  33   33   HOH HOH A . 
E 5 HOH 33  34   34   HOH HOH A . 
E 5 HOH 34  35   35   HOH HOH A . 
E 5 HOH 35  36   36   HOH HOH A . 
E 5 HOH 36  192  192  HOH HOH A . 
E 5 HOH 37  193  193  HOH HOH A . 
E 5 HOH 38  194  194  HOH HOH A . 
E 5 HOH 39  195  195  HOH HOH A . 
E 5 HOH 40  196  196  HOH HOH A . 
E 5 HOH 41  197  197  HOH HOH A . 
E 5 HOH 42  198  198  HOH HOH A . 
E 5 HOH 43  199  199  HOH HOH A . 
E 5 HOH 44  200  200  HOH HOH A . 
E 5 HOH 45  201  201  HOH HOH A . 
E 5 HOH 46  202  202  HOH HOH A . 
E 5 HOH 47  203  203  HOH HOH A . 
E 5 HOH 48  204  204  HOH HOH A . 
E 5 HOH 49  205  205  HOH HOH A . 
E 5 HOH 50  206  206  HOH HOH A . 
E 5 HOH 51  207  207  HOH HOH A . 
E 5 HOH 52  208  208  HOH HOH A . 
E 5 HOH 53  209  209  HOH HOH A . 
E 5 HOH 54  210  210  HOH HOH A . 
E 5 HOH 55  211  211  HOH HOH A . 
E 5 HOH 56  212  212  HOH HOH A . 
E 5 HOH 57  213  213  HOH HOH A . 
E 5 HOH 58  214  214  HOH HOH A . 
E 5 HOH 59  215  215  HOH HOH A . 
E 5 HOH 60  216  216  HOH HOH A . 
E 5 HOH 61  217  217  HOH HOH A . 
E 5 HOH 62  218  218  HOH HOH A . 
E 5 HOH 63  219  219  HOH HOH A . 
E 5 HOH 64  220  220  HOH HOH A . 
E 5 HOH 65  221  221  HOH HOH A . 
E 5 HOH 66  222  222  HOH HOH A . 
E 5 HOH 67  223  223  HOH HOH A . 
E 5 HOH 68  224  224  HOH HOH A . 
E 5 HOH 69  225  225  HOH HOH A . 
E 5 HOH 70  226  226  HOH HOH A . 
E 5 HOH 71  227  227  HOH HOH A . 
E 5 HOH 72  228  228  HOH HOH A . 
E 5 HOH 73  229  229  HOH HOH A . 
E 5 HOH 74  230  230  HOH HOH A . 
E 5 HOH 75  231  231  HOH HOH A . 
E 5 HOH 76  232  232  HOH HOH A . 
E 5 HOH 77  233  233  HOH HOH A . 
E 5 HOH 78  234  234  HOH HOH A . 
E 5 HOH 79  235  235  HOH HOH A . 
E 5 HOH 80  236  236  HOH HOH A . 
E 5 HOH 81  237  237  HOH HOH A . 
E 5 HOH 82  238  238  HOH HOH A . 
E 5 HOH 83  239  239  HOH HOH A . 
E 5 HOH 84  240  240  HOH HOH A . 
E 5 HOH 85  241  241  HOH HOH A . 
E 5 HOH 86  242  242  HOH HOH A . 
E 5 HOH 87  243  243  HOH HOH A . 
E 5 HOH 88  244  244  HOH HOH A . 
E 5 HOH 89  245  245  HOH HOH A . 
E 5 HOH 90  246  246  HOH HOH A . 
E 5 HOH 91  247  247  HOH HOH A . 
E 5 HOH 92  248  248  HOH HOH A . 
E 5 HOH 93  249  249  HOH HOH A . 
E 5 HOH 94  250  250  HOH HOH A . 
E 5 HOH 95  251  251  HOH HOH A . 
E 5 HOH 96  252  252  HOH HOH A . 
E 5 HOH 97  253  253  HOH HOH A . 
E 5 HOH 98  254  254  HOH HOH A . 
E 5 HOH 99  255  255  HOH HOH A . 
E 5 HOH 100 256  256  HOH HOH A . 
E 5 HOH 101 257  257  HOH HOH A . 
E 5 HOH 102 258  258  HOH HOH A . 
E 5 HOH 103 259  259  HOH HOH A . 
E 5 HOH 104 260  260  HOH HOH A . 
E 5 HOH 105 261  261  HOH HOH A . 
E 5 HOH 106 262  262  HOH HOH A . 
E 5 HOH 107 263  263  HOH HOH A . 
E 5 HOH 108 264  264  HOH HOH A . 
E 5 HOH 109 265  265  HOH HOH A . 
E 5 HOH 110 266  266  HOH HOH A . 
E 5 HOH 111 267  267  HOH HOH A . 
E 5 HOH 112 268  268  HOH HOH A . 
E 5 HOH 113 269  269  HOH HOH A . 
E 5 HOH 114 270  270  HOH HOH A . 
E 5 HOH 115 271  271  HOH HOH A . 
E 5 HOH 116 272  272  HOH HOH A . 
E 5 HOH 117 273  273  HOH HOH A . 
E 5 HOH 118 274  274  HOH HOH A . 
E 5 HOH 119 275  275  HOH HOH A . 
E 5 HOH 120 276  276  HOH HOH A . 
E 5 HOH 121 277  277  HOH HOH A . 
E 5 HOH 122 278  278  HOH HOH A . 
E 5 HOH 123 279  279  HOH HOH A . 
E 5 HOH 124 280  280  HOH HOH A . 
E 5 HOH 125 281  281  HOH HOH A . 
E 5 HOH 126 282  282  HOH HOH A . 
E 5 HOH 127 283  283  HOH HOH A . 
E 5 HOH 128 284  284  HOH HOH A . 
E 5 HOH 129 285  285  HOH HOH A . 
E 5 HOH 130 286  286  HOH HOH A . 
E 5 HOH 131 287  287  HOH HOH A . 
E 5 HOH 132 288  288  HOH HOH A . 
E 5 HOH 133 289  289  HOH HOH A . 
E 5 HOH 134 290  290  HOH HOH A . 
E 5 HOH 135 291  291  HOH HOH A . 
E 5 HOH 136 292  292  HOH HOH A . 
E 5 HOH 137 293  293  HOH HOH A . 
E 5 HOH 138 294  294  HOH HOH A . 
E 5 HOH 139 295  295  HOH HOH A . 
E 5 HOH 140 296  296  HOH HOH A . 
E 5 HOH 141 297  297  HOH HOH A . 
E 5 HOH 142 298  298  HOH HOH A . 
E 5 HOH 143 299  299  HOH HOH A . 
E 5 HOH 144 300  300  HOH HOH A . 
# 
_pdbx_struct_assembly.id                   1 
_pdbx_struct_assembly.details              author_and_software_defined_assembly 
_pdbx_struct_assembly.method_details       PISA 
_pdbx_struct_assembly.oligomeric_details   monomeric 
_pdbx_struct_assembly.oligomeric_count     1 
# 
_pdbx_struct_assembly_gen.assembly_id       1 
_pdbx_struct_assembly_gen.oper_expression   1 
_pdbx_struct_assembly_gen.asym_id_list      A,B,C,D,E 
# 
_pdbx_struct_oper_list.id                   1 
_pdbx_struct_oper_list.type                 'identity operation' 
_pdbx_struct_oper_list.name                 1_555 
_pdbx_struct_oper_list.symmetry_operation   x,y,z 
_pdbx_struct_oper_list.matrix[1][1]         1.0000000000 
_pdbx_struct_oper_list.matrix[1][2]         0.0000000000 
_pdbx_struct_oper_list.matrix[1][3]         0.0000000000 
_pdbx_struct_oper_list.vector[1]            0.0000000000 
_pdbx_struct_oper_list.matrix[2][1]         0.0000000000 
_pdbx_struct_oper_list.matrix[2][2]         1.0000000000 
_pdbx_struct_oper_list.matrix[2][3]         0.0000000000 
_pdbx_struct_oper_list.vector[2]            0.0000000000 
_pdbx_struct_oper_list.matrix[3][1]         0.0000000000 
_pdbx_struct_oper_list.matrix[3][2]         0.0000000000 
_pdbx_struct_oper_list.matrix[3][3]         1.0000000000 
_pdbx_struct_oper_list.vector[3]            0.0000000000 
# 
loop_
_pdbx_struct_conn_angle.id 
_pdbx_struct_conn_angle.ptnr1_label_atom_id 
_pdbx_struct_conn_angle.ptnr1_label_alt_id 
_pdbx_struct_conn_angle.ptnr1_label_asym_id 
_pdbx_struct_conn_angle.ptnr1_label_comp_id 
_pdbx_struct_conn_angle.ptnr1_label_seq_id 
_pdbx_struct_conn_angle.ptnr1_auth_atom_id 
_pdbx_struct_conn_angle.ptnr1_auth_asym_id 
_pdbx_struct_conn_angle.ptnr1_auth_comp_id 
_pdbx_struct_conn_angle.ptnr1_auth_seq_id 
_pdbx_struct_conn_angle.ptnr1_PDB_ins_code 
_pdbx_struct_conn_angle.ptnr1_symmetry 
_pdbx_struct_conn_angle.ptnr2_label_atom_id 
_pdbx_struct_conn_angle.ptnr2_label_alt_id 
_pdbx_struct_conn_angle.ptnr2_label_asym_id 
_pdbx_struct_conn_angle.ptnr2_label_comp_id 
_pdbx_struct_conn_angle.ptnr2_label_seq_id 
_pdbx_struct_conn_angle.ptnr2_auth_atom_id 
_pdbx_struct_conn_angle.ptnr2_auth_asym_id 
_pdbx_struct_conn_angle.ptnr2_auth_comp_id 
_pdbx_struct_conn_angle.ptnr2_auth_seq_id 
_pdbx_struct_conn_angle.ptnr2_PDB_ins_code 
_pdbx_struct_conn_angle.ptnr2_symmetry 
_pdbx_struct_conn_angle.ptnr3_label_atom_id 
_pdbx_struct_conn_angle.ptnr3_label_alt_id 
_pdbx_struct_conn_angle.ptnr3_label_asym_id 
_pdbx_struct_conn_angle.ptnr3_label_comp_id 
_pdbx_struct_conn_angle.ptnr3_label_seq_id 
_pdbx_struct_conn_angle.ptnr3_auth_atom_id 
_pdbx_struct_conn_angle.ptnr3_auth_asym_id 
_pdbx_struct_conn_angle.ptnr3_auth_comp_id 
_pdbx_struct_conn_angle.ptnr3_auth_seq_id 
_pdbx_struct_conn_angle.ptnr3_PDB_ins_code 
_pdbx_struct_conn_angle.ptnr3_symmetry 
_pdbx_struct_conn_angle.value 
_pdbx_struct_conn_angle.value_esd 
1  O   ? A ARG 31  ? A ARG 68  ? 1_555 CA ? C CA . ? A CA 1   ? 1_555 OD1 ? A ASP 34  ? A ASP 71  ? 1_555 74.9  ? 
2  O   ? A ARG 31  ? A ARG 68  ? 1_555 CA ? C CA . ? A CA 1   ? 1_555 O   ? A ASN 36  ? A ASN 73  ? 1_555 163.7 ? 
3  OD1 ? A ASP 34  ? A ASP 71  ? 1_555 CA ? C CA . ? A CA 1   ? 1_555 O   ? A ASN 36  ? A ASN 73  ? 1_555 91.5  ? 
4  O   ? A ARG 31  ? A ARG 68  ? 1_555 CA ? C CA . ? A CA 1   ? 1_555 OG  ? A SER 45  ? A SER 82  ? 1_555 100.5 ? 
5  OD1 ? A ASP 34  ? A ASP 71  ? 1_555 CA ? C CA . ? A CA 1   ? 1_555 OG  ? A SER 45  ? A SER 82  ? 1_555 70.2  ? 
6  O   ? A ASN 36  ? A ASN 73  ? 1_555 CA ? C CA . ? A CA 1   ? 1_555 OG  ? A SER 45  ? A SER 82  ? 1_555 82.8  ? 
7  O   ? A ARG 31  ? A ARG 68  ? 1_555 CA ? C CA . ? A CA 1   ? 1_555 O   ? A SER 45  ? A SER 82  ? 1_555 80.6  ? 
8  OD1 ? A ASP 34  ? A ASP 71  ? 1_555 CA ? C CA . ? A CA 1   ? 1_555 O   ? A SER 45  ? A SER 82  ? 1_555 127.8 ? 
9  O   ? A ASN 36  ? A ASN 73  ? 1_555 CA ? C CA . ? A CA 1   ? 1_555 O   ? A SER 45  ? A SER 82  ? 1_555 115.4 ? 
10 OG  ? A SER 45  ? A SER 82  ? 1_555 CA ? C CA . ? A CA 1   ? 1_555 O   ? A SER 45  ? A SER 82  ? 1_555 70.0  ? 
11 O   ? A ARG 31  ? A ARG 68  ? 1_555 CA ? C CA . ? A CA 1   ? 1_555 O   ? A ALA 139 ? A ALA 176 ? 1_555 96.5  ? 
12 OD1 ? A ASP 34  ? A ASP 71  ? 1_555 CA ? C CA . ? A CA 1   ? 1_555 O   ? A ALA 139 ? A ALA 176 ? 1_555 157.4 ? 
13 O   ? A ASN 36  ? A ASN 73  ? 1_555 CA ? C CA . ? A CA 1   ? 1_555 O   ? A ALA 139 ? A ALA 176 ? 1_555 92.8  ? 
14 OG  ? A SER 45  ? A SER 82  ? 1_555 CA ? C CA . ? A CA 1   ? 1_555 O   ? A ALA 139 ? A ALA 176 ? 1_555 132.3 ? 
15 O   ? A SER 45  ? A SER 82  ? 1_555 CA ? C CA . ? A CA 1   ? 1_555 O   ? A ALA 139 ? A ALA 176 ? 1_555 69.4  ? 
16 O   ? A ARG 31  ? A ARG 68  ? 1_555 CA ? C CA . ? A CA 1   ? 1_555 OE1 ? A GLU 140 ? A GLU 177 ? 1_555 88.5  ? 
17 OD1 ? A ASP 34  ? A ASP 71  ? 1_555 CA ? C CA . ? A CA 1   ? 1_555 OE1 ? A GLU 140 ? A GLU 177 ? 1_555 74.8  ? 
18 O   ? A ASN 36  ? A ASN 73  ? 1_555 CA ? C CA . ? A CA 1   ? 1_555 OE1 ? A GLU 140 ? A GLU 177 ? 1_555 79.1  ? 
19 OG  ? A SER 45  ? A SER 82  ? 1_555 CA ? C CA . ? A CA 1   ? 1_555 OE1 ? A GLU 140 ? A GLU 177 ? 1_555 139.9 ? 
20 O   ? A SER 45  ? A SER 82  ? 1_555 CA ? C CA . ? A CA 1   ? 1_555 OE1 ? A GLU 140 ? A GLU 177 ? 1_555 149.9 ? 
21 O   ? A ALA 139 ? A ALA 176 ? 1_555 CA ? C CA . ? A CA 1   ? 1_555 OE1 ? A GLU 140 ? A GLU 177 ? 1_555 84.2  ? 
22 NE2 ? A HIS 43  ? A HIS 80  ? 1_555 NI ? D NI . ? A NI 191 ? 1_555 O   ? E HOH .   ? A HOH 294 ? 1_555 91.5  ? 
23 NE2 ? A HIS 43  ? A HIS 80  ? 1_555 NI ? D NI . ? A NI 191 ? 1_555 O   ? E HOH .   ? A HOH 295 ? 1_555 92.3  ? 
24 O   ? E HOH .   ? A HOH 294 ? 1_555 NI ? D NI . ? A NI 191 ? 1_555 O   ? E HOH .   ? A HOH 295 ? 1_555 175.0 ? 
25 NE2 ? A HIS 43  ? A HIS 80  ? 1_555 NI ? D NI . ? A NI 191 ? 1_555 O   ? E HOH .   ? A HOH 296 ? 1_555 89.5  ? 
26 O   ? E HOH .   ? A HOH 294 ? 1_555 NI ? D NI . ? A NI 191 ? 1_555 O   ? E HOH .   ? A HOH 296 ? 1_555 87.7  ? 
27 O   ? E HOH .   ? A HOH 295 ? 1_555 NI ? D NI . ? A NI 191 ? 1_555 O   ? E HOH .   ? A HOH 296 ? 1_555 95.5  ? 
28 NE2 ? A HIS 43  ? A HIS 80  ? 1_555 NI ? D NI . ? A NI 191 ? 1_555 O   ? E HOH .   ? A HOH 297 ? 1_555 174.5 ? 
29 O   ? E HOH .   ? A HOH 294 ? 1_555 NI ? D NI . ? A NI 191 ? 1_555 O   ? E HOH .   ? A HOH 297 ? 1_555 84.2  ? 
30 O   ? E HOH .   ? A HOH 295 ? 1_555 NI ? D NI . ? A NI 191 ? 1_555 O   ? E HOH .   ? A HOH 297 ? 1_555 91.8  ? 
31 O   ? E HOH .   ? A HOH 296 ? 1_555 NI ? D NI . ? A NI 191 ? 1_555 O   ? E HOH .   ? A HOH 297 ? 1_555 93.7  ? 
32 NE2 ? A HIS 43  ? A HIS 80  ? 1_555 NI ? D NI . ? A NI 191 ? 1_555 O   ? E HOH .   ? A HOH 298 ? 1_555 89.2  ? 
33 O   ? E HOH .   ? A HOH 294 ? 1_555 NI ? D NI . ? A NI 191 ? 1_555 O   ? E HOH .   ? A HOH 298 ? 1_555 88.7  ? 
34 O   ? E HOH .   ? A HOH 295 ? 1_555 NI ? D NI . ? A NI 191 ? 1_555 O   ? E HOH .   ? A HOH 298 ? 1_555 88.1  ? 
35 O   ? E HOH .   ? A HOH 296 ? 1_555 NI ? D NI . ? A NI 191 ? 1_555 O   ? E HOH .   ? A HOH 298 ? 1_555 176.2 ? 
36 O   ? E HOH .   ? A HOH 297 ? 1_555 NI ? D NI . ? A NI 191 ? 1_555 O   ? E HOH .   ? A HOH 298 ? 1_555 87.3  ? 
# 
loop_
_pdbx_audit_revision_history.ordinal 
_pdbx_audit_revision_history.data_content_type 
_pdbx_audit_revision_history.major_revision 
_pdbx_audit_revision_history.minor_revision 
_pdbx_audit_revision_history.revision_date 
1 'Structure model' 1 0 2010-12-29 
2 'Structure model' 1 1 2011-07-13 
3 'Structure model' 1 2 2012-02-29 
4 'Structure model' 1 3 2020-07-29 
5 'Structure model' 1 4 2021-10-13 
6 'Structure model' 1 5 2023-09-06 
# 
loop_
_pdbx_audit_revision_details.ordinal 
_pdbx_audit_revision_details.revision_ordinal 
_pdbx_audit_revision_details.data_content_type 
_pdbx_audit_revision_details.provider 
_pdbx_audit_revision_details.type 
_pdbx_audit_revision_details.description 
_pdbx_audit_revision_details.details 
1 1 'Structure model' repository 'Initial release' ?                          ? 
2 4 'Structure model' repository Remediation       'Carbohydrate remediation' ? 
# 
loop_
_pdbx_audit_revision_group.ordinal 
_pdbx_audit_revision_group.revision_ordinal 
_pdbx_audit_revision_group.data_content_type 
_pdbx_audit_revision_group.group 
1  2 'Structure model' 'Version format compliance' 
2  3 'Structure model' 'Database references'       
3  4 'Structure model' Advisory                    
4  4 'Structure model' 'Data collection'           
5  4 'Structure model' 'Derived calculations'      
6  4 'Structure model' 'Structure summary'         
7  5 'Structure model' 'Database references'       
8  5 'Structure model' 'Structure summary'         
9  6 'Structure model' 'Data collection'           
10 6 'Structure model' 'Refinement description'    
# 
loop_
_pdbx_audit_revision_category.ordinal 
_pdbx_audit_revision_category.revision_ordinal 
_pdbx_audit_revision_category.data_content_type 
_pdbx_audit_revision_category.category 
1  4 'Structure model' chem_comp                     
2  4 'Structure model' database_PDB_caveat           
3  4 'Structure model' entity                        
4  4 'Structure model' pdbx_chem_comp_identifier     
5  4 'Structure model' pdbx_entity_nonpoly           
6  4 'Structure model' pdbx_struct_conn_angle        
7  4 'Structure model' struct_conn                   
8  4 'Structure model' struct_site                   
9  4 'Structure model' struct_site_gen               
10 5 'Structure model' chem_comp                     
11 5 'Structure model' database_2                    
12 5 'Structure model' struct_ref_seq_dif            
13 6 'Structure model' chem_comp_atom                
14 6 'Structure model' chem_comp_bond                
15 6 'Structure model' pdbx_initial_refinement_model 
# 
loop_
_pdbx_audit_revision_item.ordinal 
_pdbx_audit_revision_item.revision_ordinal 
_pdbx_audit_revision_item.data_content_type 
_pdbx_audit_revision_item.item 
1  4 'Structure model' '_chem_comp.name'                             
2  4 'Structure model' '_chem_comp.type'                             
3  4 'Structure model' '_entity.pdbx_description'                    
4  4 'Structure model' '_pdbx_entity_nonpoly.name'                   
5  4 'Structure model' '_pdbx_struct_conn_angle.ptnr1_auth_comp_id'  
6  4 'Structure model' '_pdbx_struct_conn_angle.ptnr1_auth_seq_id'   
7  4 'Structure model' '_pdbx_struct_conn_angle.ptnr1_label_asym_id' 
8  4 'Structure model' '_pdbx_struct_conn_angle.ptnr1_label_atom_id' 
9  4 'Structure model' '_pdbx_struct_conn_angle.ptnr1_label_comp_id' 
10 4 'Structure model' '_pdbx_struct_conn_angle.ptnr1_label_seq_id'  
11 4 'Structure model' '_pdbx_struct_conn_angle.ptnr2_auth_comp_id'  
12 4 'Structure model' '_pdbx_struct_conn_angle.ptnr2_auth_seq_id'   
13 4 'Structure model' '_pdbx_struct_conn_angle.ptnr2_label_asym_id' 
14 4 'Structure model' '_pdbx_struct_conn_angle.ptnr2_label_atom_id' 
15 4 'Structure model' '_pdbx_struct_conn_angle.ptnr2_label_comp_id' 
16 4 'Structure model' '_pdbx_struct_conn_angle.ptnr3_auth_comp_id'  
17 4 'Structure model' '_pdbx_struct_conn_angle.ptnr3_auth_seq_id'   
18 4 'Structure model' '_pdbx_struct_conn_angle.ptnr3_label_asym_id' 
19 4 'Structure model' '_pdbx_struct_conn_angle.ptnr3_label_atom_id' 
20 4 'Structure model' '_pdbx_struct_conn_angle.ptnr3_label_comp_id' 
21 4 'Structure model' '_pdbx_struct_conn_angle.ptnr3_label_seq_id'  
22 4 'Structure model' '_pdbx_struct_conn_angle.value'               
23 4 'Structure model' '_struct_conn.pdbx_dist_value'                
24 4 'Structure model' '_struct_conn.ptnr1_auth_comp_id'             
25 4 'Structure model' '_struct_conn.ptnr1_auth_seq_id'              
26 4 'Structure model' '_struct_conn.ptnr1_label_asym_id'            
27 4 'Structure model' '_struct_conn.ptnr1_label_atom_id'            
28 4 'Structure model' '_struct_conn.ptnr1_label_comp_id'            
29 4 'Structure model' '_struct_conn.ptnr1_label_seq_id'             
30 4 'Structure model' '_struct_conn.ptnr2_auth_comp_id'             
31 4 'Structure model' '_struct_conn.ptnr2_auth_seq_id'              
32 4 'Structure model' '_struct_conn.ptnr2_label_asym_id'            
33 4 'Structure model' '_struct_conn.ptnr2_label_atom_id'            
34 4 'Structure model' '_struct_conn.ptnr2_label_comp_id'            
35 4 'Structure model' '_struct_conn.ptnr2_label_seq_id'             
36 5 'Structure model' '_chem_comp.pdbx_synonyms'                    
37 5 'Structure model' '_database_2.pdbx_DOI'                        
38 5 'Structure model' '_database_2.pdbx_database_accession'         
39 5 'Structure model' '_struct_ref_seq_dif.details'                 
# 
_pdbx_phasing_MR.entry_id                     3LEI 
_pdbx_phasing_MR.method_rotation              ? 
_pdbx_phasing_MR.method_translation           ? 
_pdbx_phasing_MR.model_details                'Phaser MODE: MR_AUTO' 
_pdbx_phasing_MR.R_factor                     ? 
_pdbx_phasing_MR.R_rigid_body                 ? 
_pdbx_phasing_MR.correlation_coeff_Fo_to_Fc   ? 
_pdbx_phasing_MR.correlation_coeff_Io_to_Ic   ? 
_pdbx_phasing_MR.d_res_high_rotation          2.500 
_pdbx_phasing_MR.d_res_low_rotation           48.900 
_pdbx_phasing_MR.d_res_high_translation       2.500 
_pdbx_phasing_MR.d_res_low_translation        48.900 
_pdbx_phasing_MR.packing                      ? 
_pdbx_phasing_MR.reflns_percent_rotation      ? 
_pdbx_phasing_MR.reflns_percent_translation   ? 
_pdbx_phasing_MR.sigma_F_rotation             ? 
_pdbx_phasing_MR.sigma_F_translation          ? 
_pdbx_phasing_MR.sigma_I_rotation             ? 
_pdbx_phasing_MR.sigma_I_translation          ? 
# 
_phasing.method   MR 
# 
loop_
_software.pdbx_ordinal 
_software.name 
_software.version 
_software.date 
_software.type 
_software.contact_author 
_software.contact_author_email 
_software.classification 
_software.location 
_software.language 
_software.citation_id 
1 d*TREK       9.4SSI 'Jan 10 2006'             package 'Jim W. Pflugrath'   Jim.Pflugrath@Rigaku.com    'data scaling'    
http://www.rigaku.com/software/dtrek.html    ?          ? 
2 PHASER       1.3.2  'Fri May 5 14:40:40 2006' program 'Randy J. Read'      cimr-phaser@lists.cam.ac.uk phasing           
http://www-structmed.cimr.cam.ac.uk/phaser/  ?          ? 
3 REFMAC       .      ?                         program 'Garib N. Murshudov' garib@ysbl.york.ac.uk       refinement        
http://www.ccp4.ac.uk/dist/html/refmac5.html Fortran_77 ? 
4 PDB_EXTRACT  3.005  'June 11, 2008'           package PDB                  help@deposit.rcsb.org       'data extraction' 
http://sw-tools.pdb.org/apps/PDB_EXTRACT/    C++        ? 
5 CrystalClear .      ?                         ?       ?                    ?                           'data collection' ? ? ? 
6 d*TREK       .      ?                         ?       ?                    ?                           'data reduction'  ? ? ? 
# 
_pdbx_entry_details.entry_id                 3LEI 
_pdbx_entry_details.nonpolymer_details       ? 
_pdbx_entry_details.sequence_details         
;THE SEQUENCE FOR THE LECTIN DOMAIN OF LECTINOLYSIN WAS DERIVED FROM THE PUBLISHED PROTEIN SEQUENCE PUBLISHED BY FARRAND ET AL. (BIOCHEMISTRY, VOL. 47, 2008). ACCORDING TO THEIR SEQUENCING RESULTS AMINO ACIDS 67 AND 158 ARE THREONINE AND ASPARTATE, RESPECTIVELY. THE CORRECTNESS OF THR 67 AND ASP 158 WAS CONFIRMED IN THE ELECTRON DENSITY MAP.
;
_pdbx_entry_details.compound_details         ? 
_pdbx_entry_details.source_details           ? 
_pdbx_entry_details.has_ligand_of_interest   ? 
# 
loop_
_pdbx_validate_torsion.id 
_pdbx_validate_torsion.PDB_model_num 
_pdbx_validate_torsion.auth_comp_id 
_pdbx_validate_torsion.auth_asym_id 
_pdbx_validate_torsion.auth_seq_id 
_pdbx_validate_torsion.PDB_ins_code 
_pdbx_validate_torsion.label_alt_id 
_pdbx_validate_torsion.phi 
_pdbx_validate_torsion.psi 
1 1 TYR A 62  ? ? 46.68   28.95  
2 1 ASN A 116 ? ? 27.63   59.93  
3 1 GLU A 177 ? ? -171.57 145.48 
# 
_pdbx_validate_chiral.id              1 
_pdbx_validate_chiral.PDB_model_num   1 
_pdbx_validate_chiral.auth_atom_id    C1 
_pdbx_validate_chiral.label_alt_id    ? 
_pdbx_validate_chiral.auth_asym_id    A 
_pdbx_validate_chiral.auth_comp_id    FUC 
_pdbx_validate_chiral.auth_seq_id     1186 
_pdbx_validate_chiral.PDB_ins_code    ? 
_pdbx_validate_chiral.details         'WRONG HAND' 
_pdbx_validate_chiral.omega           . 
# 
loop_
_pdbx_unobs_or_zero_occ_residues.id 
_pdbx_unobs_or_zero_occ_residues.PDB_model_num 
_pdbx_unobs_or_zero_occ_residues.polymer_flag 
_pdbx_unobs_or_zero_occ_residues.occupancy_flag 
_pdbx_unobs_or_zero_occ_residues.auth_asym_id 
_pdbx_unobs_or_zero_occ_residues.auth_comp_id 
_pdbx_unobs_or_zero_occ_residues.auth_seq_id 
_pdbx_unobs_or_zero_occ_residues.PDB_ins_code 
_pdbx_unobs_or_zero_occ_residues.label_asym_id 
_pdbx_unobs_or_zero_occ_residues.label_comp_id 
_pdbx_unobs_or_zero_occ_residues.label_seq_id 
1  1 Y 1 A GLU 37  ? A GLU 1   
2  1 Y 1 A GLN 38  ? A GLN 2   
3  1 Y 1 A GLY 39  ? A GLY 3   
4  1 Y 1 A ASN 40  ? A ASN 4   
5  1 Y 1 A ARG 41  ? A ARG 5   
6  1 Y 1 A THR 186 ? A THR 149 
7  1 Y 1 A GLN 187 ? A GLN 150 
8  1 Y 1 A VAL 188 ? A VAL 151 
9  1 Y 1 A GLY 189 ? A GLY 152 
10 1 Y 1 A CYS 190 ? A CYS 153 
# 
loop_
_chem_comp_atom.comp_id 
_chem_comp_atom.atom_id 
_chem_comp_atom.type_symbol 
_chem_comp_atom.pdbx_aromatic_flag 
_chem_comp_atom.pdbx_stereo_config 
_chem_comp_atom.pdbx_ordinal 
ALA N    N  N N 1   
ALA CA   C  N S 2   
ALA C    C  N N 3   
ALA O    O  N N 4   
ALA CB   C  N N 5   
ALA OXT  O  N N 6   
ALA H    H  N N 7   
ALA H2   H  N N 8   
ALA HA   H  N N 9   
ALA HB1  H  N N 10  
ALA HB2  H  N N 11  
ALA HB3  H  N N 12  
ALA HXT  H  N N 13  
ARG N    N  N N 14  
ARG CA   C  N S 15  
ARG C    C  N N 16  
ARG O    O  N N 17  
ARG CB   C  N N 18  
ARG CG   C  N N 19  
ARG CD   C  N N 20  
ARG NE   N  N N 21  
ARG CZ   C  N N 22  
ARG NH1  N  N N 23  
ARG NH2  N  N N 24  
ARG OXT  O  N N 25  
ARG H    H  N N 26  
ARG H2   H  N N 27  
ARG HA   H  N N 28  
ARG HB2  H  N N 29  
ARG HB3  H  N N 30  
ARG HG2  H  N N 31  
ARG HG3  H  N N 32  
ARG HD2  H  N N 33  
ARG HD3  H  N N 34  
ARG HE   H  N N 35  
ARG HH11 H  N N 36  
ARG HH12 H  N N 37  
ARG HH21 H  N N 38  
ARG HH22 H  N N 39  
ARG HXT  H  N N 40  
ASN N    N  N N 41  
ASN CA   C  N S 42  
ASN C    C  N N 43  
ASN O    O  N N 44  
ASN CB   C  N N 45  
ASN CG   C  N N 46  
ASN OD1  O  N N 47  
ASN ND2  N  N N 48  
ASN OXT  O  N N 49  
ASN H    H  N N 50  
ASN H2   H  N N 51  
ASN HA   H  N N 52  
ASN HB2  H  N N 53  
ASN HB3  H  N N 54  
ASN HD21 H  N N 55  
ASN HD22 H  N N 56  
ASN HXT  H  N N 57  
ASP N    N  N N 58  
ASP CA   C  N S 59  
ASP C    C  N N 60  
ASP O    O  N N 61  
ASP CB   C  N N 62  
ASP CG   C  N N 63  
ASP OD1  O  N N 64  
ASP OD2  O  N N 65  
ASP OXT  O  N N 66  
ASP H    H  N N 67  
ASP H2   H  N N 68  
ASP HA   H  N N 69  
ASP HB2  H  N N 70  
ASP HB3  H  N N 71  
ASP HD2  H  N N 72  
ASP HXT  H  N N 73  
CA  CA   CA N N 74  
CYS N    N  N N 75  
CYS CA   C  N R 76  
CYS C    C  N N 77  
CYS O    O  N N 78  
CYS CB   C  N N 79  
CYS SG   S  N N 80  
CYS OXT  O  N N 81  
CYS H    H  N N 82  
CYS H2   H  N N 83  
CYS HA   H  N N 84  
CYS HB2  H  N N 85  
CYS HB3  H  N N 86  
CYS HG   H  N N 87  
CYS HXT  H  N N 88  
FUC C1   C  N R 89  
FUC C2   C  N S 90  
FUC C3   C  N R 91  
FUC C4   C  N S 92  
FUC C5   C  N S 93  
FUC C6   C  N N 94  
FUC O1   O  N N 95  
FUC O2   O  N N 96  
FUC O3   O  N N 97  
FUC O4   O  N N 98  
FUC O5   O  N N 99  
FUC H1   H  N N 100 
FUC H2   H  N N 101 
FUC H3   H  N N 102 
FUC H4   H  N N 103 
FUC H5   H  N N 104 
FUC H61  H  N N 105 
FUC H62  H  N N 106 
FUC H63  H  N N 107 
FUC HO1  H  N N 108 
FUC HO2  H  N N 109 
FUC HO3  H  N N 110 
FUC HO4  H  N N 111 
GLN N    N  N N 112 
GLN CA   C  N S 113 
GLN C    C  N N 114 
GLN O    O  N N 115 
GLN CB   C  N N 116 
GLN CG   C  N N 117 
GLN CD   C  N N 118 
GLN OE1  O  N N 119 
GLN NE2  N  N N 120 
GLN OXT  O  N N 121 
GLN H    H  N N 122 
GLN H2   H  N N 123 
GLN HA   H  N N 124 
GLN HB2  H  N N 125 
GLN HB3  H  N N 126 
GLN HG2  H  N N 127 
GLN HG3  H  N N 128 
GLN HE21 H  N N 129 
GLN HE22 H  N N 130 
GLN HXT  H  N N 131 
GLU N    N  N N 132 
GLU CA   C  N S 133 
GLU C    C  N N 134 
GLU O    O  N N 135 
GLU CB   C  N N 136 
GLU CG   C  N N 137 
GLU CD   C  N N 138 
GLU OE1  O  N N 139 
GLU OE2  O  N N 140 
GLU OXT  O  N N 141 
GLU H    H  N N 142 
GLU H2   H  N N 143 
GLU HA   H  N N 144 
GLU HB2  H  N N 145 
GLU HB3  H  N N 146 
GLU HG2  H  N N 147 
GLU HG3  H  N N 148 
GLU HE2  H  N N 149 
GLU HXT  H  N N 150 
GLY N    N  N N 151 
GLY CA   C  N N 152 
GLY C    C  N N 153 
GLY O    O  N N 154 
GLY OXT  O  N N 155 
GLY H    H  N N 156 
GLY H2   H  N N 157 
GLY HA2  H  N N 158 
GLY HA3  H  N N 159 
GLY HXT  H  N N 160 
HIS N    N  N N 161 
HIS CA   C  N S 162 
HIS C    C  N N 163 
HIS O    O  N N 164 
HIS CB   C  N N 165 
HIS CG   C  Y N 166 
HIS ND1  N  Y N 167 
HIS CD2  C  Y N 168 
HIS CE1  C  Y N 169 
HIS NE2  N  Y N 170 
HIS OXT  O  N N 171 
HIS H    H  N N 172 
HIS H2   H  N N 173 
HIS HA   H  N N 174 
HIS HB2  H  N N 175 
HIS HB3  H  N N 176 
HIS HD1  H  N N 177 
HIS HD2  H  N N 178 
HIS HE1  H  N N 179 
HIS HE2  H  N N 180 
HIS HXT  H  N N 181 
HOH O    O  N N 182 
HOH H1   H  N N 183 
HOH H2   H  N N 184 
ILE N    N  N N 185 
ILE CA   C  N S 186 
ILE C    C  N N 187 
ILE O    O  N N 188 
ILE CB   C  N S 189 
ILE CG1  C  N N 190 
ILE CG2  C  N N 191 
ILE CD1  C  N N 192 
ILE OXT  O  N N 193 
ILE H    H  N N 194 
ILE H2   H  N N 195 
ILE HA   H  N N 196 
ILE HB   H  N N 197 
ILE HG12 H  N N 198 
ILE HG13 H  N N 199 
ILE HG21 H  N N 200 
ILE HG22 H  N N 201 
ILE HG23 H  N N 202 
ILE HD11 H  N N 203 
ILE HD12 H  N N 204 
ILE HD13 H  N N 205 
ILE HXT  H  N N 206 
LEU N    N  N N 207 
LEU CA   C  N S 208 
LEU C    C  N N 209 
LEU O    O  N N 210 
LEU CB   C  N N 211 
LEU CG   C  N N 212 
LEU CD1  C  N N 213 
LEU CD2  C  N N 214 
LEU OXT  O  N N 215 
LEU H    H  N N 216 
LEU H2   H  N N 217 
LEU HA   H  N N 218 
LEU HB2  H  N N 219 
LEU HB3  H  N N 220 
LEU HG   H  N N 221 
LEU HD11 H  N N 222 
LEU HD12 H  N N 223 
LEU HD13 H  N N 224 
LEU HD21 H  N N 225 
LEU HD22 H  N N 226 
LEU HD23 H  N N 227 
LEU HXT  H  N N 228 
LYS N    N  N N 229 
LYS CA   C  N S 230 
LYS C    C  N N 231 
LYS O    O  N N 232 
LYS CB   C  N N 233 
LYS CG   C  N N 234 
LYS CD   C  N N 235 
LYS CE   C  N N 236 
LYS NZ   N  N N 237 
LYS OXT  O  N N 238 
LYS H    H  N N 239 
LYS H2   H  N N 240 
LYS HA   H  N N 241 
LYS HB2  H  N N 242 
LYS HB3  H  N N 243 
LYS HG2  H  N N 244 
LYS HG3  H  N N 245 
LYS HD2  H  N N 246 
LYS HD3  H  N N 247 
LYS HE2  H  N N 248 
LYS HE3  H  N N 249 
LYS HZ1  H  N N 250 
LYS HZ2  H  N N 251 
LYS HZ3  H  N N 252 
LYS HXT  H  N N 253 
NI  NI   NI N N 254 
PHE N    N  N N 255 
PHE CA   C  N S 256 
PHE C    C  N N 257 
PHE O    O  N N 258 
PHE CB   C  N N 259 
PHE CG   C  Y N 260 
PHE CD1  C  Y N 261 
PHE CD2  C  Y N 262 
PHE CE1  C  Y N 263 
PHE CE2  C  Y N 264 
PHE CZ   C  Y N 265 
PHE OXT  O  N N 266 
PHE H    H  N N 267 
PHE H2   H  N N 268 
PHE HA   H  N N 269 
PHE HB2  H  N N 270 
PHE HB3  H  N N 271 
PHE HD1  H  N N 272 
PHE HD2  H  N N 273 
PHE HE1  H  N N 274 
PHE HE2  H  N N 275 
PHE HZ   H  N N 276 
PHE HXT  H  N N 277 
PRO N    N  N N 278 
PRO CA   C  N S 279 
PRO C    C  N N 280 
PRO O    O  N N 281 
PRO CB   C  N N 282 
PRO CG   C  N N 283 
PRO CD   C  N N 284 
PRO OXT  O  N N 285 
PRO H    H  N N 286 
PRO HA   H  N N 287 
PRO HB2  H  N N 288 
PRO HB3  H  N N 289 
PRO HG2  H  N N 290 
PRO HG3  H  N N 291 
PRO HD2  H  N N 292 
PRO HD3  H  N N 293 
PRO HXT  H  N N 294 
SER N    N  N N 295 
SER CA   C  N S 296 
SER C    C  N N 297 
SER O    O  N N 298 
SER CB   C  N N 299 
SER OG   O  N N 300 
SER OXT  O  N N 301 
SER H    H  N N 302 
SER H2   H  N N 303 
SER HA   H  N N 304 
SER HB2  H  N N 305 
SER HB3  H  N N 306 
SER HG   H  N N 307 
SER HXT  H  N N 308 
THR N    N  N N 309 
THR CA   C  N S 310 
THR C    C  N N 311 
THR O    O  N N 312 
THR CB   C  N R 313 
THR OG1  O  N N 314 
THR CG2  C  N N 315 
THR OXT  O  N N 316 
THR H    H  N N 317 
THR H2   H  N N 318 
THR HA   H  N N 319 
THR HB   H  N N 320 
THR HG1  H  N N 321 
THR HG21 H  N N 322 
THR HG22 H  N N 323 
THR HG23 H  N N 324 
THR HXT  H  N N 325 
TRP N    N  N N 326 
TRP CA   C  N S 327 
TRP C    C  N N 328 
TRP O    O  N N 329 
TRP CB   C  N N 330 
TRP CG   C  Y N 331 
TRP CD1  C  Y N 332 
TRP CD2  C  Y N 333 
TRP NE1  N  Y N 334 
TRP CE2  C  Y N 335 
TRP CE3  C  Y N 336 
TRP CZ2  C  Y N 337 
TRP CZ3  C  Y N 338 
TRP CH2  C  Y N 339 
TRP OXT  O  N N 340 
TRP H    H  N N 341 
TRP H2   H  N N 342 
TRP HA   H  N N 343 
TRP HB2  H  N N 344 
TRP HB3  H  N N 345 
TRP HD1  H  N N 346 
TRP HE1  H  N N 347 
TRP HE3  H  N N 348 
TRP HZ2  H  N N 349 
TRP HZ3  H  N N 350 
TRP HH2  H  N N 351 
TRP HXT  H  N N 352 
TYR N    N  N N 353 
TYR CA   C  N S 354 
TYR C    C  N N 355 
TYR O    O  N N 356 
TYR CB   C  N N 357 
TYR CG   C  Y N 358 
TYR CD1  C  Y N 359 
TYR CD2  C  Y N 360 
TYR CE1  C  Y N 361 
TYR CE2  C  Y N 362 
TYR CZ   C  Y N 363 
TYR OH   O  N N 364 
TYR OXT  O  N N 365 
TYR H    H  N N 366 
TYR H2   H  N N 367 
TYR HA   H  N N 368 
TYR HB2  H  N N 369 
TYR HB3  H  N N 370 
TYR HD1  H  N N 371 
TYR HD2  H  N N 372 
TYR HE1  H  N N 373 
TYR HE2  H  N N 374 
TYR HH   H  N N 375 
TYR HXT  H  N N 376 
VAL N    N  N N 377 
VAL CA   C  N S 378 
VAL C    C  N N 379 
VAL O    O  N N 380 
VAL CB   C  N N 381 
VAL CG1  C  N N 382 
VAL CG2  C  N N 383 
VAL OXT  O  N N 384 
VAL H    H  N N 385 
VAL H2   H  N N 386 
VAL HA   H  N N 387 
VAL HB   H  N N 388 
VAL HG11 H  N N 389 
VAL HG12 H  N N 390 
VAL HG13 H  N N 391 
VAL HG21 H  N N 392 
VAL HG22 H  N N 393 
VAL HG23 H  N N 394 
VAL HXT  H  N N 395 
# 
loop_
_chem_comp_bond.comp_id 
_chem_comp_bond.atom_id_1 
_chem_comp_bond.atom_id_2 
_chem_comp_bond.value_order 
_chem_comp_bond.pdbx_aromatic_flag 
_chem_comp_bond.pdbx_stereo_config 
_chem_comp_bond.pdbx_ordinal 
ALA N   CA   sing N N 1   
ALA N   H    sing N N 2   
ALA N   H2   sing N N 3   
ALA CA  C    sing N N 4   
ALA CA  CB   sing N N 5   
ALA CA  HA   sing N N 6   
ALA C   O    doub N N 7   
ALA C   OXT  sing N N 8   
ALA CB  HB1  sing N N 9   
ALA CB  HB2  sing N N 10  
ALA CB  HB3  sing N N 11  
ALA OXT HXT  sing N N 12  
ARG N   CA   sing N N 13  
ARG N   H    sing N N 14  
ARG N   H2   sing N N 15  
ARG CA  C    sing N N 16  
ARG CA  CB   sing N N 17  
ARG CA  HA   sing N N 18  
ARG C   O    doub N N 19  
ARG C   OXT  sing N N 20  
ARG CB  CG   sing N N 21  
ARG CB  HB2  sing N N 22  
ARG CB  HB3  sing N N 23  
ARG CG  CD   sing N N 24  
ARG CG  HG2  sing N N 25  
ARG CG  HG3  sing N N 26  
ARG CD  NE   sing N N 27  
ARG CD  HD2  sing N N 28  
ARG CD  HD3  sing N N 29  
ARG NE  CZ   sing N N 30  
ARG NE  HE   sing N N 31  
ARG CZ  NH1  sing N N 32  
ARG CZ  NH2  doub N N 33  
ARG NH1 HH11 sing N N 34  
ARG NH1 HH12 sing N N 35  
ARG NH2 HH21 sing N N 36  
ARG NH2 HH22 sing N N 37  
ARG OXT HXT  sing N N 38  
ASN N   CA   sing N N 39  
ASN N   H    sing N N 40  
ASN N   H2   sing N N 41  
ASN CA  C    sing N N 42  
ASN CA  CB   sing N N 43  
ASN CA  HA   sing N N 44  
ASN C   O    doub N N 45  
ASN C   OXT  sing N N 46  
ASN CB  CG   sing N N 47  
ASN CB  HB2  sing N N 48  
ASN CB  HB3  sing N N 49  
ASN CG  OD1  doub N N 50  
ASN CG  ND2  sing N N 51  
ASN ND2 HD21 sing N N 52  
ASN ND2 HD22 sing N N 53  
ASN OXT HXT  sing N N 54  
ASP N   CA   sing N N 55  
ASP N   H    sing N N 56  
ASP N   H2   sing N N 57  
ASP CA  C    sing N N 58  
ASP CA  CB   sing N N 59  
ASP CA  HA   sing N N 60  
ASP C   O    doub N N 61  
ASP C   OXT  sing N N 62  
ASP CB  CG   sing N N 63  
ASP CB  HB2  sing N N 64  
ASP CB  HB3  sing N N 65  
ASP CG  OD1  doub N N 66  
ASP CG  OD2  sing N N 67  
ASP OD2 HD2  sing N N 68  
ASP OXT HXT  sing N N 69  
CYS N   CA   sing N N 70  
CYS N   H    sing N N 71  
CYS N   H2   sing N N 72  
CYS CA  C    sing N N 73  
CYS CA  CB   sing N N 74  
CYS CA  HA   sing N N 75  
CYS C   O    doub N N 76  
CYS C   OXT  sing N N 77  
CYS CB  SG   sing N N 78  
CYS CB  HB2  sing N N 79  
CYS CB  HB3  sing N N 80  
CYS SG  HG   sing N N 81  
CYS OXT HXT  sing N N 82  
FUC C1  C2   sing N N 83  
FUC C1  O1   sing N N 84  
FUC C1  O5   sing N N 85  
FUC C1  H1   sing N N 86  
FUC C2  C3   sing N N 87  
FUC C2  O2   sing N N 88  
FUC C2  H2   sing N N 89  
FUC C3  C4   sing N N 90  
FUC C3  O3   sing N N 91  
FUC C3  H3   sing N N 92  
FUC C4  C5   sing N N 93  
FUC C4  O4   sing N N 94  
FUC C4  H4   sing N N 95  
FUC C5  C6   sing N N 96  
FUC C5  O5   sing N N 97  
FUC C5  H5   sing N N 98  
FUC C6  H61  sing N N 99  
FUC C6  H62  sing N N 100 
FUC C6  H63  sing N N 101 
FUC O1  HO1  sing N N 102 
FUC O2  HO2  sing N N 103 
FUC O3  HO3  sing N N 104 
FUC O4  HO4  sing N N 105 
GLN N   CA   sing N N 106 
GLN N   H    sing N N 107 
GLN N   H2   sing N N 108 
GLN CA  C    sing N N 109 
GLN CA  CB   sing N N 110 
GLN CA  HA   sing N N 111 
GLN C   O    doub N N 112 
GLN C   OXT  sing N N 113 
GLN CB  CG   sing N N 114 
GLN CB  HB2  sing N N 115 
GLN CB  HB3  sing N N 116 
GLN CG  CD   sing N N 117 
GLN CG  HG2  sing N N 118 
GLN CG  HG3  sing N N 119 
GLN CD  OE1  doub N N 120 
GLN CD  NE2  sing N N 121 
GLN NE2 HE21 sing N N 122 
GLN NE2 HE22 sing N N 123 
GLN OXT HXT  sing N N 124 
GLU N   CA   sing N N 125 
GLU N   H    sing N N 126 
GLU N   H2   sing N N 127 
GLU CA  C    sing N N 128 
GLU CA  CB   sing N N 129 
GLU CA  HA   sing N N 130 
GLU C   O    doub N N 131 
GLU C   OXT  sing N N 132 
GLU CB  CG   sing N N 133 
GLU CB  HB2  sing N N 134 
GLU CB  HB3  sing N N 135 
GLU CG  CD   sing N N 136 
GLU CG  HG2  sing N N 137 
GLU CG  HG3  sing N N 138 
GLU CD  OE1  doub N N 139 
GLU CD  OE2  sing N N 140 
GLU OE2 HE2  sing N N 141 
GLU OXT HXT  sing N N 142 
GLY N   CA   sing N N 143 
GLY N   H    sing N N 144 
GLY N   H2   sing N N 145 
GLY CA  C    sing N N 146 
GLY CA  HA2  sing N N 147 
GLY CA  HA3  sing N N 148 
GLY C   O    doub N N 149 
GLY C   OXT  sing N N 150 
GLY OXT HXT  sing N N 151 
HIS N   CA   sing N N 152 
HIS N   H    sing N N 153 
HIS N   H2   sing N N 154 
HIS CA  C    sing N N 155 
HIS CA  CB   sing N N 156 
HIS CA  HA   sing N N 157 
HIS C   O    doub N N 158 
HIS C   OXT  sing N N 159 
HIS CB  CG   sing N N 160 
HIS CB  HB2  sing N N 161 
HIS CB  HB3  sing N N 162 
HIS CG  ND1  sing Y N 163 
HIS CG  CD2  doub Y N 164 
HIS ND1 CE1  doub Y N 165 
HIS ND1 HD1  sing N N 166 
HIS CD2 NE2  sing Y N 167 
HIS CD2 HD2  sing N N 168 
HIS CE1 NE2  sing Y N 169 
HIS CE1 HE1  sing N N 170 
HIS NE2 HE2  sing N N 171 
HIS OXT HXT  sing N N 172 
HOH O   H1   sing N N 173 
HOH O   H2   sing N N 174 
ILE N   CA   sing N N 175 
ILE N   H    sing N N 176 
ILE N   H2   sing N N 177 
ILE CA  C    sing N N 178 
ILE CA  CB   sing N N 179 
ILE CA  HA   sing N N 180 
ILE C   O    doub N N 181 
ILE C   OXT  sing N N 182 
ILE CB  CG1  sing N N 183 
ILE CB  CG2  sing N N 184 
ILE CB  HB   sing N N 185 
ILE CG1 CD1  sing N N 186 
ILE CG1 HG12 sing N N 187 
ILE CG1 HG13 sing N N 188 
ILE CG2 HG21 sing N N 189 
ILE CG2 HG22 sing N N 190 
ILE CG2 HG23 sing N N 191 
ILE CD1 HD11 sing N N 192 
ILE CD1 HD12 sing N N 193 
ILE CD1 HD13 sing N N 194 
ILE OXT HXT  sing N N 195 
LEU N   CA   sing N N 196 
LEU N   H    sing N N 197 
LEU N   H2   sing N N 198 
LEU CA  C    sing N N 199 
LEU CA  CB   sing N N 200 
LEU CA  HA   sing N N 201 
LEU C   O    doub N N 202 
LEU C   OXT  sing N N 203 
LEU CB  CG   sing N N 204 
LEU CB  HB2  sing N N 205 
LEU CB  HB3  sing N N 206 
LEU CG  CD1  sing N N 207 
LEU CG  CD2  sing N N 208 
LEU CG  HG   sing N N 209 
LEU CD1 HD11 sing N N 210 
LEU CD1 HD12 sing N N 211 
LEU CD1 HD13 sing N N 212 
LEU CD2 HD21 sing N N 213 
LEU CD2 HD22 sing N N 214 
LEU CD2 HD23 sing N N 215 
LEU OXT HXT  sing N N 216 
LYS N   CA   sing N N 217 
LYS N   H    sing N N 218 
LYS N   H2   sing N N 219 
LYS CA  C    sing N N 220 
LYS CA  CB   sing N N 221 
LYS CA  HA   sing N N 222 
LYS C   O    doub N N 223 
LYS C   OXT  sing N N 224 
LYS CB  CG   sing N N 225 
LYS CB  HB2  sing N N 226 
LYS CB  HB3  sing N N 227 
LYS CG  CD   sing N N 228 
LYS CG  HG2  sing N N 229 
LYS CG  HG3  sing N N 230 
LYS CD  CE   sing N N 231 
LYS CD  HD2  sing N N 232 
LYS CD  HD3  sing N N 233 
LYS CE  NZ   sing N N 234 
LYS CE  HE2  sing N N 235 
LYS CE  HE3  sing N N 236 
LYS NZ  HZ1  sing N N 237 
LYS NZ  HZ2  sing N N 238 
LYS NZ  HZ3  sing N N 239 
LYS OXT HXT  sing N N 240 
PHE N   CA   sing N N 241 
PHE N   H    sing N N 242 
PHE N   H2   sing N N 243 
PHE CA  C    sing N N 244 
PHE CA  CB   sing N N 245 
PHE CA  HA   sing N N 246 
PHE C   O    doub N N 247 
PHE C   OXT  sing N N 248 
PHE CB  CG   sing N N 249 
PHE CB  HB2  sing N N 250 
PHE CB  HB3  sing N N 251 
PHE CG  CD1  doub Y N 252 
PHE CG  CD2  sing Y N 253 
PHE CD1 CE1  sing Y N 254 
PHE CD1 HD1  sing N N 255 
PHE CD2 CE2  doub Y N 256 
PHE CD2 HD2  sing N N 257 
PHE CE1 CZ   doub Y N 258 
PHE CE1 HE1  sing N N 259 
PHE CE2 CZ   sing Y N 260 
PHE CE2 HE2  sing N N 261 
PHE CZ  HZ   sing N N 262 
PHE OXT HXT  sing N N 263 
PRO N   CA   sing N N 264 
PRO N   CD   sing N N 265 
PRO N   H    sing N N 266 
PRO CA  C    sing N N 267 
PRO CA  CB   sing N N 268 
PRO CA  HA   sing N N 269 
PRO C   O    doub N N 270 
PRO C   OXT  sing N N 271 
PRO CB  CG   sing N N 272 
PRO CB  HB2  sing N N 273 
PRO CB  HB3  sing N N 274 
PRO CG  CD   sing N N 275 
PRO CG  HG2  sing N N 276 
PRO CG  HG3  sing N N 277 
PRO CD  HD2  sing N N 278 
PRO CD  HD3  sing N N 279 
PRO OXT HXT  sing N N 280 
SER N   CA   sing N N 281 
SER N   H    sing N N 282 
SER N   H2   sing N N 283 
SER CA  C    sing N N 284 
SER CA  CB   sing N N 285 
SER CA  HA   sing N N 286 
SER C   O    doub N N 287 
SER C   OXT  sing N N 288 
SER CB  OG   sing N N 289 
SER CB  HB2  sing N N 290 
SER CB  HB3  sing N N 291 
SER OG  HG   sing N N 292 
SER OXT HXT  sing N N 293 
THR N   CA   sing N N 294 
THR N   H    sing N N 295 
THR N   H2   sing N N 296 
THR CA  C    sing N N 297 
THR CA  CB   sing N N 298 
THR CA  HA   sing N N 299 
THR C   O    doub N N 300 
THR C   OXT  sing N N 301 
THR CB  OG1  sing N N 302 
THR CB  CG2  sing N N 303 
THR CB  HB   sing N N 304 
THR OG1 HG1  sing N N 305 
THR CG2 HG21 sing N N 306 
THR CG2 HG22 sing N N 307 
THR CG2 HG23 sing N N 308 
THR OXT HXT  sing N N 309 
TRP N   CA   sing N N 310 
TRP N   H    sing N N 311 
TRP N   H2   sing N N 312 
TRP CA  C    sing N N 313 
TRP CA  CB   sing N N 314 
TRP CA  HA   sing N N 315 
TRP C   O    doub N N 316 
TRP C   OXT  sing N N 317 
TRP CB  CG   sing N N 318 
TRP CB  HB2  sing N N 319 
TRP CB  HB3  sing N N 320 
TRP CG  CD1  doub Y N 321 
TRP CG  CD2  sing Y N 322 
TRP CD1 NE1  sing Y N 323 
TRP CD1 HD1  sing N N 324 
TRP CD2 CE2  doub Y N 325 
TRP CD2 CE3  sing Y N 326 
TRP NE1 CE2  sing Y N 327 
TRP NE1 HE1  sing N N 328 
TRP CE2 CZ2  sing Y N 329 
TRP CE3 CZ3  doub Y N 330 
TRP CE3 HE3  sing N N 331 
TRP CZ2 CH2  doub Y N 332 
TRP CZ2 HZ2  sing N N 333 
TRP CZ3 CH2  sing Y N 334 
TRP CZ3 HZ3  sing N N 335 
TRP CH2 HH2  sing N N 336 
TRP OXT HXT  sing N N 337 
TYR N   CA   sing N N 338 
TYR N   H    sing N N 339 
TYR N   H2   sing N N 340 
TYR CA  C    sing N N 341 
TYR CA  CB   sing N N 342 
TYR CA  HA   sing N N 343 
TYR C   O    doub N N 344 
TYR C   OXT  sing N N 345 
TYR CB  CG   sing N N 346 
TYR CB  HB2  sing N N 347 
TYR CB  HB3  sing N N 348 
TYR CG  CD1  doub Y N 349 
TYR CG  CD2  sing Y N 350 
TYR CD1 CE1  sing Y N 351 
TYR CD1 HD1  sing N N 352 
TYR CD2 CE2  doub Y N 353 
TYR CD2 HD2  sing N N 354 
TYR CE1 CZ   doub Y N 355 
TYR CE1 HE1  sing N N 356 
TYR CE2 CZ   sing Y N 357 
TYR CE2 HE2  sing N N 358 
TYR CZ  OH   sing N N 359 
TYR OH  HH   sing N N 360 
TYR OXT HXT  sing N N 361 
VAL N   CA   sing N N 362 
VAL N   H    sing N N 363 
VAL N   H2   sing N N 364 
VAL CA  C    sing N N 365 
VAL CA  CB   sing N N 366 
VAL CA  HA   sing N N 367 
VAL C   O    doub N N 368 
VAL C   OXT  sing N N 369 
VAL CB  CG1  sing N N 370 
VAL CB  CG2  sing N N 371 
VAL CB  HB   sing N N 372 
VAL CG1 HG11 sing N N 373 
VAL CG1 HG12 sing N N 374 
VAL CG1 HG13 sing N N 375 
VAL CG2 HG21 sing N N 376 
VAL CG2 HG22 sing N N 377 
VAL CG2 HG23 sing N N 378 
VAL OXT HXT  sing N N 379 
# 
loop_
_pdbx_chem_comp_identifier.comp_id 
_pdbx_chem_comp_identifier.type 
_pdbx_chem_comp_identifier.program 
_pdbx_chem_comp_identifier.program_version 
_pdbx_chem_comp_identifier.identifier 
FUC 'CONDENSED IUPAC CARBOHYDRATE SYMBOL' GMML     1.0 LFucpa           
FUC 'COMMON NAME'                         GMML     1.0 a-L-fucopyranose 
FUC 'IUPAC CARBOHYDRATE SYMBOL'           PDB-CARE 1.0 a-L-Fucp         
FUC 'SNFG CARBOHYDRATE SYMBOL'            GMML     1.0 Fuc              
# 
loop_
_pdbx_entity_nonpoly.entity_id 
_pdbx_entity_nonpoly.name 
_pdbx_entity_nonpoly.comp_id 
2 alpha-L-fucopyranose FUC 
3 'CALCIUM ION'        CA  
4 'NICKEL (II) ION'    NI  
5 water                HOH 
# 
_pdbx_initial_refinement_model.id               1 
_pdbx_initial_refinement_model.entity_id_list   ? 
_pdbx_initial_refinement_model.type             'experimental model' 
_pdbx_initial_refinement_model.source_name      PDB 
_pdbx_initial_refinement_model.accession_code   3LEO 
_pdbx_initial_refinement_model.details          ? 
# 
